data_7JPL
#
_entry.id   7JPL
#
_cell.length_a   1.00
_cell.length_b   1.00
_cell.length_c   1.00
_cell.angle_alpha   90.00
_cell.angle_beta   90.00
_cell.angle_gamma   90.00
#
_symmetry.space_group_name_H-M   'P 1'
#
loop_
_entity.id
_entity.type
_entity.pdbx_description
1 polymer 'Voltage-dependent L-type calcium channel subunit alpha-1S'
2 polymer 'Voltage-dependent calcium channel gamma-1 subunit'
3 polymer 'Voltage-dependent calcium channel subunit alpha-2/delta-1'
4 non-polymer 'CALCIUM ION'
5 non-polymer 1,2-Distearoyl-sn-glycerophosphoethanolamine
6 non-polymer 1,2-DIACYL-SN-GLYCERO-3-PHOSPHOCHOLINE
7 non-polymer 'methyl (4~{S})-2,6-dimethyl-5-nitro-4-[2-(trifluoromethyl)phenyl]-1,4-dihydropyridine-3-carboxylate'
#
loop_
_entity_poly.entity_id
_entity_poly.type
_entity_poly.pdbx_seq_one_letter_code
_entity_poly.pdbx_strand_id
1 'polypeptide(L)'
;MEPSSPQDEGLRKKQPKKPLPEVLPRPPRALFCLTLQNPLRKACISIVEWKPFETIILLTIFANCVALAVYLPMPEDDNN
SLNLGLEKLEYFFLTVFSIEAAMKIIAYGFLFHQDAYLRSGWNVLDFIIVFLGVFTAILEQVNVIQSNTAPMSSKGAGLD
VKALRAFRVLRPLRLVSGVPSLQVVLNSIFKAMLPLFHIALLVLFMVIIYAIIGLELFKGKMHKTCYYIGTDIVATVENE
KPSPCARTGSGRPCTINGSECRGGWPGPNHGITHFDNFGFSMLTVYQCITMEGWTDVLYWVNDAIGNEWPWIYFVTLILL
GSFFILNLVLGVLSGEFTKEREKAKSRGTFQKLREKQQLEEDLRGYMSWITQGEVMDVEDLREGKLSLEEGGSDTESLYE
IEGLNKIIQFIRHWRQWNRVFRWKCHDLVKSRVFYWLVILIVALNTLSIASEHHNQPLWLTHLQDIANRVLLSLFTIEML
LKMYGLGLRQYFMSIFNRFDCFVVCSGILELLLVESGAMTPLGISVLRCIRLLRLFKITKYWTSLSNLVASLLNSIRSIA
SLLLLLFLFIIIFALLGMQLFGGRYDFEDTEVRRSNFDNFPQALISVFQVLTGEDWNSVMYNGIMAYGGPSYPGVLVCIY
FIILFVCGNYILLNVFLAIAVDNLAEAESLTSAQKAKAEERKRRKMSRGLPDKTEEEKSVMAKKLEQKPKGEGIPTTAKL
KVDEFESNVNEVKDPYPSADFPGDDEEDEPEIPVSPRPRPLAELQLKEKAVPIPEASSFFIFSPTNKVRVLCHRIVNATW
FTNFILLFILLSSAALAAEDPIRAESVRNQILGYFDIAFTSVFTVEIVLKMTTYGAFLHKGSFCRNYFNILDLLVVAVSL
ISMGLESSTISVVKILRVLRVLRPLRAINRAKGLKHVVQCVFVAIRTIGNIVLVTTLLQFMFACIGVQLFKGKFFSCNDL
SKMTEEECRGYYYVYKDGDPTQMELRPRQWIHNDFHFDNVLSAMMSLFTVSTFEGWPQLLYRAIDSNEEDMGPVYNNRVE
MAIFFIIYIILIAFFMMNIFVGFVIVTFQEQGETEYKNCELDKNQRQCVQYALKARPLRCYIPKNPYQYQVWYVVTSSYF
EYLMFALIMLNTICLGMQHYHQSEEMNHISDILNVAFTIIFTLEMILKLLAFKARGYFGDPWNVFDFLIVIGSIIDVILS
EIDTFLASSGGLYCLGGGCGNVDPDESARISSAFFRLFRVMRLIKLLSRAEGVRTLLWTFIKSFQALPYVALLIVMLFFI
YAVIGMQMFGKIALVDGTQINRNNNFQTFPQAVLLLFRCATGEAWQEILLACSYGKLCDPESDYAPGEEYTCGTNFAYYY
FISFYMLCAFLIINLFVAVIMDNFDYLTRDWSILGPHHLDEFKAIWAEYDPEAKGRIKHLDVVTLLRRIQPPLGFGKFCP
HRVACKRLVGMNMPLNSDGTVTFNATLFALVRTALKIKTEGNFEQANEELRAIIKKIWKRTSMKLLDQVIPPIGDDEVTV
GKFYATFLIQEHFRKFMKRQEEYYGYRPKKDTVQIQAGLRTIEEEAAPEIRRTISGDLTAEEELERAMVEAAMEERIFRR
TGGLFGQVDTFLERTNSLPPVMANQRPLQFAEIEMEELESPVFLEDFPQDARTNPLARANTNNANANVAYGNSNHSNNQM
FSSVHCEREFPGEAETPAAGRGALSHSHRALGPHSKPCAGKLNGQLVQPGMPINQAPPAPCQQPSTDPPERGQRRTSLTG
SLQDEAPQRRSSEGSTPRRPAPATALLIQEALVRGGLDTLAADAGFVTATSQALADACQMEPEEVEVAATELLKARESVQ
GMASVPGSLSRRSSLGSLDQVQGSQETLIPPRP
;
A
2 'polypeptide(L)'
;MSPTEAPKVRVTLFCILVGIVLAMTAVVSDHWAVLSPHMENHNTTCEAAHFGLWRICTKRIALGEDRSCGPITLPGEKNC
SYFRHFNPGESSEIFEFTTQKEYSISAAAISVFSLGFLIMGTICALMAFRKKRDYLLRPASMFYVFAGLCLFVSLEVMRQ
SVKRMIDSEDTVWIEYYYSWSFACACAAFVLLFLGGISLLLFSLPRMPQNPWESCMDAEPEH
;
E
3 'polypeptide(L)'
;MAAGRPLAWTLTLWQAWLILIGPSSEEPFPSAVTIKSWVDKMQEDLVTLAKTASGVHQLVDIYEKYQDLYTVEPNNARQL
VEIAARDIEKLLSNRSKALVRLALEAEKVQAAHQWREDFASNEVVYYNAKDDLDPEKNDSEPGSQRIKPVFIDDANFRRQ
VSYQHAAVHIPTDIYEGSTIVLNELNWTSALDDVFKKNREEDPSLLWQVFGSATGLARYYPASPWVDNSRTPNKIDLYDV
RRRPWYIQGAASPKDMLILVDVSGSVSGLTLKLIRTSVSEMLETLSDDDFVNVASFNSNAQDVSCFQHLVQANVRNKKVL
KDAVNNITAKGITDYKKGFSFAFEQLLNYNVSRANCNKIIMLFTDGGEERAQEIFAKYNKDKKVRVFTFSVGQHNYDRGP
IQWMACENKGYYYEIPSIGAIRINTQEYLDVLGRPMVLAGDKAKQVQWTNVYLDALELGLVITGTLPVFNITGQFENKTN
LKNQLILGVMGVDVSLEDIKRLTPRFTLCPNGYYFAIDPNGYVLLHPNLQPKPIGVGIPTINLRKRRPNVQNPKSQEPVT
LDFLDAELENDIKVEIRNKMIDGESGEKTFRTLVKSQDERYIDKGNRTYTWTPVNGTDYSLALVLPTYSFYYIKAKIEET
ITQARYSETLKPDNFEESGYTFLAPRDYCSDLKPSDNNTEFLLNFNEFIDRKTPNNPSCNTDLINRVLLDAGFTNELVQN
YWSKQKNIKGVKARFVVTDGGITRVYPKEAGENWQENPETYEDSFYKRSLDNDNYVFTAPYFNKSGPGAYESGIMVSKAV
EIYIQGKLLKPAVVGIKIDVNSWIENFTKTSIRDPCAGPVCDCKRNSDVMDCVILDDGGFLLMANHDDYTNQIGRFFGEI
DPSLMRHLVNISVYAFNKSYDYQSVCEPGAAPKQGAGHRSAYVPSIADILQIGWWATAAAWSILQQFLLSLTFPRLLEAA
DMEDDDFTASMSKQSCITEQTQYFFDNDSKSFSGVLDCGNCSRIFHVEKLMNTNLIFIMVESKGTCPCDTRLLIQAEQTS
DGPDPCDMVKQPRYRKGPDVCFDNNVLEDYTDCGGVSGLNPSLWSIIGIQFVLLWLVSGSRHCLL
;
F
#
loop_
_chem_comp.id
_chem_comp.type
_chem_comp.name
_chem_comp.formula
3PE non-polymer 1,2-Distearoyl-sn-glycerophosphoethanolamine 'C41 H82 N O8 P'
C8U non-polymer 'methyl (4~{S})-2,6-dimethyl-5-nitro-4-[2-(trifluoromethyl)phenyl]-1,4-dihydropyridine-3-carboxylate' 'C16 H15 F3 N2 O4'
CA non-polymer 'CALCIUM ION' 'Ca 2'
PC1 non-polymer 1,2-DIACYL-SN-GLYCERO-3-PHOSPHOCHOLINE 'C44 H88 N O8 P'
#
# COMPACT_ATOMS: atom_id res chain seq x y z
N GLN A 37 -64.42 -27.94 3.69
CA GLN A 37 -64.31 -28.38 5.06
C GLN A 37 -65.02 -27.41 6.01
N ASN A 38 -64.64 -26.14 5.93
CA ASN A 38 -65.29 -25.17 6.79
C ASN A 38 -66.52 -24.58 6.10
N PRO A 39 -67.58 -24.32 6.86
CA PRO A 39 -68.80 -23.78 6.26
C PRO A 39 -68.69 -22.29 5.93
N LEU A 40 -69.78 -21.70 5.47
CA LEU A 40 -69.78 -20.29 5.11
C LEU A 40 -70.26 -19.41 6.26
N ARG A 41 -69.64 -19.59 7.43
CA ARG A 41 -69.77 -18.65 8.53
C ARG A 41 -68.56 -17.76 8.69
N LYS A 42 -67.40 -18.22 8.20
CA LYS A 42 -66.15 -17.47 8.22
C LYS A 42 -66.04 -16.49 7.07
N ALA A 43 -66.67 -16.79 5.93
CA ALA A 43 -66.43 -16.06 4.70
C ALA A 43 -67.11 -14.70 4.70
N CYS A 44 -66.70 -13.83 5.61
CA CYS A 44 -67.11 -12.43 5.60
C CYS A 44 -66.25 -11.60 4.67
N ILE A 45 -65.27 -12.21 4.01
CA ILE A 45 -64.29 -11.49 3.21
C ILE A 45 -64.12 -12.08 1.82
N SER A 46 -64.66 -13.29 1.61
CA SER A 46 -64.50 -13.95 0.32
C SER A 46 -65.07 -13.11 -0.81
N ILE A 47 -66.03 -12.24 -0.48
CA ILE A 47 -66.64 -11.40 -1.50
C ILE A 47 -65.68 -10.30 -1.96
N VAL A 48 -64.83 -9.81 -1.05
CA VAL A 48 -63.94 -8.70 -1.38
C VAL A 48 -62.69 -9.13 -2.12
N GLU A 49 -62.27 -10.39 -1.99
CA GLU A 49 -61.08 -10.86 -2.67
C GLU A 49 -61.19 -10.82 -4.18
N TRP A 50 -62.40 -10.88 -4.72
CA TRP A 50 -62.64 -10.85 -6.16
C TRP A 50 -62.91 -9.44 -6.66
N LYS A 51 -62.64 -8.43 -5.85
CA LYS A 51 -62.75 -7.03 -6.24
C LYS A 51 -61.48 -6.63 -6.98
N PRO A 52 -61.36 -5.39 -7.47
CA PRO A 52 -60.02 -4.93 -7.92
C PRO A 52 -59.06 -4.77 -6.74
N PHE A 53 -58.74 -5.91 -6.13
CA PHE A 53 -57.85 -5.98 -4.98
C PHE A 53 -56.40 -6.16 -5.39
N GLU A 54 -56.14 -6.97 -6.41
CA GLU A 54 -54.76 -7.23 -6.82
C GLU A 54 -54.08 -5.96 -7.30
N THR A 55 -54.84 -4.95 -7.70
CA THR A 55 -54.24 -3.66 -8.01
C THR A 55 -53.84 -2.91 -6.75
N ILE A 56 -54.69 -2.94 -5.72
CA ILE A 56 -54.33 -2.30 -4.45
C ILE A 56 -53.15 -3.01 -3.79
N ILE A 57 -52.95 -4.29 -4.06
CA ILE A 57 -51.78 -4.98 -3.53
C ILE A 57 -50.55 -4.83 -4.43
N LEU A 58 -50.72 -4.78 -5.74
CA LEU A 58 -49.60 -4.54 -6.64
C LEU A 58 -49.09 -3.12 -6.58
N LEU A 59 -49.89 -2.17 -6.11
CA LEU A 59 -49.38 -0.83 -5.85
C LEU A 59 -49.12 -0.57 -4.38
N THR A 60 -49.36 -1.55 -3.52
CA THR A 60 -48.85 -1.50 -2.15
C THR A 60 -47.49 -2.14 -2.02
N ILE A 61 -47.24 -3.22 -2.77
CA ILE A 61 -45.91 -3.83 -2.79
C ILE A 61 -44.90 -2.98 -3.54
N PHE A 62 -45.34 -2.02 -4.34
CA PHE A 62 -44.42 -1.12 -5.00
C PHE A 62 -43.90 -0.03 -4.08
N ALA A 63 -44.76 0.54 -3.24
CA ALA A 63 -44.28 1.46 -2.23
C ALA A 63 -43.38 0.78 -1.22
N ASN A 64 -43.62 -0.49 -0.92
CA ASN A 64 -42.74 -1.22 -0.02
C ASN A 64 -41.40 -1.52 -0.65
N CYS A 65 -41.34 -1.67 -1.97
CA CYS A 65 -40.06 -1.82 -2.64
C CYS A 65 -39.32 -0.50 -2.78
N VAL A 66 -40.04 0.60 -2.96
CA VAL A 66 -39.40 1.91 -2.98
C VAL A 66 -38.92 2.34 -1.59
N ALA A 67 -39.59 1.91 -0.53
CA ALA A 67 -39.14 2.19 0.82
C ALA A 67 -37.93 1.36 1.21
N LEU A 68 -37.48 0.45 0.35
CA LEU A 68 -36.22 -0.23 0.53
C LEU A 68 -35.12 0.33 -0.34
N ALA A 69 -35.47 1.07 -1.39
CA ALA A 69 -34.48 1.67 -2.26
C ALA A 69 -33.94 2.97 -1.69
N VAL A 70 -34.73 3.69 -0.88
CA VAL A 70 -34.26 4.93 -0.30
C VAL A 70 -33.65 4.74 1.08
N TYR A 71 -33.64 3.52 1.60
CA TYR A 71 -32.99 3.25 2.87
C TYR A 71 -31.48 3.32 2.68
N LEU A 72 -30.82 4.16 3.47
CA LEU A 72 -29.39 4.38 3.33
C LEU A 72 -28.66 3.71 4.49
N PRO A 73 -27.87 2.66 4.24
CA PRO A 73 -27.20 1.96 5.35
C PRO A 73 -25.94 2.69 5.76
N MET A 74 -25.77 2.86 7.07
CA MET A 74 -24.66 3.60 7.64
C MET A 74 -23.79 2.67 8.47
N PRO A 75 -22.49 2.94 8.57
CA PRO A 75 -21.58 2.01 9.24
C PRO A 75 -21.69 2.07 10.75
N GLU A 76 -21.63 0.91 11.37
CA GLU A 76 -21.46 0.77 12.82
C GLU A 76 -22.62 1.42 13.59
N ASP A 77 -23.82 0.93 13.32
CA ASP A 77 -25.04 1.25 14.08
C ASP A 77 -25.48 2.69 13.95
N ASP A 78 -24.82 3.51 13.13
CA ASP A 78 -25.28 4.87 12.96
C ASP A 78 -26.64 4.87 12.26
N ASN A 79 -27.27 6.04 12.26
CA ASN A 79 -28.58 6.19 11.64
C ASN A 79 -28.85 7.68 11.46
N ASN A 80 -29.73 7.99 10.51
CA ASN A 80 -30.15 9.37 10.31
C ASN A 80 -31.65 9.48 10.50
N SER A 81 -32.21 10.64 10.22
CA SER A 81 -33.62 10.87 10.50
C SER A 81 -34.51 10.01 9.59
N LEU A 82 -34.22 9.98 8.29
CA LEU A 82 -35.09 9.30 7.36
C LEU A 82 -35.13 7.80 7.62
N ASN A 83 -33.99 7.20 7.94
CA ASN A 83 -33.96 5.77 8.23
C ASN A 83 -34.78 5.41 9.45
N LEU A 84 -34.97 6.35 10.38
CA LEU A 84 -35.87 6.12 11.48
C LEU A 84 -37.32 6.30 11.10
N GLY A 85 -37.60 7.18 10.13
CA GLY A 85 -38.93 7.34 9.60
C GLY A 85 -39.37 6.25 8.65
N LEU A 86 -38.49 5.32 8.32
CA LEU A 86 -38.83 4.18 7.49
C LEU A 86 -38.91 2.88 8.27
N GLU A 87 -38.39 2.85 9.48
CA GLU A 87 -38.55 1.64 10.29
C GLU A 87 -39.91 1.62 10.96
N LYS A 88 -40.47 2.78 11.30
CA LYS A 88 -41.86 2.85 11.72
C LYS A 88 -42.82 2.55 10.57
N LEU A 89 -42.60 3.16 9.42
CA LEU A 89 -43.44 2.94 8.25
C LEU A 89 -43.35 1.52 7.74
N GLU A 90 -42.54 0.68 8.35
CA GLU A 90 -42.52 -0.73 7.98
C GLU A 90 -43.57 -1.54 8.71
N TYR A 91 -44.07 -1.05 9.85
CA TYR A 91 -45.21 -1.69 10.48
C TYR A 91 -46.50 -1.45 9.71
N PHE A 92 -46.57 -0.35 8.96
CA PHE A 92 -47.71 -0.10 8.09
C PHE A 92 -47.72 -1.00 6.87
N PHE A 93 -46.54 -1.44 6.42
CA PHE A 93 -46.45 -2.40 5.32
C PHE A 93 -46.50 -3.84 5.79
N LEU A 94 -46.11 -4.09 7.03
CA LEU A 94 -46.20 -5.44 7.59
C LEU A 94 -47.60 -5.79 8.04
N THR A 95 -48.51 -4.81 8.10
CA THR A 95 -49.88 -5.08 8.51
C THR A 95 -50.84 -5.23 7.34
N VAL A 96 -50.53 -4.63 6.18
CA VAL A 96 -51.39 -4.81 5.03
C VAL A 96 -51.19 -6.20 4.43
N PHE A 97 -49.96 -6.70 4.42
CA PHE A 97 -49.66 -8.00 3.84
C PHE A 97 -49.94 -9.15 4.80
N SER A 98 -50.25 -8.85 6.06
CA SER A 98 -50.67 -9.89 7.00
C SER A 98 -52.18 -10.01 7.10
N ILE A 99 -52.91 -8.89 7.08
CA ILE A 99 -54.36 -8.98 7.03
C ILE A 99 -54.83 -9.62 5.73
N GLU A 100 -54.13 -9.38 4.62
CA GLU A 100 -54.49 -10.04 3.38
C GLU A 100 -54.24 -11.54 3.45
N ALA A 101 -53.16 -11.97 4.08
CA ALA A 101 -52.89 -13.40 4.21
C ALA A 101 -53.91 -14.05 5.14
N ALA A 102 -54.27 -13.38 6.23
CA ALA A 102 -55.30 -13.92 7.12
C ALA A 102 -56.64 -14.01 6.40
N MET A 103 -57.00 -12.97 5.64
CA MET A 103 -58.23 -12.98 4.88
C MET A 103 -58.26 -14.13 3.87
N LYS A 104 -57.13 -14.37 3.19
CA LYS A 104 -57.10 -15.45 2.21
C LYS A 104 -57.16 -16.81 2.88
N ILE A 105 -56.46 -16.99 4.01
CA ILE A 105 -56.49 -18.29 4.67
C ILE A 105 -57.86 -18.54 5.27
N ILE A 106 -58.60 -17.48 5.62
CA ILE A 106 -59.96 -17.65 6.11
C ILE A 106 -60.94 -17.91 4.98
N ALA A 107 -60.72 -17.35 3.79
CA ALA A 107 -61.56 -17.66 2.65
C ALA A 107 -61.30 -19.05 2.08
N TYR A 108 -60.31 -19.79 2.60
CA TYR A 108 -60.02 -21.14 2.12
C TYR A 108 -59.52 -21.99 3.30
N GLY A 109 -60.45 -22.73 3.90
CA GLY A 109 -60.15 -23.81 4.82
C GLY A 109 -59.65 -23.36 6.19
N PHE A 110 -59.28 -24.37 6.99
CA PHE A 110 -58.57 -24.13 8.24
C PHE A 110 -57.26 -23.42 7.92
N LEU A 111 -56.35 -24.12 7.23
CA LEU A 111 -55.29 -23.47 6.49
C LEU A 111 -55.30 -23.84 5.02
N PHE A 112 -55.40 -25.13 4.68
CA PHE A 112 -55.58 -25.56 3.31
C PHE A 112 -56.91 -26.27 3.10
N HIS A 113 -57.19 -27.36 3.82
CA HIS A 113 -58.43 -28.12 3.88
C HIS A 113 -58.71 -28.86 2.58
N GLN A 114 -58.03 -28.49 1.50
CA GLN A 114 -57.97 -29.32 0.30
C GLN A 114 -56.62 -29.14 -0.39
N ASP A 115 -55.64 -28.55 0.31
CA ASP A 115 -54.46 -27.95 -0.30
C ASP A 115 -54.85 -26.73 -1.14
N ALA A 116 -55.75 -25.90 -0.60
CA ALA A 116 -56.36 -24.83 -1.38
C ALA A 116 -55.49 -23.58 -1.44
N TYR A 117 -55.24 -22.95 -0.30
CA TYR A 117 -54.51 -21.69 -0.29
C TYR A 117 -53.01 -21.91 -0.30
N LEU A 118 -52.52 -22.86 0.51
CA LEU A 118 -51.09 -23.08 0.58
C LEU A 118 -50.56 -23.79 -0.67
N ARG A 119 -51.33 -24.71 -1.22
CA ARG A 119 -50.95 -25.31 -2.50
C ARG A 119 -51.70 -24.61 -3.63
N SER A 120 -51.41 -23.31 -3.74
CA SER A 120 -51.90 -22.48 -4.82
C SER A 120 -50.76 -21.99 -5.72
N GLY A 121 -49.61 -22.65 -5.65
CA GLY A 121 -48.49 -22.28 -6.49
C GLY A 121 -47.67 -21.15 -5.90
N TRP A 122 -47.85 -19.95 -6.44
CA TRP A 122 -47.09 -18.77 -6.05
C TRP A 122 -47.77 -18.00 -4.93
N ASN A 123 -48.54 -18.69 -4.09
CA ASN A 123 -49.17 -18.03 -2.95
C ASN A 123 -48.62 -18.49 -1.61
N VAL A 124 -48.03 -19.68 -1.55
CA VAL A 124 -47.29 -20.08 -0.36
C VAL A 124 -46.10 -19.14 -0.15
N LEU A 125 -45.50 -18.66 -1.24
CA LEU A 125 -44.37 -17.75 -1.14
C LEU A 125 -44.74 -16.48 -0.39
N ASP A 126 -45.90 -15.90 -0.69
CA ASP A 126 -46.29 -14.67 -0.02
C ASP A 126 -46.55 -14.90 1.46
N PHE A 127 -47.14 -16.04 1.80
CA PHE A 127 -47.33 -16.36 3.21
C PHE A 127 -45.99 -16.51 3.91
N ILE A 128 -45.04 -17.17 3.27
CA ILE A 128 -43.70 -17.31 3.84
C ILE A 128 -43.10 -15.93 4.09
N ILE A 129 -43.23 -15.05 3.11
CA ILE A 129 -42.66 -13.71 3.22
C ILE A 129 -43.25 -12.96 4.40
N VAL A 130 -44.58 -12.88 4.45
CA VAL A 130 -45.26 -12.21 5.54
C VAL A 130 -44.97 -12.86 6.89
N PHE A 131 -44.83 -14.18 6.94
CA PHE A 131 -44.61 -14.86 8.20
C PHE A 131 -43.23 -14.54 8.76
N LEU A 132 -42.19 -14.61 7.91
CA LEU A 132 -40.88 -14.19 8.42
C LEU A 132 -40.85 -12.71 8.73
N GLY A 133 -41.61 -11.88 8.00
CA GLY A 133 -41.65 -10.47 8.34
C GLY A 133 -42.21 -10.22 9.72
N VAL A 134 -43.34 -10.86 10.04
CA VAL A 134 -43.92 -10.75 11.37
C VAL A 134 -42.96 -11.29 12.42
N PHE A 135 -42.25 -12.39 12.10
CA PHE A 135 -41.31 -12.95 13.05
C PHE A 135 -40.20 -11.97 13.37
N THR A 136 -39.62 -11.34 12.35
CA THR A 136 -38.57 -10.35 12.61
C THR A 136 -39.11 -9.13 13.34
N ALA A 137 -40.34 -8.70 13.03
CA ALA A 137 -40.90 -7.57 13.75
C ALA A 137 -41.05 -7.86 15.23
N ILE A 138 -41.59 -9.03 15.57
CA ILE A 138 -41.74 -9.36 16.99
C ILE A 138 -40.40 -9.67 17.65
N LEU A 139 -39.44 -10.23 16.90
CA LEU A 139 -38.13 -10.49 17.47
C LEU A 139 -37.35 -9.20 17.67
N GLU A 140 -37.79 -8.11 17.02
CA GLU A 140 -37.22 -6.81 17.31
C GLU A 140 -37.51 -6.39 18.75
N GLN A 141 -38.77 -6.45 19.16
CA GLN A 141 -39.17 -6.04 20.52
C GLN A 141 -39.15 -7.19 21.50
N VAL A 142 -38.02 -7.90 21.60
CA VAL A 142 -37.83 -8.87 22.67
C VAL A 142 -36.50 -8.56 23.36
N ASN A 143 -35.60 -7.91 22.63
CA ASN A 143 -34.28 -7.55 23.15
C ASN A 143 -34.22 -6.09 23.59
N VAL A 144 -35.34 -5.37 23.49
CA VAL A 144 -35.42 -4.00 23.98
C VAL A 144 -36.79 -3.79 24.61
N VAL A 161 -30.29 -10.80 15.32
CA VAL A 161 -29.84 -9.45 15.03
C VAL A 161 -30.45 -8.92 13.73
N LYS A 162 -29.63 -8.82 12.69
CA LYS A 162 -30.04 -8.22 11.42
C LYS A 162 -29.93 -9.19 10.25
N ALA A 163 -29.48 -10.41 10.48
CA ALA A 163 -29.48 -11.38 9.39
C ALA A 163 -30.88 -11.89 9.12
N LEU A 164 -31.84 -11.52 9.95
CA LEU A 164 -33.24 -11.84 9.76
C LEU A 164 -34.01 -10.71 9.05
N ARG A 165 -33.50 -9.48 9.10
CA ARG A 165 -34.08 -8.41 8.30
C ARG A 165 -33.51 -8.35 6.89
N ALA A 166 -32.58 -9.24 6.55
CA ALA A 166 -32.12 -9.39 5.19
C ALA A 166 -33.06 -10.25 4.35
N PHE A 167 -34.13 -10.78 4.95
CA PHE A 167 -35.19 -11.43 4.21
C PHE A 167 -36.24 -10.43 3.74
N ARG A 168 -36.04 -9.16 4.06
CA ARG A 168 -36.91 -8.08 3.61
C ARG A 168 -36.75 -7.78 2.14
N VAL A 169 -35.78 -8.42 1.48
CA VAL A 169 -35.47 -8.15 0.09
C VAL A 169 -36.23 -9.06 -0.85
N LEU A 170 -37.07 -9.94 -0.33
CA LEU A 170 -37.89 -10.81 -1.15
C LEU A 170 -39.22 -10.19 -1.54
N ARG A 171 -39.44 -8.94 -1.16
CA ARG A 171 -40.68 -8.26 -1.49
C ARG A 171 -40.83 -8.08 -3.00
N PRO A 172 -39.79 -7.63 -3.72
CA PRO A 172 -39.94 -7.51 -5.18
C PRO A 172 -40.31 -8.81 -5.87
N LEU A 173 -40.22 -9.95 -5.21
CA LEU A 173 -40.74 -11.18 -5.79
C LEU A 173 -42.26 -11.21 -5.77
N ARG A 174 -42.89 -10.51 -4.83
CA ARG A 174 -44.35 -10.50 -4.78
C ARG A 174 -44.96 -9.92 -6.05
N LEU A 175 -44.27 -8.97 -6.69
CA LEU A 175 -44.74 -8.47 -7.98
C LEU A 175 -44.87 -9.60 -8.98
N VAL A 176 -43.92 -10.54 -8.98
CA VAL A 176 -44.02 -11.71 -9.84
C VAL A 176 -45.28 -12.50 -9.51
N SER A 177 -45.60 -12.61 -8.22
CA SER A 177 -46.83 -13.29 -7.81
C SER A 177 -48.07 -12.57 -8.34
N GLY A 178 -47.95 -11.28 -8.62
CA GLY A 178 -49.09 -10.48 -9.02
C GLY A 178 -49.52 -10.64 -10.46
N VAL A 179 -48.65 -10.26 -11.39
CA VAL A 179 -49.01 -10.30 -12.81
C VAL A 179 -48.82 -11.72 -13.34
N PRO A 180 -49.91 -12.39 -13.74
CA PRO A 180 -49.77 -13.79 -14.17
C PRO A 180 -48.92 -13.96 -15.42
N SER A 181 -48.84 -12.94 -16.28
CA SER A 181 -47.94 -13.03 -17.42
C SER A 181 -46.49 -13.19 -16.97
N LEU A 182 -46.09 -12.51 -15.90
CA LEU A 182 -44.78 -12.71 -15.32
C LEU A 182 -44.60 -14.12 -14.75
N GLN A 183 -45.67 -14.70 -14.19
CA GLN A 183 -45.59 -16.09 -13.75
C GLN A 183 -45.43 -17.03 -14.93
N VAL A 184 -46.00 -16.70 -16.08
CA VAL A 184 -45.82 -17.53 -17.26
C VAL A 184 -44.41 -17.42 -17.79
N VAL A 185 -43.87 -16.20 -17.84
CA VAL A 185 -42.51 -16.02 -18.31
C VAL A 185 -41.52 -16.71 -17.38
N LEU A 186 -41.61 -16.46 -16.08
CA LEU A 186 -40.70 -17.06 -15.11
C LEU A 186 -40.73 -18.58 -15.13
N ASN A 187 -41.81 -19.19 -15.63
CA ASN A 187 -41.85 -20.64 -15.72
C ASN A 187 -41.38 -21.16 -17.06
N SER A 188 -40.96 -20.28 -17.97
CA SER A 188 -40.26 -20.70 -19.17
C SER A 188 -38.76 -20.77 -18.99
N ILE A 189 -38.16 -19.86 -18.23
CA ILE A 189 -36.74 -19.94 -17.95
C ILE A 189 -36.42 -21.02 -16.93
N PHE A 190 -37.41 -21.67 -16.34
CA PHE A 190 -37.19 -22.83 -15.50
C PHE A 190 -37.43 -24.13 -16.22
N LYS A 191 -38.21 -24.12 -17.29
CA LYS A 191 -38.42 -25.32 -18.08
C LYS A 191 -37.22 -25.66 -18.95
N ALA A 192 -36.32 -24.72 -19.15
CA ALA A 192 -35.13 -24.95 -19.97
C ALA A 192 -33.91 -25.33 -19.14
N MET A 193 -34.00 -25.30 -17.82
CA MET A 193 -32.87 -25.59 -16.96
C MET A 193 -32.78 -27.06 -16.58
N LEU A 194 -33.76 -27.85 -16.97
CA LEU A 194 -33.64 -29.27 -16.65
C LEU A 194 -32.73 -29.99 -17.64
N PRO A 195 -32.80 -29.72 -18.96
CA PRO A 195 -31.83 -30.33 -19.87
C PRO A 195 -30.38 -29.92 -19.62
N LEU A 196 -30.14 -28.82 -18.91
CA LEU A 196 -28.80 -28.40 -18.54
C LEU A 196 -28.32 -29.06 -17.25
N PHE A 197 -28.89 -30.20 -16.89
CA PHE A 197 -28.44 -30.90 -15.71
C PHE A 197 -27.14 -31.64 -15.92
N HIS A 198 -26.93 -32.23 -17.08
CA HIS A 198 -25.69 -32.93 -17.36
C HIS A 198 -24.52 -32.00 -17.61
N ILE A 199 -24.75 -30.85 -18.25
CA ILE A 199 -23.69 -29.86 -18.34
C ILE A 199 -23.24 -29.43 -16.96
N ALA A 200 -24.18 -29.19 -16.05
CA ALA A 200 -23.82 -28.79 -14.69
C ALA A 200 -23.13 -29.91 -13.93
N LEU A 201 -23.60 -31.14 -14.07
CA LEU A 201 -22.95 -32.29 -13.47
C LEU A 201 -21.54 -32.52 -14.01
N LEU A 202 -21.27 -32.07 -15.22
CA LEU A 202 -19.93 -32.15 -15.78
C LEU A 202 -19.03 -31.00 -15.35
N VAL A 203 -19.55 -29.78 -15.30
CA VAL A 203 -18.77 -28.65 -14.80
C VAL A 203 -18.40 -28.80 -13.34
N LEU A 204 -19.33 -29.24 -12.49
CA LEU A 204 -19.00 -29.44 -11.10
C LEU A 204 -17.90 -30.46 -10.90
N PHE A 205 -17.97 -31.60 -11.60
CA PHE A 205 -16.93 -32.61 -11.49
C PHE A 205 -15.61 -32.20 -12.09
N MET A 206 -15.62 -31.44 -13.18
CA MET A 206 -14.36 -30.94 -13.71
C MET A 206 -13.70 -29.93 -12.79
N VAL A 207 -14.47 -29.02 -12.19
CA VAL A 207 -13.93 -28.14 -11.16
C VAL A 207 -13.41 -28.93 -9.96
N ILE A 208 -14.12 -29.99 -9.55
CA ILE A 208 -13.64 -30.80 -8.45
C ILE A 208 -12.33 -31.49 -8.77
N ILE A 209 -12.16 -31.97 -10.00
CA ILE A 209 -10.88 -32.58 -10.38
C ILE A 209 -9.77 -31.55 -10.43
N TYR A 210 -10.00 -30.42 -11.08
CA TYR A 210 -8.95 -29.42 -11.21
C TYR A 210 -8.56 -28.82 -9.87
N ALA A 211 -9.50 -28.72 -8.95
CA ALA A 211 -9.17 -28.23 -7.62
C ALA A 211 -8.23 -29.19 -6.91
N ILE A 212 -8.46 -30.48 -7.04
CA ILE A 212 -7.59 -31.46 -6.39
C ILE A 212 -6.22 -31.48 -7.04
N ILE A 213 -6.17 -31.35 -8.36
CA ILE A 213 -4.88 -31.30 -9.04
C ILE A 213 -4.06 -30.10 -8.56
N GLY A 214 -4.68 -28.92 -8.57
CA GLY A 214 -3.99 -27.75 -8.09
C GLY A 214 -3.62 -27.86 -6.62
N LEU A 215 -4.46 -28.49 -5.83
CA LEU A 215 -4.18 -28.70 -4.43
C LEU A 215 -3.01 -29.64 -4.20
N GLU A 216 -2.78 -30.58 -5.11
CA GLU A 216 -1.63 -31.45 -4.98
C GLU A 216 -0.35 -30.82 -5.52
N LEU A 217 -0.44 -29.98 -6.55
CA LEU A 217 0.75 -29.42 -7.17
C LEU A 217 1.24 -28.12 -6.55
N PHE A 218 0.35 -27.20 -6.18
CA PHE A 218 0.75 -25.89 -5.68
C PHE A 218 0.37 -25.69 -4.22
N LYS A 219 0.35 -26.74 -3.43
CA LYS A 219 -0.12 -26.66 -2.04
C LYS A 219 0.91 -25.94 -1.19
N GLY A 220 0.76 -24.64 -1.03
CA GLY A 220 1.60 -23.91 -0.10
C GLY A 220 2.88 -23.36 -0.66
N LYS A 221 2.92 -23.06 -1.95
CA LYS A 221 4.11 -22.49 -2.56
C LYS A 221 4.15 -20.97 -2.48
N MET A 222 2.99 -20.31 -2.50
CA MET A 222 2.93 -18.86 -2.55
C MET A 222 2.85 -18.26 -1.15
N HIS A 223 3.93 -18.38 -0.41
CA HIS A 223 3.98 -17.87 0.95
C HIS A 223 5.22 -17.06 1.27
N LYS A 224 6.18 -16.97 0.36
CA LYS A 224 7.34 -16.11 0.51
C LYS A 224 7.15 -14.87 -0.34
N THR A 225 7.76 -13.76 0.06
CA THR A 225 7.78 -12.60 -0.81
C THR A 225 8.93 -11.68 -0.42
N CYS A 226 9.04 -10.57 -1.15
CA CYS A 226 10.16 -9.65 -1.01
C CYS A 226 9.80 -8.59 0.03
N TYR A 227 10.20 -8.82 1.26
CA TYR A 227 10.07 -7.81 2.29
C TYR A 227 11.28 -6.89 2.25
N TYR A 228 11.22 -5.81 3.01
CA TYR A 228 12.40 -4.96 3.19
C TYR A 228 13.24 -5.53 4.31
N ILE A 229 14.56 -5.48 4.13
CA ILE A 229 15.49 -6.15 5.04
C ILE A 229 15.25 -5.69 6.47
N GLY A 230 14.92 -6.64 7.35
CA GLY A 230 14.65 -6.33 8.73
C GLY A 230 13.32 -5.66 8.98
N THR A 231 12.40 -5.71 8.03
CA THR A 231 11.10 -5.05 8.12
C THR A 231 10.01 -6.08 7.82
N ASP A 232 8.78 -5.71 8.11
CA ASP A 232 7.60 -6.48 7.70
C ASP A 232 6.82 -5.71 6.65
N ILE A 233 7.52 -5.02 5.77
CA ILE A 233 6.93 -4.20 4.73
C ILE A 233 7.22 -4.87 3.41
N VAL A 234 6.17 -5.13 2.62
CA VAL A 234 6.33 -5.78 1.34
C VAL A 234 6.91 -4.79 0.34
N ALA A 235 7.98 -5.19 -0.34
CA ALA A 235 8.68 -4.31 -1.26
C ALA A 235 8.15 -4.55 -2.67
N THR A 236 7.44 -3.56 -3.21
CA THR A 236 6.95 -3.63 -4.58
C THR A 236 7.21 -2.29 -5.25
N VAL A 237 6.82 -2.20 -6.51
CA VAL A 237 6.96 -0.97 -7.28
C VAL A 237 5.57 -0.42 -7.49
N GLU A 238 5.47 0.73 -8.17
CA GLU A 238 4.27 1.55 -8.07
C GLU A 238 3.01 0.79 -8.47
N ASN A 239 2.97 0.28 -9.70
CA ASN A 239 1.75 -0.36 -10.20
C ASN A 239 1.80 -1.87 -10.13
N GLU A 240 2.76 -2.44 -9.40
CA GLU A 240 2.86 -3.89 -9.28
C GLU A 240 2.08 -4.38 -8.07
N LYS A 241 1.48 -5.55 -8.21
CA LYS A 241 0.83 -6.22 -7.10
C LYS A 241 1.82 -7.12 -6.37
N PRO A 242 1.68 -7.27 -5.06
CA PRO A 242 2.64 -8.10 -4.32
C PRO A 242 2.57 -9.56 -4.75
N SER A 243 3.63 -10.03 -5.40
CA SER A 243 3.70 -11.36 -5.96
C SER A 243 4.72 -12.21 -5.22
N PRO A 244 4.62 -13.54 -5.32
CA PRO A 244 5.53 -14.40 -4.56
C PRO A 244 6.97 -14.28 -4.98
N CYS A 245 7.84 -15.07 -4.37
CA CYS A 245 9.26 -15.03 -4.66
C CYS A 245 9.85 -16.41 -4.45
N ALA A 246 11.12 -16.55 -4.82
CA ALA A 246 11.86 -17.78 -4.56
C ALA A 246 13.32 -17.45 -4.36
N ARG A 247 13.90 -17.96 -3.28
CA ARG A 247 15.32 -17.84 -2.99
C ARG A 247 15.90 -19.25 -2.95
N THR A 248 17.12 -19.39 -3.48
CA THR A 248 17.73 -20.71 -3.68
C THR A 248 16.78 -21.61 -4.45
N GLY A 249 16.09 -21.03 -5.43
CA GLY A 249 15.10 -21.76 -6.18
C GLY A 249 15.00 -21.31 -7.61
N SER A 250 14.01 -21.84 -8.33
CA SER A 250 13.82 -21.57 -9.75
C SER A 250 12.78 -20.49 -10.02
N GLY A 251 12.11 -19.98 -8.99
CA GLY A 251 11.10 -18.96 -9.19
C GLY A 251 11.70 -17.61 -9.49
N ARG A 252 10.99 -16.54 -9.14
CA ARG A 252 11.68 -15.32 -9.51
C ARG A 252 12.50 -14.81 -8.33
N PRO A 253 13.59 -14.11 -8.59
CA PRO A 253 14.37 -13.52 -7.49
C PRO A 253 13.95 -12.09 -7.18
N CYS A 254 14.10 -11.65 -5.94
CA CYS A 254 13.86 -10.26 -5.60
C CYS A 254 14.96 -9.38 -6.18
N THR A 255 14.55 -8.27 -6.79
CA THR A 255 15.49 -7.35 -7.42
C THR A 255 15.30 -5.93 -6.96
N ILE A 256 14.43 -5.69 -5.98
CA ILE A 256 14.36 -4.35 -5.40
C ILE A 256 15.68 -4.09 -4.71
N ASN A 257 16.03 -2.80 -4.58
CA ASN A 257 17.36 -2.47 -4.08
C ASN A 257 17.60 -3.04 -2.70
N GLY A 258 16.91 -2.52 -1.70
CA GLY A 258 17.08 -2.98 -0.33
C GLY A 258 16.08 -4.00 0.15
N SER A 259 15.89 -5.09 -0.59
CA SER A 259 14.84 -6.05 -0.27
C SER A 259 15.43 -7.46 -0.17
N GLU A 260 14.72 -8.30 0.58
CA GLU A 260 15.11 -9.69 0.76
C GLU A 260 13.87 -10.57 0.75
N CYS A 261 14.04 -11.82 0.37
CA CYS A 261 12.94 -12.74 0.18
C CYS A 261 12.79 -13.62 1.40
N ARG A 262 11.63 -13.56 2.06
CA ARG A 262 11.39 -14.43 3.20
C ARG A 262 9.92 -14.83 3.27
N GLY A 263 9.68 -15.92 3.98
CA GLY A 263 8.37 -16.53 4.05
C GLY A 263 7.49 -15.94 5.12
N GLY A 264 6.42 -16.66 5.43
CA GLY A 264 5.47 -16.17 6.41
C GLY A 264 4.61 -15.04 5.91
N TRP A 265 4.19 -15.10 4.66
CA TRP A 265 3.40 -14.08 4.00
C TRP A 265 2.06 -14.70 3.61
N PRO A 266 0.93 -14.11 4.02
CA PRO A 266 -0.34 -14.82 3.90
C PRO A 266 -0.67 -15.32 2.51
N GLY A 267 -0.52 -14.47 1.49
CA GLY A 267 -0.86 -14.87 0.15
C GLY A 267 -1.05 -13.69 -0.77
N PRO A 268 -1.27 -13.96 -2.05
CA PRO A 268 -1.32 -12.89 -3.05
C PRO A 268 -2.40 -11.84 -2.86
N ASN A 269 -3.66 -12.24 -2.81
CA ASN A 269 -4.76 -11.28 -2.71
C ASN A 269 -5.23 -11.17 -1.26
N HIS A 270 -4.34 -10.62 -0.44
CA HIS A 270 -4.48 -10.58 1.01
C HIS A 270 -4.66 -11.95 1.62
N GLY A 271 -4.38 -13.01 0.87
CA GLY A 271 -4.55 -14.35 1.36
C GLY A 271 -5.79 -15.06 0.89
N ILE A 272 -6.36 -14.66 -0.25
CA ILE A 272 -7.62 -15.20 -0.70
C ILE A 272 -7.39 -16.12 -1.89
N THR A 273 -6.31 -15.88 -2.63
CA THR A 273 -5.98 -16.65 -3.82
C THR A 273 -4.77 -17.53 -3.51
N HIS A 274 -5.02 -18.82 -3.33
CA HIS A 274 -3.96 -19.81 -3.14
C HIS A 274 -4.61 -21.18 -3.09
N PHE A 275 -3.84 -22.20 -3.41
CA PHE A 275 -4.33 -23.58 -3.41
C PHE A 275 -3.99 -24.29 -2.11
N ASP A 276 -4.31 -23.74 -0.94
CA ASP A 276 -3.83 -24.35 0.30
C ASP A 276 -4.72 -25.48 0.79
N ASN A 277 -5.98 -25.20 1.10
CA ASN A 277 -6.87 -26.30 1.44
C ASN A 277 -7.83 -26.50 0.28
N PHE A 278 -8.81 -27.38 0.45
CA PHE A 278 -9.71 -27.66 -0.66
C PHE A 278 -10.60 -26.46 -0.96
N GLY A 279 -10.97 -25.70 0.07
CA GLY A 279 -11.85 -24.58 -0.14
C GLY A 279 -11.25 -23.50 -1.03
N PHE A 280 -10.09 -22.99 -0.62
CA PHE A 280 -9.44 -21.93 -1.38
C PHE A 280 -9.04 -22.39 -2.77
N SER A 281 -8.70 -23.66 -2.94
CA SER A 281 -8.40 -24.17 -4.26
C SER A 281 -9.63 -24.28 -5.15
N MET A 282 -10.74 -24.80 -4.64
CA MET A 282 -11.97 -24.83 -5.42
C MET A 282 -12.53 -23.44 -5.66
N LEU A 283 -12.09 -22.45 -4.90
CA LEU A 283 -12.47 -21.08 -5.20
C LEU A 283 -11.60 -20.46 -6.28
N THR A 284 -10.27 -20.63 -6.19
CA THR A 284 -9.41 -20.04 -7.20
C THR A 284 -9.43 -20.82 -8.51
N VAL A 285 -9.99 -22.03 -8.53
CA VAL A 285 -10.28 -22.68 -9.79
C VAL A 285 -11.54 -22.10 -10.44
N TYR A 286 -12.59 -21.89 -9.67
CA TYR A 286 -13.79 -21.24 -10.21
C TYR A 286 -13.51 -19.83 -10.68
N GLN A 287 -12.60 -19.10 -10.03
CA GLN A 287 -12.30 -17.76 -10.51
C GLN A 287 -11.58 -17.77 -11.86
N CYS A 288 -10.77 -18.80 -12.15
CA CYS A 288 -10.18 -18.93 -13.47
C CYS A 288 -11.14 -19.52 -14.49
N ILE A 289 -12.10 -20.32 -14.06
CA ILE A 289 -13.06 -20.88 -15.01
C ILE A 289 -13.92 -19.81 -15.65
N THR A 290 -14.13 -18.68 -14.99
CA THR A 290 -14.89 -17.58 -15.57
C THR A 290 -14.02 -16.63 -16.36
N MET A 291 -12.76 -17.00 -16.58
CA MET A 291 -11.83 -16.23 -17.42
C MET A 291 -11.65 -14.82 -16.91
N GLU A 292 -11.73 -14.65 -15.59
CA GLU A 292 -11.50 -13.35 -14.95
C GLU A 292 -10.28 -13.47 -14.05
N GLY A 293 -9.23 -12.73 -14.38
CA GLY A 293 -8.03 -12.76 -13.58
C GLY A 293 -7.37 -14.11 -13.52
N TRP A 294 -7.52 -14.93 -14.56
CA TRP A 294 -6.80 -16.20 -14.57
C TRP A 294 -5.33 -15.99 -14.85
N THR A 295 -4.99 -14.97 -15.62
CA THR A 295 -3.58 -14.66 -15.87
C THR A 295 -2.88 -14.25 -14.58
N ASP A 296 -3.61 -13.66 -13.64
CA ASP A 296 -2.99 -13.27 -12.38
C ASP A 296 -2.56 -14.50 -11.59
N VAL A 297 -3.44 -15.48 -11.47
CA VAL A 297 -3.08 -16.73 -10.82
C VAL A 297 -1.93 -17.40 -11.55
N LEU A 298 -1.96 -17.38 -12.88
CA LEU A 298 -0.88 -18.00 -13.65
C LEU A 298 0.44 -17.32 -13.35
N TYR A 299 0.45 -16.00 -13.29
CA TYR A 299 1.72 -15.30 -13.10
C TYR A 299 2.22 -15.46 -11.68
N TRP A 300 1.33 -15.59 -10.71
CA TRP A 300 1.78 -15.82 -9.34
C TRP A 300 2.39 -17.21 -9.20
N VAL A 301 1.76 -18.23 -9.77
CA VAL A 301 2.37 -19.55 -9.74
C VAL A 301 3.70 -19.55 -10.48
N ASN A 302 3.78 -18.84 -11.61
CA ASN A 302 5.04 -18.71 -12.32
C ASN A 302 6.12 -18.10 -11.44
N ASP A 303 5.78 -17.04 -10.71
CA ASP A 303 6.76 -16.41 -9.85
C ASP A 303 7.17 -17.31 -8.71
N ALA A 304 6.26 -18.17 -8.24
CA ALA A 304 6.57 -18.99 -7.08
C ALA A 304 7.41 -20.21 -7.46
N ILE A 305 6.89 -21.07 -8.34
CA ILE A 305 7.51 -22.38 -8.51
C ILE A 305 8.41 -22.45 -9.74
N GLY A 306 8.09 -21.71 -10.79
CA GLY A 306 8.86 -21.82 -12.00
C GLY A 306 8.02 -21.53 -13.23
N ASN A 307 8.69 -21.25 -14.33
CA ASN A 307 8.07 -20.61 -15.47
C ASN A 307 7.56 -21.58 -16.54
N GLU A 308 8.09 -22.80 -16.60
CA GLU A 308 7.91 -23.64 -17.78
C GLU A 308 6.78 -24.64 -17.67
N TRP A 309 6.56 -25.24 -16.51
CA TRP A 309 5.51 -26.23 -16.39
C TRP A 309 4.10 -25.67 -16.14
N PRO A 310 3.91 -24.63 -15.31
CA PRO A 310 2.55 -24.35 -14.83
C PRO A 310 1.56 -23.97 -15.90
N TRP A 311 1.98 -23.45 -17.05
CA TRP A 311 1.00 -23.02 -18.04
C TRP A 311 0.09 -24.16 -18.47
N ILE A 312 0.62 -25.39 -18.52
CA ILE A 312 -0.19 -26.54 -18.90
C ILE A 312 -1.43 -26.65 -18.03
N TYR A 313 -1.33 -26.25 -16.76
CA TYR A 313 -2.49 -26.36 -15.89
C TYR A 313 -3.53 -25.30 -16.21
N PHE A 314 -3.10 -24.10 -16.57
CA PHE A 314 -4.08 -23.05 -16.78
C PHE A 314 -4.55 -22.98 -18.22
N VAL A 315 -3.63 -23.04 -19.18
CA VAL A 315 -4.01 -23.02 -20.58
C VAL A 315 -4.97 -24.15 -20.90
N THR A 316 -4.88 -25.26 -20.19
CA THR A 316 -5.87 -26.32 -20.39
C THR A 316 -7.15 -26.05 -19.63
N LEU A 317 -7.06 -25.53 -18.40
CA LEU A 317 -8.25 -25.24 -17.61
C LEU A 317 -9.16 -24.25 -18.33
N ILE A 318 -8.60 -23.44 -19.21
CA ILE A 318 -9.41 -22.47 -19.96
C ILE A 318 -10.03 -23.11 -21.18
N LEU A 319 -9.35 -24.10 -21.77
CA LEU A 319 -9.88 -24.70 -22.99
C LEU A 319 -11.03 -25.66 -22.66
N LEU A 320 -10.78 -26.65 -21.81
CA LEU A 320 -11.85 -27.56 -21.42
C LEU A 320 -12.82 -26.87 -20.47
N GLY A 321 -12.32 -25.97 -19.64
CA GLY A 321 -13.14 -25.43 -18.57
C GLY A 321 -14.10 -24.36 -19.03
N SER A 322 -13.58 -23.30 -19.64
CA SER A 322 -14.46 -22.21 -20.03
C SER A 322 -15.02 -22.44 -21.43
N PHE A 323 -14.14 -22.59 -22.43
CA PHE A 323 -14.58 -22.55 -23.81
C PHE A 323 -15.44 -23.77 -24.17
N PHE A 324 -14.96 -24.97 -23.85
CA PHE A 324 -15.71 -26.17 -24.15
C PHE A 324 -17.07 -26.18 -23.46
N ILE A 325 -17.11 -25.77 -22.20
CA ILE A 325 -18.38 -25.73 -21.47
C ILE A 325 -19.31 -24.69 -22.08
N LEU A 326 -18.77 -23.55 -22.49
CA LEU A 326 -19.60 -22.55 -23.15
C LEU A 326 -20.17 -23.08 -24.45
N ASN A 327 -19.39 -23.86 -25.20
CA ASN A 327 -19.91 -24.49 -26.40
C ASN A 327 -21.07 -25.43 -26.08
N LEU A 328 -20.87 -26.30 -25.08
CA LEU A 328 -21.94 -27.21 -24.68
C LEU A 328 -23.21 -26.45 -24.29
N VAL A 329 -23.04 -25.36 -23.54
CA VAL A 329 -24.20 -24.59 -23.08
C VAL A 329 -24.90 -23.89 -24.23
N LEU A 330 -24.17 -23.34 -25.19
CA LEU A 330 -24.82 -22.75 -26.35
C LEU A 330 -25.45 -23.79 -27.25
N GLY A 331 -24.99 -25.03 -27.19
CA GLY A 331 -25.60 -26.08 -27.97
C GLY A 331 -26.88 -26.59 -27.37
N VAL A 332 -26.91 -26.80 -26.06
CA VAL A 332 -28.11 -27.32 -25.43
C VAL A 332 -29.22 -26.28 -25.37
N LEU A 333 -28.88 -25.01 -25.22
CA LEU A 333 -29.90 -23.96 -25.21
C LEU A 333 -30.47 -23.69 -26.59
N SER A 334 -29.60 -23.42 -27.57
CA SER A 334 -30.07 -23.17 -28.93
C SER A 334 -30.93 -24.33 -29.43
N GLY A 335 -30.51 -25.56 -29.14
CA GLY A 335 -31.35 -26.70 -29.45
C GLY A 335 -32.68 -26.64 -28.72
N GLU A 336 -32.67 -26.20 -27.46
CA GLU A 336 -33.91 -26.13 -26.72
C GLU A 336 -34.85 -25.05 -27.26
N PHE A 337 -34.31 -23.87 -27.61
CA PHE A 337 -35.14 -22.85 -28.22
C PHE A 337 -35.71 -23.32 -29.55
N THR A 338 -34.89 -23.97 -30.37
CA THR A 338 -35.37 -24.45 -31.65
C THR A 338 -36.45 -25.51 -31.47
N LYS A 339 -36.25 -26.44 -30.54
CA LYS A 339 -37.26 -27.47 -30.32
C LYS A 339 -38.50 -26.91 -29.64
N GLU A 340 -38.40 -25.77 -28.98
CA GLU A 340 -39.60 -25.13 -28.45
C GLU A 340 -40.37 -24.41 -29.55
N ARG A 341 -39.66 -23.78 -30.48
CA ARG A 341 -40.33 -23.10 -31.58
C ARG A 341 -40.98 -24.07 -32.57
N GLU A 342 -40.28 -25.14 -32.96
CA GLU A 342 -40.87 -26.04 -33.95
C GLU A 342 -41.95 -26.93 -33.36
N LYS A 343 -41.87 -27.28 -32.09
CA LYS A 343 -42.89 -28.07 -31.43
C LYS A 343 -44.05 -27.22 -30.93
N ALA A 344 -44.09 -25.95 -31.31
CA ALA A 344 -45.20 -25.07 -30.96
C ALA A 344 -45.78 -24.31 -32.12
N LYS A 345 -45.02 -24.04 -33.19
CA LYS A 345 -45.59 -23.34 -34.34
C LYS A 345 -46.57 -24.21 -35.09
N SER A 346 -46.60 -25.51 -34.81
CA SER A 346 -47.56 -26.42 -35.44
C SER A 346 -48.82 -26.57 -34.59
N VAL A 433 -33.71 12.83 -59.43
CA VAL A 433 -34.62 12.18 -58.49
C VAL A 433 -34.02 12.30 -57.10
N PHE A 434 -34.88 12.21 -56.08
CA PHE A 434 -34.47 12.44 -54.69
C PHE A 434 -33.82 11.22 -54.05
N TYR A 435 -33.75 10.09 -54.76
CA TYR A 435 -33.08 8.90 -54.24
C TYR A 435 -31.57 9.06 -54.19
N TRP A 436 -31.02 10.13 -54.80
CA TRP A 436 -29.62 10.46 -54.62
C TRP A 436 -29.42 11.96 -54.47
N LEU A 437 -30.45 12.69 -54.05
CA LEU A 437 -30.31 14.10 -53.76
C LEU A 437 -30.50 14.43 -52.28
N VAL A 438 -31.29 13.63 -51.56
CA VAL A 438 -31.37 13.78 -50.11
C VAL A 438 -30.35 12.89 -49.42
N ILE A 439 -29.83 11.86 -50.10
CA ILE A 439 -28.65 11.18 -49.61
C ILE A 439 -27.48 12.13 -49.42
N LEU A 440 -27.27 13.04 -50.37
CA LEU A 440 -26.21 14.03 -50.25
C LEU A 440 -26.44 14.98 -49.08
N ILE A 441 -27.67 15.46 -48.89
CA ILE A 441 -27.97 16.28 -47.72
C ILE A 441 -27.75 15.54 -46.40
N VAL A 442 -28.23 14.30 -46.29
CA VAL A 442 -27.93 13.49 -45.12
C VAL A 442 -26.44 13.34 -44.88
N ALA A 443 -25.65 13.02 -45.90
CA ALA A 443 -24.22 12.86 -45.74
C ALA A 443 -23.50 14.14 -45.35
N LEU A 444 -23.82 15.28 -45.97
CA LEU A 444 -23.19 16.52 -45.57
C LEU A 444 -23.66 17.03 -44.22
N ASN A 445 -24.80 16.55 -43.72
CA ASN A 445 -25.16 16.84 -42.34
C ASN A 445 -24.43 15.95 -41.35
N THR A 446 -24.35 14.65 -41.61
CA THR A 446 -23.69 13.70 -40.75
C THR A 446 -22.18 13.86 -40.75
N LEU A 447 -21.61 14.45 -41.79
CA LEU A 447 -20.17 14.71 -41.80
C LEU A 447 -19.82 16.02 -41.10
N SER A 448 -20.75 16.96 -41.03
CA SER A 448 -20.56 18.15 -40.21
C SER A 448 -20.87 17.89 -38.75
N ILE A 449 -21.72 16.91 -38.46
CA ILE A 449 -22.00 16.52 -37.08
C ILE A 449 -20.87 15.69 -36.47
N ALA A 450 -20.07 15.02 -37.29
CA ALA A 450 -18.96 14.18 -36.84
C ALA A 450 -17.62 14.79 -37.20
N SER A 451 -17.53 16.11 -37.10
CA SER A 451 -16.26 16.80 -37.17
C SER A 451 -16.02 17.69 -35.96
N GLU A 452 -16.98 17.77 -35.05
CA GLU A 452 -16.80 18.51 -33.80
C GLU A 452 -15.82 17.76 -32.92
N HIS A 453 -14.85 18.48 -32.37
CA HIS A 453 -13.93 17.91 -31.41
C HIS A 453 -13.55 18.98 -30.40
N HIS A 454 -12.93 18.56 -29.32
CA HIS A 454 -12.44 19.50 -28.32
C HIS A 454 -11.31 20.31 -28.92
N ASN A 455 -11.35 21.63 -28.71
CA ASN A 455 -10.33 22.56 -29.18
C ASN A 455 -10.37 22.76 -30.69
N GLN A 456 -11.54 22.63 -31.30
CA GLN A 456 -11.65 22.90 -32.73
C GLN A 456 -11.42 24.38 -32.98
N PRO A 457 -10.94 24.75 -34.16
CA PRO A 457 -10.69 26.16 -34.45
C PRO A 457 -11.99 26.92 -34.63
N LEU A 458 -11.91 28.25 -34.48
CA LEU A 458 -13.12 29.06 -34.49
C LEU A 458 -13.81 29.03 -35.84
N TRP A 459 -13.05 28.91 -36.93
CA TRP A 459 -13.69 28.91 -38.24
C TRP A 459 -14.53 27.66 -38.45
N LEU A 460 -14.12 26.53 -37.89
CA LEU A 460 -14.98 25.34 -37.91
C LEU A 460 -16.16 25.50 -36.96
N THR A 461 -15.96 26.15 -35.82
CA THR A 461 -17.05 26.47 -34.92
C THR A 461 -18.14 27.27 -35.62
N HIS A 462 -17.74 28.12 -36.55
CA HIS A 462 -18.71 28.91 -37.32
C HIS A 462 -19.28 28.17 -38.51
N LEU A 463 -18.45 27.43 -39.24
CA LEU A 463 -18.94 26.62 -40.34
C LEU A 463 -19.96 25.59 -39.91
N GLN A 464 -19.85 25.06 -38.69
CA GLN A 464 -20.86 24.15 -38.19
C GLN A 464 -22.06 24.88 -37.61
N ASP A 465 -22.01 26.21 -37.54
CA ASP A 465 -23.16 27.02 -37.17
C ASP A 465 -23.82 27.67 -38.37
N ILE A 466 -23.04 28.06 -39.36
CA ILE A 466 -23.60 28.56 -40.61
C ILE A 466 -24.26 27.45 -41.42
N ALA A 467 -23.71 26.23 -41.39
CA ALA A 467 -24.27 25.12 -42.12
C ALA A 467 -25.34 24.36 -41.36
N ASN A 468 -25.41 24.50 -40.04
CA ASN A 468 -26.43 23.78 -39.27
C ASN A 468 -27.83 24.24 -39.62
N ARG A 469 -28.00 25.48 -40.08
CA ARG A 469 -29.30 25.99 -40.48
C ARG A 469 -29.56 25.78 -41.96
N VAL A 470 -28.51 25.79 -42.79
CA VAL A 470 -28.69 25.48 -44.19
C VAL A 470 -29.22 24.07 -44.40
N LEU A 471 -28.63 23.08 -43.72
CA LEU A 471 -29.06 21.70 -43.84
C LEU A 471 -30.33 21.41 -43.06
N LEU A 472 -30.90 22.41 -42.41
CA LEU A 472 -32.24 22.32 -41.84
C LEU A 472 -33.28 22.96 -42.75
N SER A 473 -32.94 24.08 -43.37
CA SER A 473 -33.82 24.66 -44.38
C SER A 473 -33.95 23.76 -45.60
N LEU A 474 -32.86 23.08 -45.98
CA LEU A 474 -32.96 22.12 -47.07
C LEU A 474 -33.77 20.91 -46.66
N PHE A 475 -34.00 20.73 -45.36
CA PHE A 475 -34.82 19.62 -44.90
C PHE A 475 -36.28 20.03 -44.76
N THR A 476 -36.55 21.31 -44.47
CA THR A 476 -37.95 21.74 -44.38
C THR A 476 -38.55 21.94 -45.77
N ILE A 477 -37.75 22.44 -46.72
CA ILE A 477 -38.23 22.50 -48.09
C ILE A 477 -38.36 21.10 -48.68
N GLU A 478 -37.64 20.12 -48.14
CA GLU A 478 -37.78 18.77 -48.64
C GLU A 478 -38.94 18.03 -47.98
N MET A 479 -39.29 18.42 -46.76
CA MET A 479 -40.51 17.96 -46.11
C MET A 479 -41.70 18.81 -46.53
N LEU A 480 -41.46 19.85 -47.34
CA LEU A 480 -42.51 20.65 -47.94
C LEU A 480 -42.73 20.31 -49.40
N LEU A 481 -41.68 20.40 -50.23
CA LEU A 481 -41.84 20.20 -51.66
C LEU A 481 -42.19 18.76 -52.00
N LYS A 482 -42.21 17.86 -51.02
CA LYS A 482 -42.68 16.51 -51.28
C LYS A 482 -43.95 16.16 -50.51
N MET A 483 -44.25 16.87 -49.42
CA MET A 483 -45.52 16.61 -48.74
C MET A 483 -46.69 17.10 -49.59
N TYR A 484 -46.56 18.29 -50.17
CA TYR A 484 -47.62 18.83 -51.02
C TYR A 484 -47.85 17.94 -52.23
N GLY A 485 -46.75 17.49 -52.86
CA GLY A 485 -46.89 16.58 -53.98
C GLY A 485 -47.42 15.21 -53.56
N LEU A 486 -47.28 14.86 -52.29
CA LEU A 486 -47.77 13.58 -51.80
C LEU A 486 -49.12 13.73 -51.11
N GLY A 487 -49.18 14.57 -50.09
CA GLY A 487 -50.41 14.76 -49.34
C GLY A 487 -50.13 15.21 -47.93
N LEU A 488 -51.21 15.36 -47.16
CA LEU A 488 -51.07 15.77 -45.76
C LEU A 488 -51.77 14.82 -44.79
N ARG A 489 -52.66 13.95 -45.25
CA ARG A 489 -53.18 12.85 -44.46
C ARG A 489 -52.60 11.50 -44.88
N GLN A 490 -52.29 11.32 -46.15
CA GLN A 490 -51.72 10.09 -46.68
C GLN A 490 -50.20 10.10 -46.63
N TYR A 491 -49.59 11.12 -46.01
CA TYR A 491 -48.16 11.20 -45.82
C TYR A 491 -47.74 10.84 -44.40
N PHE A 492 -48.55 11.17 -43.40
CA PHE A 492 -48.31 10.75 -42.03
C PHE A 492 -48.58 9.28 -41.80
N MET A 493 -49.13 8.58 -42.81
CA MET A 493 -49.45 7.17 -42.65
C MET A 493 -48.19 6.32 -42.45
N SER A 494 -47.06 6.79 -42.94
CA SER A 494 -45.82 6.04 -42.82
C SER A 494 -45.13 6.35 -41.50
N ILE A 495 -44.92 5.30 -40.70
CA ILE A 495 -44.08 5.43 -39.51
C ILE A 495 -42.66 5.79 -39.86
N PHE A 496 -42.30 5.65 -41.15
CA PHE A 496 -40.99 6.10 -41.62
C PHE A 496 -40.94 7.63 -41.69
N ASN A 497 -41.95 8.25 -42.29
CA ASN A 497 -41.99 9.68 -42.52
C ASN A 497 -42.65 10.46 -41.40
N ARG A 498 -43.29 9.76 -40.46
CA ARG A 498 -43.86 10.42 -39.30
C ARG A 498 -42.78 10.91 -38.35
N PHE A 499 -41.54 10.47 -38.56
CA PHE A 499 -40.40 10.87 -37.75
C PHE A 499 -39.55 11.94 -38.43
N ASP A 500 -39.53 11.96 -39.76
CA ASP A 500 -38.74 12.97 -40.47
C ASP A 500 -39.24 14.37 -40.18
N CYS A 501 -40.50 14.51 -39.79
CA CYS A 501 -41.00 15.84 -39.43
C CYS A 501 -40.49 16.26 -38.06
N PHE A 502 -40.33 15.30 -37.15
CA PHE A 502 -39.91 15.63 -35.79
C PHE A 502 -38.54 16.30 -35.77
N VAL A 503 -37.63 15.86 -36.63
CA VAL A 503 -36.29 16.45 -36.63
C VAL A 503 -36.38 17.94 -36.92
N VAL A 504 -37.27 18.34 -37.83
CA VAL A 504 -37.40 19.76 -38.13
C VAL A 504 -38.16 20.48 -37.04
N CYS A 505 -39.22 19.86 -36.52
CA CYS A 505 -40.03 20.47 -35.47
C CYS A 505 -39.20 20.74 -34.22
N SER A 506 -38.18 19.91 -33.99
CA SER A 506 -37.29 20.12 -32.86
C SER A 506 -36.10 21.00 -33.20
N GLY A 507 -35.62 20.96 -34.44
CA GLY A 507 -34.52 21.82 -34.81
C GLY A 507 -34.92 23.29 -34.80
N ILE A 508 -36.12 23.58 -35.32
CA ILE A 508 -36.54 24.98 -35.42
C ILE A 508 -36.63 25.62 -34.03
N LEU A 509 -36.71 24.82 -32.98
CA LEU A 509 -36.72 25.37 -31.63
C LEU A 509 -35.41 26.10 -31.33
N GLU A 510 -34.29 25.37 -31.35
CA GLU A 510 -33.08 25.90 -30.74
C GLU A 510 -32.51 27.09 -31.52
N LEU A 511 -32.76 27.15 -32.83
CA LEU A 511 -32.37 28.33 -33.58
C LEU A 511 -33.01 29.57 -32.98
N LEU A 512 -34.34 29.57 -32.89
CA LEU A 512 -35.04 30.62 -32.15
C LEU A 512 -35.27 30.19 -30.71
N LEU A 513 -34.22 29.68 -30.06
CA LEU A 513 -34.22 29.47 -28.62
C LEU A 513 -32.92 29.95 -28.01
N VAL A 514 -31.83 29.90 -28.81
CA VAL A 514 -30.56 30.46 -28.34
C VAL A 514 -30.48 31.96 -28.57
N GLU A 515 -31.42 32.55 -29.30
CA GLU A 515 -31.60 34.00 -29.33
C GLU A 515 -32.29 34.50 -28.06
N SER A 516 -32.46 33.63 -27.07
CA SER A 516 -33.06 33.93 -25.79
C SER A 516 -31.98 34.04 -24.72
N GLY A 517 -32.35 34.60 -23.57
CA GLY A 517 -31.49 34.59 -22.41
C GLY A 517 -31.44 33.28 -21.69
N ALA A 518 -32.20 32.29 -22.17
CA ALA A 518 -32.12 30.92 -21.64
C ALA A 518 -30.90 30.25 -22.25
N MET A 519 -29.71 30.71 -21.82
CA MET A 519 -28.47 30.11 -22.27
C MET A 519 -28.33 28.69 -21.72
N THR A 520 -28.44 28.53 -20.40
CA THR A 520 -28.48 27.23 -19.75
C THR A 520 -27.37 26.34 -20.27
N PRO A 521 -26.12 26.57 -19.83
CA PRO A 521 -24.96 25.98 -20.54
C PRO A 521 -25.15 24.55 -21.01
N LEU A 522 -25.45 23.61 -20.12
CA LEU A 522 -25.74 22.26 -20.59
C LEU A 522 -27.22 22.03 -20.87
N GLY A 523 -28.08 22.97 -20.49
CA GLY A 523 -29.45 22.93 -20.96
C GLY A 523 -29.59 23.16 -22.45
N ILE A 524 -28.60 23.81 -23.06
CA ILE A 524 -28.50 23.84 -24.51
C ILE A 524 -27.81 22.59 -25.05
N SER A 525 -27.05 21.88 -24.20
CA SER A 525 -26.49 20.61 -24.63
C SER A 525 -27.57 19.57 -24.87
N VAL A 526 -28.74 19.71 -24.24
CA VAL A 526 -29.87 18.85 -24.60
C VAL A 526 -30.35 19.16 -26.00
N LEU A 527 -30.51 20.45 -26.32
CA LEU A 527 -30.92 20.85 -27.66
C LEU A 527 -29.88 20.50 -28.70
N ARG A 528 -28.63 20.28 -28.26
CA ARG A 528 -27.59 19.83 -29.17
C ARG A 528 -27.53 18.31 -29.28
N CYS A 529 -27.83 17.58 -28.21
CA CYS A 529 -27.87 16.13 -28.25
C CYS A 529 -29.13 15.60 -28.91
N ILE A 530 -30.15 16.44 -29.08
CA ILE A 530 -31.27 16.05 -29.94
C ILE A 530 -31.07 16.49 -31.37
N ARG A 531 -30.03 17.26 -31.66
CA ARG A 531 -29.71 17.56 -33.06
C ARG A 531 -29.21 16.34 -33.82
N LEU A 532 -28.36 15.52 -33.21
CA LEU A 532 -27.89 14.30 -33.85
C LEU A 532 -28.97 13.24 -33.93
N LEU A 533 -30.13 13.48 -33.32
CA LEU A 533 -31.27 12.60 -33.53
C LEU A 533 -31.64 12.48 -35.01
N ARG A 534 -31.20 13.41 -35.84
CA ARG A 534 -31.41 13.35 -37.28
C ARG A 534 -30.41 12.43 -37.96
N LEU A 535 -29.59 11.72 -37.20
CA LEU A 535 -28.69 10.72 -37.76
C LEU A 535 -29.42 9.45 -38.15
N PHE A 536 -30.70 9.33 -37.80
CA PHE A 536 -31.46 8.14 -38.10
C PHE A 536 -31.92 8.09 -39.55
N LYS A 537 -31.75 9.17 -40.30
CA LYS A 537 -32.12 9.15 -41.70
C LYS A 537 -31.20 8.23 -42.50
N ILE A 538 -30.04 7.89 -41.94
CA ILE A 538 -29.15 6.94 -42.60
C ILE A 538 -29.78 5.55 -42.63
N THR A 539 -30.56 5.21 -41.60
CA THR A 539 -31.18 3.90 -41.55
C THR A 539 -32.24 3.73 -42.63
N LYS A 540 -32.95 4.81 -42.98
CA LYS A 540 -34.07 4.70 -43.88
C LYS A 540 -33.67 4.25 -45.28
N TYR A 541 -32.45 4.53 -45.70
CA TYR A 541 -32.01 4.29 -47.07
C TYR A 541 -31.36 2.92 -47.24
N TRP A 542 -32.03 1.87 -46.75
CA TRP A 542 -31.56 0.51 -46.95
C TRP A 542 -32.73 -0.42 -46.68
N THR A 543 -33.24 -1.08 -47.73
CA THR A 543 -34.43 -1.91 -47.62
C THR A 543 -34.31 -2.91 -46.47
N SER A 544 -33.15 -3.54 -46.34
CA SER A 544 -32.91 -4.40 -45.20
C SER A 544 -32.98 -3.62 -43.89
N LEU A 545 -32.35 -2.45 -43.85
CA LEU A 545 -32.29 -1.69 -42.60
C LEU A 545 -33.68 -1.24 -42.13
N SER A 546 -34.66 -1.20 -43.03
CA SER A 546 -36.03 -0.88 -42.65
C SER A 546 -36.96 -2.09 -42.68
N ASN A 547 -36.46 -3.27 -43.02
CA ASN A 547 -37.26 -4.49 -42.92
C ASN A 547 -36.84 -5.41 -41.78
N LEU A 548 -35.58 -5.37 -41.35
CA LEU A 548 -35.15 -6.16 -40.21
C LEU A 548 -35.97 -5.88 -38.96
N VAL A 549 -36.44 -4.64 -38.78
CA VAL A 549 -37.17 -4.26 -37.60
C VAL A 549 -38.63 -4.67 -37.63
N ALA A 550 -39.13 -5.20 -38.74
CA ALA A 550 -40.54 -5.59 -38.84
C ALA A 550 -40.89 -6.62 -37.79
N SER A 551 -39.96 -7.53 -37.50
CA SER A 551 -40.14 -8.46 -36.40
C SER A 551 -39.42 -8.02 -35.13
N LEU A 552 -38.42 -7.14 -35.25
CA LEU A 552 -37.78 -6.62 -34.05
C LEU A 552 -38.76 -5.80 -33.22
N LEU A 553 -39.77 -5.21 -33.87
CA LEU A 553 -40.82 -4.50 -33.16
C LEU A 553 -41.65 -5.45 -32.32
N ASN A 554 -41.64 -6.75 -32.65
CA ASN A 554 -42.25 -7.77 -31.81
C ASN A 554 -41.21 -8.51 -30.99
N SER A 555 -39.92 -8.21 -31.20
CA SER A 555 -38.84 -8.79 -30.41
C SER A 555 -38.77 -8.17 -29.02
N ILE A 556 -38.51 -6.86 -28.95
CA ILE A 556 -38.40 -6.20 -27.66
C ILE A 556 -39.79 -5.87 -27.11
N ARG A 557 -40.63 -5.21 -27.93
CA ARG A 557 -41.88 -4.65 -27.42
C ARG A 557 -42.85 -5.73 -26.98
N SER A 558 -42.83 -6.88 -27.63
CA SER A 558 -43.73 -7.97 -27.22
C SER A 558 -43.15 -8.75 -26.05
N ILE A 559 -41.83 -8.85 -25.95
CA ILE A 559 -41.17 -9.65 -24.92
C ILE A 559 -40.38 -8.70 -24.04
N ALA A 560 -40.89 -7.47 -23.88
CA ALA A 560 -40.39 -6.61 -22.82
C ALA A 560 -40.81 -7.08 -21.44
N SER A 561 -41.64 -8.13 -21.37
CA SER A 561 -41.97 -8.75 -20.10
C SER A 561 -40.83 -9.59 -19.57
N LEU A 562 -40.02 -10.18 -20.46
CA LEU A 562 -38.87 -10.95 -20.03
C LEU A 562 -37.67 -10.05 -19.74
N LEU A 563 -37.49 -9.00 -20.53
CA LEU A 563 -36.50 -7.98 -20.20
C LEU A 563 -36.84 -7.25 -18.92
N LEU A 564 -38.08 -7.36 -18.44
CA LEU A 564 -38.46 -6.79 -17.16
C LEU A 564 -38.04 -7.65 -15.99
N LEU A 565 -38.12 -8.97 -16.13
CA LEU A 565 -37.71 -9.85 -15.04
C LEU A 565 -36.21 -9.79 -14.79
N LEU A 566 -35.40 -9.56 -15.82
CA LEU A 566 -33.99 -9.30 -15.61
C LEU A 566 -33.78 -8.09 -14.71
N PHE A 567 -34.53 -7.01 -14.94
CA PHE A 567 -34.46 -5.84 -14.09
C PHE A 567 -34.96 -6.14 -12.68
N LEU A 568 -36.01 -6.94 -12.56
CA LEU A 568 -36.51 -7.36 -11.26
C LEU A 568 -35.54 -8.25 -10.51
N PHE A 569 -34.63 -8.91 -11.22
CA PHE A 569 -33.56 -9.68 -10.62
C PHE A 569 -32.41 -8.79 -10.14
N ILE A 570 -31.97 -7.87 -11.00
CA ILE A 570 -30.98 -6.89 -10.60
C ILE A 570 -31.42 -6.08 -9.40
N ILE A 571 -32.70 -5.71 -9.32
CA ILE A 571 -33.17 -4.92 -8.19
C ILE A 571 -33.21 -5.71 -6.90
N ILE A 572 -33.47 -7.01 -6.95
CA ILE A 572 -33.38 -7.83 -5.75
C ILE A 572 -31.94 -7.99 -5.29
N PHE A 573 -31.01 -8.22 -6.20
CA PHE A 573 -29.64 -8.41 -5.77
C PHE A 573 -28.96 -7.11 -5.38
N ALA A 574 -29.38 -5.97 -5.90
CA ALA A 574 -28.90 -4.70 -5.37
C ALA A 574 -29.35 -4.45 -3.95
N LEU A 575 -30.61 -4.77 -3.64
CA LEU A 575 -31.12 -4.61 -2.29
C LEU A 575 -30.51 -5.60 -1.31
N LEU A 576 -30.13 -6.78 -1.79
CA LEU A 576 -29.41 -7.70 -0.92
C LEU A 576 -27.97 -7.29 -0.71
N GLY A 577 -27.31 -6.74 -1.74
CA GLY A 577 -26.01 -6.16 -1.53
C GLY A 577 -25.97 -4.99 -0.60
N MET A 578 -26.94 -4.08 -0.69
CA MET A 578 -27.02 -2.96 0.24
C MET A 578 -27.19 -3.40 1.68
N GLN A 579 -27.66 -4.63 1.93
CA GLN A 579 -27.75 -5.17 3.26
C GLN A 579 -26.46 -5.84 3.69
N LEU A 580 -25.91 -6.71 2.84
CA LEU A 580 -24.72 -7.46 3.20
C LEU A 580 -23.51 -6.54 3.36
N PHE A 581 -23.20 -5.77 2.32
CA PHE A 581 -22.02 -4.91 2.31
C PHE A 581 -22.40 -3.44 2.32
N GLY A 582 -23.55 -3.11 2.86
CA GLY A 582 -23.96 -1.72 2.92
C GLY A 582 -23.27 -0.99 4.04
N GLY A 583 -22.36 -0.08 3.70
CA GLY A 583 -21.65 0.68 4.70
C GLY A 583 -20.64 -0.12 5.49
N ARG A 584 -20.18 -1.25 4.98
CA ARG A 584 -19.17 -2.05 5.66
C ARG A 584 -17.79 -1.84 5.07
N TYR A 585 -17.66 -1.08 3.99
CA TYR A 585 -16.35 -0.77 3.42
C TYR A 585 -15.67 0.34 4.20
N ASP A 586 -15.55 0.17 5.51
CA ASP A 586 -14.93 1.18 6.37
C ASP A 586 -13.46 0.82 6.61
N PHE A 587 -12.70 0.89 5.53
CA PHE A 587 -11.29 0.53 5.55
C PHE A 587 -10.44 1.72 5.95
N GLU A 588 -9.41 1.45 6.73
CA GLU A 588 -8.57 2.50 7.31
C GLU A 588 -7.40 2.89 6.41
N ASP A 589 -7.52 2.70 5.10
CA ASP A 589 -6.47 3.12 4.19
C ASP A 589 -7.00 4.12 3.18
N THR A 590 -6.08 4.72 2.43
CA THR A 590 -6.42 5.72 1.43
C THR A 590 -6.71 5.10 0.08
N GLU A 591 -6.69 3.77 -0.02
CA GLU A 591 -7.11 3.10 -1.24
C GLU A 591 -8.57 3.43 -1.52
N VAL A 592 -8.89 3.67 -2.78
CA VAL A 592 -10.23 4.04 -3.19
C VAL A 592 -10.94 2.80 -3.71
N ARG A 593 -12.22 2.68 -3.39
CA ARG A 593 -13.04 1.54 -3.80
C ARG A 593 -14.36 2.12 -4.29
N ARG A 594 -14.48 2.29 -5.61
CA ARG A 594 -15.65 2.96 -6.14
C ARG A 594 -16.83 2.01 -6.30
N SER A 595 -16.58 0.73 -6.56
CA SER A 595 -17.65 -0.24 -6.76
C SER A 595 -18.05 -0.83 -5.41
N ASN A 596 -18.87 -0.07 -4.69
CA ASN A 596 -19.35 -0.47 -3.38
C ASN A 596 -20.86 -0.39 -3.35
N PHE A 597 -21.45 -0.91 -2.28
CA PHE A 597 -22.89 -0.93 -2.10
C PHE A 597 -23.25 0.02 -0.97
N ASP A 598 -23.41 1.30 -1.30
CA ASP A 598 -23.72 2.32 -0.30
C ASP A 598 -25.14 2.85 -0.49
N ASN A 599 -25.45 3.37 -1.66
CA ASN A 599 -26.81 3.77 -1.99
C ASN A 599 -27.32 2.92 -3.14
N PHE A 600 -28.57 3.15 -3.51
CA PHE A 600 -29.17 2.35 -4.59
C PHE A 600 -28.53 2.63 -5.94
N PRO A 601 -28.31 3.87 -6.37
CA PRO A 601 -27.67 4.07 -7.67
C PRO A 601 -26.26 3.54 -7.74
N GLN A 602 -25.58 3.37 -6.61
CA GLN A 602 -24.23 2.84 -6.58
C GLN A 602 -24.17 1.35 -6.32
N ALA A 603 -25.24 0.76 -5.79
CA ALA A 603 -25.35 -0.68 -5.70
C ALA A 603 -25.83 -1.29 -7.01
N LEU A 604 -26.68 -0.60 -7.75
CA LEU A 604 -27.05 -1.05 -9.09
C LEU A 604 -25.87 -1.11 -10.03
N ILE A 605 -25.01 -0.10 -10.01
CA ILE A 605 -23.80 -0.13 -10.82
C ILE A 605 -22.84 -1.23 -10.38
N SER A 606 -22.74 -1.50 -9.07
CA SER A 606 -21.85 -2.54 -8.58
C SER A 606 -22.38 -3.93 -8.83
N VAL A 607 -23.69 -4.10 -9.00
CA VAL A 607 -24.24 -5.39 -9.40
C VAL A 607 -24.20 -5.59 -10.91
N PHE A 608 -24.49 -4.56 -11.70
CA PHE A 608 -24.37 -4.68 -13.13
C PHE A 608 -22.97 -5.12 -13.55
N GLN A 609 -21.94 -4.63 -12.86
CA GLN A 609 -20.58 -4.99 -13.21
C GLN A 609 -20.24 -6.42 -12.85
N VAL A 610 -20.66 -6.92 -11.68
CA VAL A 610 -20.52 -8.35 -11.41
C VAL A 610 -21.32 -9.18 -12.38
N LEU A 611 -22.40 -8.63 -12.95
CA LEU A 611 -23.18 -9.38 -13.92
C LEU A 611 -22.50 -9.46 -15.28
N THR A 612 -21.88 -8.38 -15.74
CA THR A 612 -21.07 -8.44 -16.95
C THR A 612 -19.70 -9.05 -16.70
N GLY A 613 -19.49 -9.63 -15.53
CA GLY A 613 -18.28 -10.39 -15.26
C GLY A 613 -16.99 -9.65 -15.47
N GLU A 614 -16.99 -8.34 -15.32
CA GLU A 614 -15.78 -7.55 -15.52
C GLU A 614 -15.28 -7.08 -14.17
N ASP A 615 -14.06 -7.52 -13.82
CA ASP A 615 -13.42 -7.12 -12.57
C ASP A 615 -14.28 -7.48 -11.37
N TRP A 616 -15.13 -8.48 -11.55
CA TRP A 616 -15.96 -8.95 -10.46
C TRP A 616 -15.16 -9.65 -9.38
N ASN A 617 -13.97 -10.13 -9.70
CA ASN A 617 -13.17 -10.80 -8.69
C ASN A 617 -12.56 -9.83 -7.70
N SER A 618 -12.58 -8.54 -7.99
CA SER A 618 -12.11 -7.58 -7.00
C SER A 618 -13.23 -7.01 -6.16
N VAL A 619 -14.46 -7.00 -6.68
CA VAL A 619 -15.63 -6.71 -5.85
C VAL A 619 -15.87 -7.79 -4.82
N MET A 620 -15.31 -8.99 -5.02
CA MET A 620 -15.42 -10.05 -4.03
C MET A 620 -14.37 -9.94 -2.95
N TYR A 621 -13.19 -9.43 -3.27
CA TYR A 621 -12.16 -9.34 -2.26
C TYR A 621 -12.43 -8.24 -1.26
N ASN A 622 -13.07 -7.15 -1.69
CA ASN A 622 -13.54 -6.16 -0.73
C ASN A 622 -14.67 -6.72 0.13
N GLY A 623 -15.56 -7.51 -0.45
CA GLY A 623 -16.61 -8.13 0.33
C GLY A 623 -16.14 -9.17 1.30
N ILE A 624 -15.02 -9.83 1.00
CA ILE A 624 -14.43 -10.80 1.91
C ILE A 624 -13.56 -10.15 2.97
N MET A 625 -12.83 -9.10 2.63
CA MET A 625 -12.02 -8.38 3.60
C MET A 625 -12.84 -7.46 4.48
N ALA A 626 -14.02 -7.03 4.03
CA ALA A 626 -14.86 -6.21 4.87
C ALA A 626 -15.39 -6.99 6.06
N TYR A 627 -15.55 -8.30 5.92
CA TYR A 627 -16.10 -9.04 7.03
C TYR A 627 -15.02 -9.43 8.04
N GLY A 628 -14.13 -10.35 7.70
CA GLY A 628 -12.99 -10.56 8.54
C GLY A 628 -11.65 -10.63 7.83
N GLY A 629 -11.70 -11.07 6.57
CA GLY A 629 -10.57 -11.66 5.93
C GLY A 629 -10.94 -13.07 5.54
N PRO A 630 -9.97 -13.89 5.17
CA PRO A 630 -10.30 -15.25 4.78
C PRO A 630 -10.56 -16.17 5.96
N SER A 631 -11.31 -15.70 6.95
CA SER A 631 -11.64 -16.49 8.12
C SER A 631 -12.79 -17.42 7.80
N TYR A 632 -13.40 -18.04 8.82
CA TYR A 632 -14.56 -18.88 8.56
C TYR A 632 -15.79 -18.08 8.16
N PRO A 633 -16.22 -17.05 8.90
CA PRO A 633 -17.40 -16.30 8.48
C PRO A 633 -17.19 -15.57 7.18
N GLY A 634 -16.04 -14.91 7.07
CA GLY A 634 -15.73 -14.05 5.96
C GLY A 634 -15.88 -14.66 4.58
N VAL A 635 -15.30 -15.83 4.35
CA VAL A 635 -15.21 -16.36 3.00
C VAL A 635 -16.57 -16.82 2.50
N LEU A 636 -17.55 -16.90 3.38
CA LEU A 636 -18.86 -17.36 2.96
C LEU A 636 -19.69 -16.27 2.33
N VAL A 637 -19.14 -15.07 2.14
CA VAL A 637 -19.84 -14.02 1.42
C VAL A 637 -19.51 -14.17 -0.06
N CYS A 638 -18.69 -15.15 -0.38
CA CYS A 638 -18.41 -15.46 -1.77
C CYS A 638 -19.63 -16.02 -2.48
N ILE A 639 -20.51 -16.72 -1.76
CA ILE A 639 -21.73 -17.24 -2.36
C ILE A 639 -22.52 -16.14 -3.04
N TYR A 640 -22.62 -14.96 -2.42
CA TYR A 640 -23.37 -13.87 -3.02
C TYR A 640 -22.82 -13.53 -4.41
N PHE A 641 -21.51 -13.62 -4.59
CA PHE A 641 -20.90 -13.30 -5.88
C PHE A 641 -20.79 -14.50 -6.79
N ILE A 642 -21.19 -15.68 -6.32
CA ILE A 642 -21.20 -16.87 -7.17
C ILE A 642 -22.59 -17.16 -7.71
N ILE A 643 -23.64 -16.99 -6.90
CA ILE A 643 -25.00 -17.11 -7.39
C ILE A 643 -25.38 -15.95 -8.30
N LEU A 644 -24.86 -14.76 -8.06
CA LEU A 644 -25.15 -13.61 -8.90
C LEU A 644 -24.55 -13.72 -10.29
N PHE A 645 -23.45 -14.44 -10.45
CA PHE A 645 -22.82 -14.63 -11.75
C PHE A 645 -23.18 -15.94 -12.40
N VAL A 646 -23.33 -17.02 -11.63
CA VAL A 646 -23.67 -18.32 -12.20
C VAL A 646 -25.15 -18.42 -12.57
N CYS A 647 -26.02 -17.68 -11.89
CA CYS A 647 -27.44 -17.67 -12.21
C CYS A 647 -27.90 -16.33 -12.76
N GLY A 648 -27.05 -15.33 -12.83
CA GLY A 648 -27.41 -14.08 -13.46
C GLY A 648 -27.15 -14.13 -14.94
N ASN A 649 -26.03 -14.72 -15.34
CA ASN A 649 -25.74 -14.91 -16.75
C ASN A 649 -26.69 -15.91 -17.38
N TYR A 650 -27.14 -16.92 -16.63
CA TYR A 650 -28.08 -17.89 -17.18
C TYR A 650 -29.33 -17.21 -17.70
N ILE A 651 -30.00 -16.43 -16.85
CA ILE A 651 -31.11 -15.63 -17.32
C ILE A 651 -30.71 -14.78 -18.52
N LEU A 652 -29.51 -14.21 -18.50
CA LEU A 652 -29.03 -13.41 -19.61
C LEU A 652 -28.88 -14.21 -20.89
N LEU A 653 -28.68 -15.52 -20.78
CA LEU A 653 -28.65 -16.41 -21.93
C LEU A 653 -30.03 -16.93 -22.29
N ASN A 654 -31.05 -16.53 -21.53
CA ASN A 654 -32.43 -16.80 -21.89
C ASN A 654 -33.18 -15.55 -22.29
N VAL A 655 -32.61 -14.37 -22.09
CA VAL A 655 -33.24 -13.11 -22.41
C VAL A 655 -32.82 -12.62 -23.77
N PHE A 656 -31.53 -12.38 -23.96
CA PHE A 656 -31.02 -11.86 -25.21
C PHE A 656 -30.71 -12.96 -26.23
N LEU A 657 -30.99 -14.22 -25.89
CA LEU A 657 -30.90 -15.30 -26.86
C LEU A 657 -32.26 -15.74 -27.40
N ALA A 658 -33.22 -16.02 -26.53
CA ALA A 658 -34.57 -16.29 -27.00
C ALA A 658 -35.13 -15.14 -27.82
N ILE A 659 -34.60 -13.94 -27.62
CA ILE A 659 -34.94 -12.79 -28.46
C ILE A 659 -34.37 -12.93 -29.86
N ALA A 660 -33.25 -13.63 -30.01
CA ALA A 660 -32.51 -13.65 -31.27
C ALA A 660 -32.45 -15.01 -31.93
N VAL A 661 -33.25 -15.99 -31.50
CA VAL A 661 -33.37 -17.23 -32.26
C VAL A 661 -34.80 -17.66 -32.48
N ASP A 662 -35.79 -17.08 -31.78
CA ASP A 662 -37.18 -17.27 -32.15
C ASP A 662 -37.76 -16.09 -32.89
N ASN A 663 -36.99 -15.01 -33.05
CA ASN A 663 -37.43 -13.83 -33.76
C ASN A 663 -36.55 -13.45 -34.93
N LEU A 664 -35.28 -13.86 -34.93
CA LEU A 664 -34.45 -13.74 -36.10
C LEU A 664 -34.64 -14.90 -37.06
N ALA A 665 -35.33 -15.94 -36.63
CA ALA A 665 -35.78 -16.99 -37.52
C ALA A 665 -37.04 -16.62 -38.28
N GLU A 666 -38.00 -15.97 -37.62
CA GLU A 666 -39.24 -15.59 -38.28
C GLU A 666 -39.02 -14.51 -39.33
N ALA A 667 -38.07 -13.61 -39.09
CA ALA A 667 -37.70 -12.66 -40.14
C ALA A 667 -37.19 -13.38 -41.38
N GLU A 668 -36.39 -14.42 -41.21
CA GLU A 668 -35.90 -15.16 -42.37
C GLU A 668 -37.00 -15.99 -43.00
N SER A 669 -37.96 -16.48 -42.22
CA SER A 669 -39.10 -17.18 -42.80
C SER A 669 -39.94 -16.23 -43.65
N LEU A 670 -40.21 -15.03 -43.15
CA LEU A 670 -40.93 -14.04 -43.94
C LEU A 670 -40.16 -13.64 -45.17
N THR A 671 -38.83 -13.52 -45.06
CA THR A 671 -38.01 -13.25 -46.24
C THR A 671 -38.13 -14.37 -47.27
N SER A 672 -38.20 -15.61 -46.81
CA SER A 672 -38.40 -16.73 -47.72
C SER A 672 -39.72 -16.58 -48.48
N ALA A 673 -40.83 -16.60 -47.75
CA ALA A 673 -42.13 -16.42 -48.35
C ALA A 673 -42.34 -15.00 -48.83
N VAL A 796 5.45 -33.23 -60.20
CA VAL A 796 4.60 -32.05 -60.10
C VAL A 796 3.15 -32.47 -59.84
N ASN A 797 2.69 -33.51 -60.56
CA ASN A 797 1.33 -33.99 -60.40
C ASN A 797 1.23 -35.25 -59.54
N ALA A 798 2.35 -35.93 -59.28
CA ALA A 798 2.29 -37.11 -58.43
C ALA A 798 1.98 -36.72 -56.99
N THR A 799 1.32 -37.64 -56.28
CA THR A 799 0.87 -37.30 -54.93
C THR A 799 2.03 -37.24 -53.94
N TRP A 800 3.10 -38.00 -54.18
CA TRP A 800 4.21 -37.99 -53.24
C TRP A 800 4.92 -36.65 -53.21
N PHE A 801 4.97 -35.97 -54.36
CA PHE A 801 5.58 -34.64 -54.39
C PHE A 801 4.79 -33.64 -53.54
N THR A 802 3.46 -33.70 -53.63
CA THR A 802 2.65 -32.81 -52.79
C THR A 802 2.78 -33.18 -51.32
N ASN A 803 2.69 -34.48 -51.00
CA ASN A 803 2.85 -34.92 -49.61
C ASN A 803 4.22 -34.60 -49.04
N PHE A 804 5.23 -34.39 -49.90
CA PHE A 804 6.57 -34.04 -49.46
C PHE A 804 6.80 -32.54 -49.35
N ILE A 805 6.33 -31.77 -50.32
CA ILE A 805 6.51 -30.32 -50.27
C ILE A 805 5.59 -29.67 -49.25
N LEU A 806 4.43 -30.28 -48.96
CA LEU A 806 3.58 -29.78 -47.89
C LEU A 806 4.26 -29.89 -46.54
N LEU A 807 5.17 -30.82 -46.36
CA LEU A 807 5.96 -30.93 -45.15
C LEU A 807 7.08 -29.90 -45.10
N PHE A 808 7.30 -29.16 -46.18
CA PHE A 808 8.37 -28.17 -46.21
C PHE A 808 7.88 -26.76 -45.90
N ILE A 809 6.64 -26.41 -46.26
CA ILE A 809 6.13 -25.10 -45.86
C ILE A 809 5.89 -25.06 -44.36
N LEU A 810 5.54 -26.20 -43.76
CA LEU A 810 5.46 -26.29 -42.31
C LEU A 810 6.83 -26.07 -41.68
N LEU A 811 7.87 -26.72 -42.21
CA LEU A 811 9.21 -26.54 -41.68
C LEU A 811 9.73 -25.14 -41.99
N SER A 812 9.45 -24.60 -43.17
CA SER A 812 9.90 -23.26 -43.52
C SER A 812 9.12 -22.18 -42.77
N SER A 813 7.99 -22.54 -42.16
CA SER A 813 7.30 -21.66 -41.23
C SER A 813 7.83 -21.77 -39.80
N ALA A 814 8.02 -22.99 -39.31
CA ALA A 814 8.58 -23.20 -37.99
C ALA A 814 10.02 -22.72 -37.89
N ALA A 815 10.72 -22.58 -39.01
CA ALA A 815 12.03 -21.94 -38.98
C ALA A 815 11.92 -20.43 -38.89
N LEU A 816 10.79 -19.86 -39.32
CA LEU A 816 10.57 -18.43 -39.14
C LEU A 816 10.14 -18.12 -37.71
N ALA A 817 9.24 -18.94 -37.17
CA ALA A 817 8.72 -18.69 -35.83
C ALA A 817 9.83 -18.68 -34.79
N ALA A 818 10.47 -19.83 -34.59
CA ALA A 818 11.43 -19.99 -33.50
C ALA A 818 12.74 -19.31 -33.87
N GLU A 819 12.66 -17.99 -34.03
CA GLU A 819 13.85 -17.20 -34.32
C GLU A 819 13.90 -16.02 -33.38
N ASP A 820 15.04 -15.83 -32.74
CA ASP A 820 15.22 -14.74 -31.80
C ASP A 820 15.07 -13.41 -32.52
N PRO A 821 14.12 -12.55 -32.13
CA PRO A 821 13.95 -11.26 -32.82
C PRO A 821 14.80 -10.13 -32.27
N ILE A 822 15.37 -10.28 -31.08
CA ILE A 822 16.04 -9.17 -30.41
C ILE A 822 17.42 -8.91 -31.01
N ARG A 823 18.31 -9.91 -30.94
CA ARG A 823 19.71 -9.68 -31.24
C ARG A 823 19.95 -9.63 -32.75
N ALA A 824 20.75 -8.66 -33.18
CA ALA A 824 21.06 -8.50 -34.59
C ALA A 824 21.77 -9.73 -35.15
N GLU A 825 22.90 -10.10 -34.53
CA GLU A 825 23.63 -11.30 -34.91
C GLU A 825 23.64 -12.25 -33.71
N SER A 826 22.70 -13.19 -33.70
CA SER A 826 22.65 -14.24 -32.70
C SER A 826 23.15 -15.54 -33.31
N VAL A 827 23.34 -16.56 -32.46
CA VAL A 827 23.84 -17.84 -32.95
C VAL A 827 22.79 -18.54 -33.80
N ARG A 828 21.53 -18.52 -33.35
CA ARG A 828 20.46 -19.17 -34.08
C ARG A 828 19.97 -18.35 -35.28
N ASN A 829 20.23 -17.04 -35.29
CA ASN A 829 19.77 -16.21 -36.40
C ASN A 829 20.38 -16.65 -37.73
N GLN A 830 21.70 -16.81 -37.78
CA GLN A 830 22.35 -17.19 -39.02
C GLN A 830 22.03 -18.63 -39.42
N ILE A 831 21.81 -19.52 -38.46
CA ILE A 831 21.47 -20.90 -38.79
C ILE A 831 20.10 -20.95 -39.47
N LEU A 832 19.15 -20.18 -38.97
CA LEU A 832 17.84 -20.15 -39.63
C LEU A 832 17.88 -19.34 -40.92
N GLY A 833 18.84 -18.43 -41.07
CA GLY A 833 19.05 -17.86 -42.40
C GLY A 833 19.57 -18.89 -43.39
N TYR A 834 20.52 -19.73 -42.95
CA TYR A 834 20.99 -20.83 -43.78
C TYR A 834 19.84 -21.75 -44.16
N PHE A 835 18.99 -22.09 -43.20
CA PHE A 835 17.84 -22.92 -43.51
C PHE A 835 16.85 -22.20 -44.41
N ASP A 836 16.76 -20.87 -44.28
CA ASP A 836 15.93 -20.07 -45.17
C ASP A 836 16.37 -20.22 -46.61
N ILE A 837 17.68 -20.08 -46.85
CA ILE A 837 18.18 -20.19 -48.22
C ILE A 837 18.10 -21.64 -48.69
N ALA A 838 18.26 -22.60 -47.77
CA ALA A 838 18.22 -24.00 -48.15
C ALA A 838 16.81 -24.46 -48.46
N PHE A 839 15.80 -23.75 -47.95
CA PHE A 839 14.42 -24.04 -48.30
C PHE A 839 13.92 -23.20 -49.47
N THR A 840 14.44 -21.99 -49.65
CA THR A 840 14.16 -21.24 -50.86
C THR A 840 14.77 -21.90 -52.09
N SER A 841 15.98 -22.46 -51.96
CA SER A 841 16.59 -23.24 -53.03
C SER A 841 15.81 -24.51 -53.36
N VAL A 842 14.87 -24.92 -52.49
CA VAL A 842 14.00 -26.03 -52.82
C VAL A 842 12.66 -25.57 -53.38
N PHE A 843 12.05 -24.54 -52.80
CA PHE A 843 10.78 -24.03 -53.32
C PHE A 843 10.94 -23.35 -54.67
N THR A 844 12.15 -22.94 -55.02
CA THR A 844 12.37 -22.31 -56.32
C THR A 844 12.42 -23.33 -57.44
N VAL A 845 12.55 -24.62 -57.12
CA VAL A 845 12.49 -25.65 -58.16
C VAL A 845 11.05 -26.06 -58.46
N GLU A 846 10.12 -25.82 -57.53
CA GLU A 846 8.74 -26.21 -57.73
C GLU A 846 7.96 -25.23 -58.61
N ILE A 847 8.47 -24.02 -58.79
CA ILE A 847 7.73 -23.03 -59.56
C ILE A 847 7.97 -23.21 -61.06
N VAL A 848 9.25 -23.27 -61.47
CA VAL A 848 9.54 -23.48 -62.88
C VAL A 848 9.09 -24.87 -63.31
N LEU A 849 9.05 -25.81 -62.37
CA LEU A 849 8.46 -27.11 -62.66
C LEU A 849 6.96 -26.97 -62.91
N LYS A 850 6.28 -26.18 -62.08
CA LYS A 850 4.89 -25.81 -62.37
C LYS A 850 4.78 -25.03 -63.66
N MET A 851 5.86 -24.42 -64.13
CA MET A 851 5.90 -23.75 -65.42
C MET A 851 6.55 -24.60 -66.51
N THR A 852 7.13 -25.75 -66.17
CA THR A 852 7.63 -26.66 -67.19
C THR A 852 6.53 -27.56 -67.71
N THR A 853 5.77 -28.18 -66.81
CA THR A 853 4.61 -28.99 -67.17
C THR A 853 3.44 -28.12 -67.61
N TYR A 854 3.57 -26.80 -67.48
CA TYR A 854 2.50 -25.87 -67.83
C TYR A 854 3.09 -24.58 -68.38
N GLY A 855 2.28 -23.53 -68.45
CA GLY A 855 2.76 -22.24 -68.93
C GLY A 855 2.95 -21.21 -67.83
N TYR A 867 -5.02 -16.79 -58.72
CA TYR A 867 -5.42 -16.44 -57.37
C TYR A 867 -4.81 -17.41 -56.37
N PHE A 868 -4.78 -18.70 -56.74
CA PHE A 868 -4.21 -19.74 -55.90
C PHE A 868 -2.94 -20.36 -56.46
N ASN A 869 -2.78 -20.32 -57.78
CA ASN A 869 -1.56 -20.81 -58.43
C ASN A 869 -0.46 -19.76 -58.49
N ILE A 870 -0.75 -18.51 -58.11
CA ILE A 870 0.22 -17.43 -58.19
C ILE A 870 0.73 -16.96 -56.84
N LEU A 871 0.20 -17.49 -55.74
CA LEU A 871 0.60 -17.04 -54.42
C LEU A 871 1.89 -17.69 -53.93
N ASP A 872 2.37 -18.73 -54.62
CA ASP A 872 3.65 -19.33 -54.26
C ASP A 872 4.83 -18.54 -54.80
N LEU A 873 4.59 -17.61 -55.73
CA LEU A 873 5.69 -16.88 -56.36
C LEU A 873 6.12 -15.68 -55.53
N LEU A 874 5.17 -14.84 -55.13
CA LEU A 874 5.54 -13.58 -54.50
C LEU A 874 6.20 -13.81 -53.14
N VAL A 875 5.88 -14.93 -52.48
CA VAL A 875 6.45 -15.20 -51.17
C VAL A 875 7.96 -15.44 -51.28
N VAL A 876 8.39 -16.25 -52.25
CA VAL A 876 9.83 -16.43 -52.44
C VAL A 876 10.44 -15.17 -53.07
N ALA A 877 9.67 -14.45 -53.89
CA ALA A 877 10.18 -13.22 -54.48
C ALA A 877 10.52 -12.20 -53.40
N VAL A 878 9.73 -12.15 -52.33
CA VAL A 878 9.95 -11.17 -51.27
C VAL A 878 10.60 -11.83 -50.07
N SER A 879 11.26 -12.96 -50.30
CA SER A 879 12.04 -13.59 -49.24
C SER A 879 13.45 -13.89 -49.73
N LEU A 880 13.67 -13.77 -51.04
CA LEU A 880 14.98 -13.99 -51.61
C LEU A 880 15.67 -12.72 -52.10
N ILE A 881 14.92 -11.64 -52.34
CA ILE A 881 15.52 -10.43 -52.91
C ILE A 881 16.77 -10.03 -52.13
N SER A 882 16.70 -10.09 -50.80
CA SER A 882 17.85 -9.86 -49.95
C SER A 882 18.41 -11.15 -49.38
N MET A 883 18.16 -12.28 -50.03
CA MET A 883 18.65 -13.59 -49.62
C MET A 883 18.30 -13.92 -48.17
N VAL A 892 10.43 0.28 -45.45
CA VAL A 892 11.88 0.27 -45.29
C VAL A 892 12.35 -1.17 -45.54
N VAL A 893 13.46 -1.56 -44.90
CA VAL A 893 14.03 -2.89 -45.07
C VAL A 893 13.36 -3.94 -44.20
N LYS A 894 12.58 -3.52 -43.19
CA LYS A 894 12.02 -4.47 -42.25
C LYS A 894 10.56 -4.80 -42.52
N ILE A 895 9.77 -3.84 -43.01
CA ILE A 895 8.35 -4.09 -43.26
C ILE A 895 8.13 -5.07 -44.39
N LEU A 896 9.18 -5.42 -45.15
CA LEU A 896 9.06 -6.54 -46.07
C LEU A 896 9.17 -7.87 -45.34
N ARG A 897 10.00 -7.95 -44.30
CA ARG A 897 10.04 -9.15 -43.46
C ARG A 897 8.71 -9.38 -42.77
N VAL A 898 7.93 -8.32 -42.55
CA VAL A 898 6.56 -8.48 -42.05
C VAL A 898 5.66 -9.06 -43.13
N LEU A 899 5.94 -8.81 -44.40
CA LEU A 899 5.18 -9.39 -45.49
C LEU A 899 5.64 -10.79 -45.86
N ARG A 900 6.58 -11.37 -45.11
CA ARG A 900 6.99 -12.75 -45.33
C ARG A 900 6.49 -13.66 -44.21
N VAL A 901 5.50 -13.20 -43.45
CA VAL A 901 4.84 -14.06 -42.48
C VAL A 901 3.75 -14.91 -43.09
N LEU A 902 3.46 -14.72 -44.38
CA LEU A 902 2.49 -15.54 -45.11
C LEU A 902 3.16 -16.73 -45.78
N ARG A 903 4.34 -17.11 -45.33
CA ARG A 903 4.99 -18.33 -45.80
C ARG A 903 4.10 -19.55 -45.63
N PRO A 904 3.36 -19.69 -44.53
CA PRO A 904 2.38 -20.80 -44.44
C PRO A 904 1.06 -20.54 -45.14
N LEU A 905 0.86 -19.36 -45.71
CA LEU A 905 -0.35 -19.04 -46.43
C LEU A 905 -0.35 -19.61 -47.85
N ARG A 906 0.64 -20.42 -48.20
CA ARG A 906 0.67 -21.12 -49.48
C ARG A 906 0.33 -22.60 -49.32
N ALA A 907 -0.26 -22.98 -48.20
CA ALA A 907 -0.65 -24.36 -47.94
C ALA A 907 -2.14 -24.59 -48.17
N ILE A 908 -2.88 -23.56 -48.52
CA ILE A 908 -4.33 -23.70 -48.69
C ILE A 908 -4.68 -24.42 -49.97
N ASN A 909 -3.79 -24.42 -50.97
CA ASN A 909 -4.05 -25.08 -52.23
C ASN A 909 -3.62 -26.54 -52.23
N ARG A 910 -2.55 -26.87 -51.50
CA ARG A 910 -2.06 -28.25 -51.49
C ARG A 910 -3.04 -29.19 -50.80
N ALA A 911 -3.79 -28.68 -49.81
CA ALA A 911 -4.77 -29.48 -49.11
C ALA A 911 -6.17 -29.20 -49.64
N LYS A 912 -7.10 -30.10 -49.30
CA LYS A 912 -8.47 -29.99 -49.78
C LYS A 912 -9.37 -29.28 -48.79
N GLY A 913 -9.49 -29.82 -47.57
CA GLY A 913 -10.32 -29.20 -46.57
C GLY A 913 -9.84 -27.84 -46.15
N LEU A 914 -8.53 -27.61 -46.20
CA LEU A 914 -7.99 -26.31 -45.83
C LEU A 914 -8.53 -25.20 -46.73
N LYS A 915 -8.80 -25.51 -47.99
CA LYS A 915 -9.47 -24.58 -48.87
C LYS A 915 -10.98 -24.68 -48.80
N HIS A 916 -11.52 -25.87 -48.54
CA HIS A 916 -12.96 -26.04 -48.41
C HIS A 916 -13.53 -25.31 -47.21
N VAL A 917 -12.71 -24.95 -46.23
CA VAL A 917 -13.19 -24.19 -45.08
C VAL A 917 -13.01 -22.70 -45.32
N VAL A 918 -11.98 -22.31 -46.06
CA VAL A 918 -11.70 -20.90 -46.29
C VAL A 918 -12.85 -20.25 -47.05
N GLN A 919 -13.36 -20.94 -48.07
CA GLN A 919 -14.48 -20.37 -48.80
C GLN A 919 -15.78 -20.43 -48.01
N CYS A 920 -15.89 -21.33 -47.03
CA CYS A 920 -17.07 -21.31 -46.18
C CYS A 920 -17.01 -20.19 -45.15
N VAL A 921 -15.81 -19.74 -44.77
CA VAL A 921 -15.73 -18.57 -43.91
C VAL A 921 -15.82 -17.29 -44.72
N PHE A 922 -15.45 -17.33 -46.00
CA PHE A 922 -15.63 -16.16 -46.85
C PHE A 922 -17.05 -16.05 -47.40
N VAL A 923 -17.82 -17.14 -47.37
CA VAL A 923 -19.24 -17.08 -47.75
C VAL A 923 -20.13 -16.92 -46.55
N ALA A 924 -19.59 -17.13 -45.35
CA ALA A 924 -20.33 -16.95 -44.12
C ALA A 924 -20.28 -15.48 -43.71
N ILE A 925 -19.34 -14.74 -44.29
CA ILE A 925 -19.16 -13.32 -44.01
C ILE A 925 -20.10 -12.47 -44.86
N ARG A 926 -20.40 -12.95 -46.07
CA ARG A 926 -21.28 -12.23 -46.97
C ARG A 926 -22.72 -12.19 -46.47
N THR A 927 -23.12 -13.25 -45.78
CA THR A 927 -24.47 -13.33 -45.24
C THR A 927 -24.59 -12.56 -43.93
N ILE A 928 -23.45 -12.43 -43.24
CA ILE A 928 -23.41 -11.72 -41.97
C ILE A 928 -22.93 -10.27 -42.19
N GLY A 929 -22.81 -9.88 -43.45
CA GLY A 929 -22.36 -8.55 -43.79
C GLY A 929 -23.37 -7.45 -43.48
N ASN A 930 -24.64 -7.81 -43.43
CA ASN A 930 -25.69 -6.84 -43.15
C ASN A 930 -25.75 -6.45 -41.68
N ILE A 931 -25.44 -7.41 -40.80
CA ILE A 931 -25.48 -7.17 -39.35
C ILE A 931 -24.24 -6.44 -38.84
N VAL A 932 -23.18 -6.41 -39.65
CA VAL A 932 -21.96 -5.74 -39.27
C VAL A 932 -21.93 -4.31 -39.80
N LEU A 933 -23.01 -3.91 -40.46
CA LEU A 933 -23.11 -2.57 -41.00
C LEU A 933 -23.98 -1.69 -40.10
N VAL A 934 -24.96 -2.31 -39.46
CA VAL A 934 -25.85 -1.60 -38.57
C VAL A 934 -25.21 -1.47 -37.20
N THR A 935 -24.23 -2.32 -36.93
CA THR A 935 -23.52 -2.30 -35.66
C THR A 935 -22.36 -1.31 -35.70
N THR A 936 -22.05 -0.81 -36.89
CA THR A 936 -20.97 0.16 -37.01
C THR A 936 -21.55 1.55 -37.10
N LEU A 937 -22.85 1.63 -37.40
CA LEU A 937 -23.54 2.90 -37.47
C LEU A 937 -24.13 3.21 -36.10
N LEU A 938 -24.39 2.15 -35.33
CA LEU A 938 -24.93 2.28 -33.98
C LEU A 938 -23.79 2.66 -33.06
N GLN A 939 -22.59 2.24 -33.42
CA GLN A 939 -21.40 2.53 -32.63
C GLN A 939 -20.90 3.92 -32.99
N PHE A 940 -21.27 4.39 -34.17
CA PHE A 940 -20.86 5.71 -34.61
C PHE A 940 -21.90 6.75 -34.20
N MET A 941 -23.07 6.28 -33.80
CA MET A 941 -24.13 7.17 -33.34
C MET A 941 -23.96 7.38 -31.85
N PHE A 942 -23.44 6.36 -31.18
CA PHE A 942 -23.19 6.40 -29.74
C PHE A 942 -21.86 7.07 -29.46
N ALA A 943 -21.06 7.26 -30.49
CA ALA A 943 -19.77 7.90 -30.34
C ALA A 943 -19.95 9.40 -30.42
N CYS A 944 -20.99 9.83 -31.13
CA CYS A 944 -21.28 11.25 -31.28
C CYS A 944 -21.89 11.77 -29.99
N ILE A 945 -22.72 10.97 -29.35
CA ILE A 945 -23.31 11.34 -28.07
C ILE A 945 -22.23 11.48 -27.02
N GLY A 946 -21.30 10.52 -26.98
CA GLY A 946 -20.20 10.61 -26.05
C GLY A 946 -19.36 11.85 -26.26
N VAL A 947 -19.16 12.25 -27.51
CA VAL A 947 -18.36 13.44 -27.76
C VAL A 947 -19.07 14.68 -27.23
N GLN A 948 -20.39 14.72 -27.32
CA GLN A 948 -21.11 15.87 -26.78
C GLN A 948 -21.12 15.88 -25.26
N LEU A 949 -21.19 14.71 -24.64
CA LEU A 949 -21.27 14.66 -23.18
C LEU A 949 -19.92 14.84 -22.49
N PHE A 950 -18.88 14.18 -22.98
CA PHE A 950 -17.58 14.12 -22.31
C PHE A 950 -16.48 14.72 -23.16
N LYS A 951 -16.71 15.87 -23.78
CA LYS A 951 -15.71 16.48 -24.63
C LYS A 951 -14.71 17.24 -23.79
N GLY A 952 -13.49 16.72 -23.68
CA GLY A 952 -12.44 17.40 -22.98
C GLY A 952 -12.50 17.30 -21.48
N LYS A 953 -13.51 16.64 -20.92
CA LYS A 953 -13.65 16.53 -19.49
C LYS A 953 -12.81 15.41 -18.88
N PHE A 954 -12.04 14.68 -19.67
CA PHE A 954 -11.32 13.51 -19.20
C PHE A 954 -9.89 13.82 -18.82
N PHE A 955 -9.58 15.07 -18.50
CA PHE A 955 -8.26 15.43 -18.01
C PHE A 955 -8.20 15.24 -16.51
N SER A 956 -6.98 15.28 -15.97
CA SER A 956 -6.83 15.19 -14.53
C SER A 956 -5.43 15.65 -14.18
N CYS A 957 -5.21 15.88 -12.89
CA CYS A 957 -3.90 16.24 -12.39
C CYS A 957 -3.31 15.05 -11.64
N ASN A 958 -2.02 15.15 -11.31
CA ASN A 958 -1.38 14.08 -10.57
C ASN A 958 -2.05 13.90 -9.22
N ASP A 959 -2.14 14.96 -8.45
CA ASP A 959 -2.90 14.98 -7.21
C ASP A 959 -4.26 15.57 -7.47
N LEU A 960 -5.28 14.96 -6.90
CA LEU A 960 -6.65 15.31 -7.23
C LEU A 960 -7.07 16.63 -6.64
N SER A 961 -6.13 17.42 -6.13
CA SER A 961 -6.44 18.67 -5.45
C SER A 961 -6.29 19.89 -6.35
N LYS A 962 -5.70 19.74 -7.53
CA LYS A 962 -5.50 20.83 -8.46
C LYS A 962 -6.38 20.58 -9.69
N MET A 963 -7.20 21.57 -10.03
CA MET A 963 -8.29 21.34 -10.98
C MET A 963 -8.10 22.03 -12.31
N THR A 964 -7.03 22.78 -12.52
CA THR A 964 -6.79 23.39 -13.82
C THR A 964 -5.32 23.25 -14.16
N GLU A 965 -5.00 23.48 -15.44
CA GLU A 965 -3.64 23.23 -15.90
C GLU A 965 -2.67 24.29 -15.43
N GLU A 966 -3.16 25.46 -15.04
CA GLU A 966 -2.27 26.45 -14.44
C GLU A 966 -1.91 26.09 -13.02
N GLU A 967 -2.79 25.35 -12.34
CA GLU A 967 -2.53 24.95 -10.96
C GLU A 967 -1.61 23.74 -10.90
N CYS A 968 -1.82 22.77 -11.77
CA CYS A 968 -1.10 21.50 -11.73
C CYS A 968 0.34 21.67 -12.22
N ARG A 969 1.15 22.38 -11.45
CA ARG A 969 2.57 22.57 -11.74
C ARG A 969 3.34 22.51 -10.44
N GLY A 970 4.61 22.12 -10.53
CA GLY A 970 5.43 21.98 -9.35
C GLY A 970 5.48 20.55 -8.85
N TYR A 971 5.83 20.41 -7.58
CA TYR A 971 5.96 19.12 -6.93
C TYR A 971 4.90 18.98 -5.85
N TYR A 972 4.75 17.75 -5.35
CA TYR A 972 3.77 17.46 -4.31
C TYR A 972 4.20 16.19 -3.60
N TYR A 973 3.52 15.88 -2.50
CA TYR A 973 3.88 14.73 -1.69
C TYR A 973 2.90 13.59 -1.93
N VAL A 974 3.43 12.38 -1.97
CA VAL A 974 2.62 11.17 -1.96
C VAL A 974 2.99 10.38 -0.72
N TYR A 975 2.03 9.68 -0.15
CA TYR A 975 2.19 9.03 1.14
C TYR A 975 2.09 7.53 0.95
N LYS A 976 3.22 6.85 1.05
CA LYS A 976 3.25 5.39 0.96
C LYS A 976 2.50 4.82 2.15
N ASP A 977 1.63 3.83 1.90
CA ASP A 977 0.93 3.11 2.96
C ASP A 977 -0.05 4.03 3.67
N GLY A 978 -0.39 5.14 3.03
CA GLY A 978 -1.23 6.14 3.68
C GLY A 978 -0.68 6.64 5.00
N ASP A 979 0.63 6.55 5.20
CA ASP A 979 1.25 6.95 6.45
C ASP A 979 1.64 8.41 6.36
N PRO A 980 1.13 9.28 7.22
CA PRO A 980 1.46 10.71 7.11
C PRO A 980 2.92 11.03 7.36
N THR A 981 3.74 10.06 7.75
CA THR A 981 5.14 10.32 8.06
C THR A 981 6.09 9.55 7.14
N GLN A 982 5.60 9.11 5.99
CA GLN A 982 6.43 8.41 5.01
C GLN A 982 6.03 8.96 3.64
N MET A 983 6.73 9.99 3.20
CA MET A 983 6.32 10.77 2.06
C MET A 983 7.39 10.75 0.98
N GLU A 984 6.97 11.00 -0.25
CA GLU A 984 7.84 11.04 -1.41
C GLU A 984 7.47 12.24 -2.27
N LEU A 985 8.48 12.90 -2.82
CA LEU A 985 8.25 14.04 -3.70
C LEU A 985 8.01 13.56 -5.12
N ARG A 986 6.93 14.01 -5.73
CA ARG A 986 6.65 13.70 -7.11
C ARG A 986 6.32 14.97 -7.86
N PRO A 987 6.75 15.12 -9.11
CA PRO A 987 6.32 16.27 -9.89
C PRO A 987 4.90 16.06 -10.37
N ARG A 988 4.06 17.06 -10.19
CA ARG A 988 2.68 16.92 -10.61
C ARG A 988 2.51 17.38 -12.05
N GLN A 989 1.69 16.66 -12.80
CA GLN A 989 1.57 16.90 -14.23
C GLN A 989 0.13 16.68 -14.67
N TRP A 990 -0.28 17.45 -15.66
CA TRP A 990 -1.65 17.45 -16.19
C TRP A 990 -1.80 16.28 -17.15
N ILE A 991 -2.30 15.15 -16.65
CA ILE A 991 -2.39 13.95 -17.47
C ILE A 991 -3.73 13.91 -18.17
N HIS A 992 -3.74 13.21 -19.30
CA HIS A 992 -4.91 13.05 -20.15
C HIS A 992 -5.19 11.56 -20.23
N ASN A 993 -6.41 11.16 -19.90
CA ASN A 993 -6.74 9.74 -19.85
C ASN A 993 -6.40 9.08 -21.17
N ASP A 994 -6.03 7.81 -21.12
CA ASP A 994 -5.63 7.11 -22.33
C ASP A 994 -6.80 6.97 -23.29
N PHE A 995 -7.93 6.48 -22.80
CA PHE A 995 -9.13 6.34 -23.59
C PHE A 995 -10.07 7.48 -23.23
N HIS A 996 -10.23 8.42 -24.16
CA HIS A 996 -11.01 9.63 -23.90
C HIS A 996 -12.07 9.81 -24.97
N PHE A 997 -12.71 10.97 -24.99
CA PHE A 997 -13.81 11.27 -25.90
C PHE A 997 -13.62 12.62 -26.55
N ASP A 998 -12.43 12.92 -27.04
CA ASP A 998 -12.19 14.26 -27.58
C ASP A 998 -12.72 14.38 -29.01
N ASN A 999 -12.37 13.46 -29.89
CA ASN A 999 -12.92 13.43 -31.24
C ASN A 999 -13.81 12.21 -31.39
N VAL A 1000 -14.32 12.01 -32.60
CA VAL A 1000 -15.18 10.84 -32.83
C VAL A 1000 -14.37 9.58 -33.02
N LEU A 1001 -13.10 9.69 -33.42
CA LEU A 1001 -12.26 8.50 -33.53
C LEU A 1001 -11.89 7.97 -32.15
N SER A 1002 -11.43 8.84 -31.27
CA SER A 1002 -11.11 8.40 -29.92
C SER A 1002 -12.35 7.98 -29.16
N ALA A 1003 -13.49 8.62 -29.43
CA ALA A 1003 -14.73 8.17 -28.82
C ALA A 1003 -15.09 6.77 -29.28
N MET A 1004 -14.91 6.48 -30.57
CA MET A 1004 -15.21 5.15 -31.06
C MET A 1004 -14.24 4.12 -30.51
N MET A 1005 -12.99 4.50 -30.31
CA MET A 1005 -12.03 3.61 -29.65
C MET A 1005 -12.47 3.27 -28.24
N SER A 1006 -12.81 4.29 -27.45
CA SER A 1006 -13.23 4.05 -26.08
C SER A 1006 -14.49 3.21 -26.02
N LEU A 1007 -15.46 3.51 -26.89
CA LEU A 1007 -16.67 2.71 -26.91
C LEU A 1007 -16.39 1.28 -27.38
N PHE A 1008 -15.36 1.08 -28.20
CA PHE A 1008 -14.97 -0.28 -28.53
C PHE A 1008 -14.47 -1.02 -27.30
N THR A 1009 -13.52 -0.44 -26.58
CA THR A 1009 -13.00 -1.15 -25.41
C THR A 1009 -14.08 -1.36 -24.35
N VAL A 1010 -15.10 -0.51 -24.32
CA VAL A 1010 -16.23 -0.77 -23.44
C VAL A 1010 -17.07 -1.92 -24.00
N SER A 1011 -17.13 -2.04 -25.32
CA SER A 1011 -17.94 -3.07 -25.95
C SER A 1011 -17.48 -4.48 -25.62
N THR A 1012 -16.19 -4.69 -25.40
CA THR A 1012 -15.66 -5.99 -25.06
C THR A 1012 -15.56 -6.21 -23.56
N PHE A 1013 -16.17 -5.32 -22.76
CA PHE A 1013 -16.31 -5.40 -21.32
C PHE A 1013 -15.00 -5.25 -20.57
N GLU A 1014 -13.94 -4.79 -21.20
CA GLU A 1014 -12.65 -4.66 -20.54
C GLU A 1014 -12.44 -3.22 -20.15
N GLY A 1015 -12.23 -2.98 -18.86
CA GLY A 1015 -11.95 -1.64 -18.40
C GLY A 1015 -13.10 -0.68 -18.48
N TRP A 1016 -14.32 -1.17 -18.55
CA TRP A 1016 -15.46 -0.27 -18.61
C TRP A 1016 -15.76 0.40 -17.26
N PRO A 1017 -15.52 -0.22 -16.11
CA PRO A 1017 -15.72 0.52 -14.86
C PRO A 1017 -14.77 1.69 -14.68
N GLN A 1018 -13.55 1.60 -15.20
CA GLN A 1018 -12.62 2.72 -15.06
C GLN A 1018 -12.96 3.88 -15.96
N LEU A 1019 -13.72 3.65 -17.03
CA LEU A 1019 -14.30 4.75 -17.79
C LEU A 1019 -15.59 5.24 -17.17
N LEU A 1020 -16.36 4.35 -16.55
CA LEU A 1020 -17.57 4.75 -15.87
C LEU A 1020 -17.27 5.72 -14.74
N TYR A 1021 -16.40 5.32 -13.83
CA TYR A 1021 -16.11 6.17 -12.68
C TYR A 1021 -15.27 7.36 -13.01
N ARG A 1022 -14.88 7.53 -14.26
CA ARG A 1022 -14.24 8.74 -14.71
C ARG A 1022 -15.22 9.66 -15.42
N ALA A 1023 -16.21 9.09 -16.10
CA ALA A 1023 -17.29 9.86 -16.67
C ALA A 1023 -18.30 10.31 -15.63
N ILE A 1024 -18.40 9.59 -14.51
CA ILE A 1024 -19.26 10.02 -13.42
C ILE A 1024 -18.67 11.23 -12.72
N ASP A 1025 -17.35 11.37 -12.73
CA ASP A 1025 -16.66 12.43 -12.00
C ASP A 1025 -16.32 13.64 -12.84
N SER A 1026 -16.69 13.67 -14.11
CA SER A 1026 -16.25 14.73 -15.00
C SER A 1026 -16.82 16.07 -14.57
N ASN A 1027 -15.98 17.10 -14.55
CA ASN A 1027 -16.42 18.39 -14.07
C ASN A 1027 -16.84 19.36 -15.17
N GLU A 1028 -15.88 19.78 -15.99
CA GLU A 1028 -16.10 20.83 -16.97
C GLU A 1028 -15.20 20.55 -18.16
N GLU A 1029 -15.02 21.53 -19.03
CA GLU A 1029 -14.34 21.24 -20.30
C GLU A 1029 -12.82 21.18 -20.14
N ASP A 1030 -12.25 21.93 -19.21
CA ASP A 1030 -10.82 21.80 -18.97
C ASP A 1030 -10.51 21.81 -17.49
N MET A 1031 -11.31 21.09 -16.71
CA MET A 1031 -11.11 21.02 -15.27
C MET A 1031 -11.03 19.57 -14.82
N GLY A 1032 -10.31 19.35 -13.73
CA GLY A 1032 -10.12 18.02 -13.21
C GLY A 1032 -11.41 17.45 -12.68
N PRO A 1033 -11.39 16.19 -12.28
CA PRO A 1033 -12.63 15.52 -11.89
C PRO A 1033 -13.15 16.04 -10.57
N VAL A 1034 -14.36 15.60 -10.24
CA VAL A 1034 -15.00 15.92 -8.96
C VAL A 1034 -15.69 14.65 -8.50
N TYR A 1035 -15.34 14.17 -7.31
CA TYR A 1035 -15.84 12.89 -6.85
C TYR A 1035 -17.35 12.82 -6.90
N ASN A 1036 -17.86 11.84 -7.63
CA ASN A 1036 -19.29 11.56 -7.72
C ASN A 1036 -20.07 12.81 -8.11
N ASN A 1037 -19.60 13.48 -9.15
CA ASN A 1037 -20.26 14.70 -9.60
C ASN A 1037 -21.60 14.38 -10.26
N ARG A 1038 -21.56 13.64 -11.37
CA ARG A 1038 -22.76 13.36 -12.17
C ARG A 1038 -22.97 11.85 -12.14
N VAL A 1039 -23.66 11.34 -11.12
CA VAL A 1039 -23.83 9.90 -11.02
C VAL A 1039 -24.86 9.37 -12.02
N GLU A 1040 -25.51 10.26 -12.78
CA GLU A 1040 -26.47 9.83 -13.78
C GLU A 1040 -25.82 9.42 -15.08
N MET A 1041 -24.56 9.81 -15.30
CA MET A 1041 -23.87 9.44 -16.53
C MET A 1041 -23.79 7.95 -16.73
N ALA A 1042 -23.93 7.17 -15.65
CA ALA A 1042 -23.94 5.72 -15.76
C ALA A 1042 -24.98 5.26 -16.76
N ILE A 1043 -26.07 6.00 -16.91
CA ILE A 1043 -27.11 5.61 -17.87
C ILE A 1043 -26.50 5.41 -19.25
N PHE A 1044 -25.63 6.34 -19.67
CA PHE A 1044 -25.01 6.22 -20.99
C PHE A 1044 -24.22 4.94 -21.11
N PHE A 1045 -23.51 4.55 -20.05
CA PHE A 1045 -22.71 3.34 -20.09
C PHE A 1045 -23.49 2.10 -19.76
N ILE A 1046 -24.81 2.19 -19.64
CA ILE A 1046 -25.61 1.02 -19.28
C ILE A 1046 -26.64 0.80 -20.37
N ILE A 1047 -26.95 1.86 -21.12
CA ILE A 1047 -27.70 1.69 -22.35
C ILE A 1047 -26.81 1.20 -23.49
N TYR A 1048 -25.60 1.72 -23.61
CA TYR A 1048 -24.68 1.24 -24.63
C TYR A 1048 -24.30 -0.22 -24.42
N ILE A 1049 -24.19 -0.66 -23.17
CA ILE A 1049 -23.77 -2.02 -22.88
C ILE A 1049 -24.91 -3.03 -23.00
N ILE A 1050 -26.15 -2.60 -22.85
CA ILE A 1050 -27.28 -3.47 -23.10
C ILE A 1050 -27.64 -3.52 -24.58
N LEU A 1051 -27.50 -2.42 -25.31
CA LEU A 1051 -27.97 -2.33 -26.68
C LEU A 1051 -26.95 -2.81 -27.71
N ILE A 1052 -25.69 -2.93 -27.34
CA ILE A 1052 -24.65 -3.43 -28.24
C ILE A 1052 -24.05 -4.72 -27.74
N ALA A 1053 -23.44 -4.70 -26.57
CA ALA A 1053 -22.74 -5.87 -26.07
C ALA A 1053 -23.67 -6.98 -25.61
N PHE A 1054 -24.95 -6.71 -25.45
CA PHE A 1054 -25.89 -7.74 -25.04
C PHE A 1054 -26.93 -8.07 -26.10
N PHE A 1055 -27.37 -7.10 -26.89
CA PHE A 1055 -28.41 -7.34 -27.88
C PHE A 1055 -27.82 -7.62 -29.26
N MET A 1056 -27.04 -6.69 -29.81
CA MET A 1056 -26.55 -6.84 -31.17
C MET A 1056 -25.60 -8.03 -31.30
N MET A 1057 -24.81 -8.25 -30.26
CA MET A 1057 -23.86 -9.36 -30.24
C MET A 1057 -24.57 -10.70 -30.28
N ASN A 1058 -25.71 -10.81 -29.62
CA ASN A 1058 -26.46 -12.06 -29.59
C ASN A 1058 -27.30 -12.24 -30.84
N ILE A 1059 -27.83 -11.16 -31.40
CA ILE A 1059 -28.51 -11.33 -32.68
C ILE A 1059 -27.52 -11.61 -33.80
N PHE A 1060 -26.26 -11.21 -33.66
CA PHE A 1060 -25.27 -11.60 -34.67
C PHE A 1060 -24.91 -13.08 -34.54
N VAL A 1061 -24.71 -13.55 -33.31
CA VAL A 1061 -24.55 -14.99 -33.11
C VAL A 1061 -25.76 -15.77 -33.60
N GLY A 1062 -26.97 -15.25 -33.42
CA GLY A 1062 -28.16 -15.88 -33.98
C GLY A 1062 -28.23 -15.84 -35.49
N PHE A 1063 -27.79 -14.76 -36.10
CA PHE A 1063 -27.65 -14.71 -37.55
C PHE A 1063 -26.75 -15.82 -38.04
N VAL A 1064 -25.58 -15.98 -37.42
CA VAL A 1064 -24.72 -17.10 -37.78
C VAL A 1064 -25.40 -18.44 -37.55
N ILE A 1065 -26.07 -18.63 -36.42
CA ILE A 1065 -26.69 -19.92 -36.09
C ILE A 1065 -27.89 -20.25 -36.96
N VAL A 1066 -28.50 -19.27 -37.63
CA VAL A 1066 -29.66 -19.56 -38.46
C VAL A 1066 -29.25 -19.60 -39.92
N THR A 1067 -28.14 -18.94 -40.28
CA THR A 1067 -27.58 -19.18 -41.60
C THR A 1067 -26.80 -20.48 -41.67
N PHE A 1068 -26.46 -21.05 -40.51
CA PHE A 1068 -25.89 -22.40 -40.47
C PHE A 1068 -26.94 -23.48 -40.34
N GLN A 1069 -28.13 -23.15 -39.82
CA GLN A 1069 -29.13 -24.18 -39.58
C GLN A 1069 -29.93 -24.53 -40.82
N GLU A 1070 -29.98 -23.64 -41.81
CA GLU A 1070 -30.73 -23.93 -43.03
C GLU A 1070 -30.07 -25.06 -43.81
N GLN A 1071 -28.74 -25.02 -43.95
CA GLN A 1071 -28.01 -25.95 -44.79
C GLN A 1071 -28.05 -27.38 -44.27
N GLY A 1072 -28.41 -27.59 -43.02
CA GLY A 1072 -28.47 -28.92 -42.45
C GLY A 1072 -29.88 -29.46 -42.34
N ASP A 1082 -39.72 -39.75 -43.82
CA ASP A 1082 -39.40 -38.77 -42.80
C ASP A 1082 -37.89 -38.66 -42.59
N LYS A 1083 -37.50 -37.98 -41.51
CA LYS A 1083 -36.09 -37.93 -41.14
C LYS A 1083 -35.80 -38.95 -40.04
N ASN A 1084 -36.67 -39.01 -39.02
CA ASN A 1084 -36.54 -40.04 -38.01
C ASN A 1084 -36.56 -41.44 -38.62
N GLN A 1085 -37.50 -41.69 -39.53
CA GLN A 1085 -37.57 -42.98 -40.19
C GLN A 1085 -36.29 -43.27 -40.95
N ARG A 1086 -35.73 -42.25 -41.61
CA ARG A 1086 -34.51 -42.45 -42.39
C ARG A 1086 -33.34 -42.80 -41.49
N GLN A 1087 -33.19 -42.07 -40.38
CA GLN A 1087 -32.10 -42.38 -39.45
C GLN A 1087 -32.26 -43.77 -38.88
N CYS A 1088 -33.49 -44.17 -38.56
CA CYS A 1088 -33.70 -45.47 -37.93
C CYS A 1088 -33.47 -46.61 -38.92
N VAL A 1089 -33.86 -46.43 -40.18
CA VAL A 1089 -33.58 -47.48 -41.14
C VAL A 1089 -32.10 -47.55 -41.45
N GLN A 1090 -31.39 -46.42 -41.49
CA GLN A 1090 -29.94 -46.49 -41.65
C GLN A 1090 -29.31 -47.23 -40.48
N TYR A 1091 -29.80 -46.96 -39.26
CA TYR A 1091 -29.31 -47.68 -38.08
C TYR A 1091 -29.52 -49.18 -38.23
N ALA A 1092 -30.76 -49.59 -38.52
CA ALA A 1092 -31.06 -51.00 -38.69
C ALA A 1092 -30.32 -51.64 -39.85
N LEU A 1093 -29.85 -50.84 -40.81
CA LEU A 1093 -29.05 -51.33 -41.91
C LEU A 1093 -27.59 -51.54 -41.55
N LYS A 1094 -27.00 -50.65 -40.75
CA LYS A 1094 -25.57 -50.71 -40.48
C LYS A 1094 -25.25 -50.92 -39.00
N ALA A 1095 -25.91 -51.88 -38.36
CA ALA A 1095 -25.62 -52.22 -36.98
C ALA A 1095 -24.77 -53.49 -36.92
N ARG A 1096 -23.93 -53.57 -35.88
CA ARG A 1096 -23.11 -54.74 -35.61
C ARG A 1096 -23.15 -55.01 -34.10
N PRO A 1097 -23.39 -56.25 -33.70
CA PRO A 1097 -23.59 -56.53 -32.27
C PRO A 1097 -22.34 -56.36 -31.42
N LEU A 1098 -22.45 -56.69 -30.13
CA LEU A 1098 -21.40 -56.45 -29.15
C LEU A 1098 -20.88 -57.78 -28.62
N ARG A 1099 -19.56 -57.89 -28.52
CA ARG A 1099 -18.95 -59.08 -27.93
C ARG A 1099 -18.89 -58.93 -26.42
N CYS A 1100 -19.35 -59.95 -25.71
CA CYS A 1100 -19.40 -59.94 -24.26
C CYS A 1100 -18.36 -60.83 -23.60
N TYR A 1101 -17.98 -61.94 -24.23
CA TYR A 1101 -16.94 -62.84 -23.71
C TYR A 1101 -17.32 -63.45 -22.37
N ILE A 1102 -18.57 -63.84 -22.21
CA ILE A 1102 -18.96 -64.62 -21.02
C ILE A 1102 -18.14 -65.90 -21.05
N PRO A 1103 -17.45 -66.24 -19.97
CA PRO A 1103 -16.40 -67.25 -20.04
C PRO A 1103 -16.86 -68.65 -19.74
N LYS A 1104 -16.07 -69.61 -20.21
CA LYS A 1104 -16.22 -71.03 -19.90
C LYS A 1104 -15.45 -71.32 -18.61
N ASN A 1105 -15.20 -72.61 -18.32
CA ASN A 1105 -14.39 -72.99 -17.16
C ASN A 1105 -15.04 -72.48 -15.87
N PRO A 1106 -16.13 -73.11 -15.42
CA PRO A 1106 -16.90 -72.58 -14.28
C PRO A 1106 -16.08 -72.16 -13.08
N TYR A 1107 -14.89 -72.72 -12.91
CA TYR A 1107 -14.03 -72.30 -11.80
C TYR A 1107 -13.61 -70.84 -11.96
N GLN A 1108 -13.46 -70.36 -13.19
CA GLN A 1108 -13.25 -68.94 -13.43
C GLN A 1108 -14.53 -68.19 -13.73
N TYR A 1109 -15.59 -68.88 -14.14
CA TYR A 1109 -16.90 -68.25 -14.23
C TYR A 1109 -17.41 -67.78 -12.87
N GLN A 1110 -17.03 -68.48 -11.80
CA GLN A 1110 -17.41 -68.02 -10.46
C GLN A 1110 -16.68 -66.74 -10.08
N VAL A 1111 -15.44 -66.58 -10.54
CA VAL A 1111 -14.76 -65.29 -10.38
C VAL A 1111 -15.39 -64.22 -11.25
N TRP A 1112 -15.78 -64.57 -12.47
CA TRP A 1112 -16.37 -63.60 -13.38
C TRP A 1112 -17.72 -63.10 -12.91
N TYR A 1113 -18.54 -63.96 -12.31
CA TYR A 1113 -19.86 -63.54 -11.87
C TYR A 1113 -19.81 -62.51 -10.75
N VAL A 1114 -18.73 -62.51 -9.94
CA VAL A 1114 -18.65 -61.62 -8.80
C VAL A 1114 -18.08 -60.25 -9.17
N VAL A 1115 -17.50 -60.11 -10.36
CA VAL A 1115 -16.95 -58.83 -10.78
C VAL A 1115 -17.85 -58.10 -11.77
N THR A 1116 -18.93 -58.74 -12.24
CA THR A 1116 -19.90 -58.09 -13.11
C THR A 1116 -21.20 -57.79 -12.38
N SER A 1117 -21.41 -58.37 -11.21
CA SER A 1117 -22.61 -58.11 -10.43
C SER A 1117 -22.68 -56.64 -10.03
N SER A 1118 -23.91 -56.11 -10.01
CA SER A 1118 -24.11 -54.68 -9.79
C SER A 1118 -23.50 -54.23 -8.47
N TYR A 1119 -23.55 -55.10 -7.47
CA TYR A 1119 -23.01 -54.76 -6.15
C TYR A 1119 -21.52 -54.42 -6.26
N PHE A 1120 -20.80 -55.15 -7.09
CA PHE A 1120 -19.37 -54.90 -7.23
C PHE A 1120 -19.11 -53.55 -7.87
N GLU A 1121 -19.85 -53.22 -8.93
CA GLU A 1121 -19.63 -51.93 -9.59
C GLU A 1121 -20.00 -50.78 -8.66
N TYR A 1122 -21.09 -50.91 -7.92
CA TYR A 1122 -21.43 -49.84 -6.97
C TYR A 1122 -20.41 -49.75 -5.84
N LEU A 1123 -19.84 -50.87 -5.40
CA LEU A 1123 -18.77 -50.81 -4.42
C LEU A 1123 -17.54 -50.11 -4.97
N MET A 1124 -17.20 -50.35 -6.24
CA MET A 1124 -16.08 -49.64 -6.84
C MET A 1124 -16.35 -48.16 -6.95
N PHE A 1125 -17.57 -47.78 -7.32
CA PHE A 1125 -17.93 -46.36 -7.34
C PHE A 1125 -17.77 -45.73 -5.96
N ALA A 1126 -18.27 -46.42 -4.93
CA ALA A 1126 -18.12 -45.91 -3.57
C ALA A 1126 -16.66 -45.80 -3.17
N LEU A 1127 -15.83 -46.74 -3.59
CA LEU A 1127 -14.40 -46.67 -3.27
C LEU A 1127 -13.76 -45.48 -3.96
N ILE A 1128 -14.14 -45.21 -5.21
CA ILE A 1128 -13.61 -44.06 -5.92
C ILE A 1128 -13.97 -42.77 -5.18
N MET A 1129 -15.23 -42.64 -4.79
CA MET A 1129 -15.63 -41.42 -4.09
C MET A 1129 -14.98 -41.30 -2.73
N LEU A 1130 -14.79 -42.42 -2.02
CA LEU A 1130 -14.10 -42.36 -0.74
C LEU A 1130 -12.64 -41.97 -0.91
N ASN A 1131 -11.99 -42.45 -1.96
CA ASN A 1131 -10.62 -42.01 -2.21
C ASN A 1131 -10.55 -40.53 -2.54
N THR A 1132 -11.49 -40.03 -3.33
CA THR A 1132 -11.52 -38.59 -3.59
C THR A 1132 -11.70 -37.79 -2.31
N ILE A 1133 -12.68 -38.14 -1.48
CA ILE A 1133 -12.85 -37.46 -0.20
C ILE A 1133 -11.62 -37.61 0.68
N CYS A 1134 -10.86 -38.68 0.52
CA CYS A 1134 -9.58 -38.83 1.19
C CYS A 1134 -8.51 -37.94 0.58
N LEU A 1135 -8.70 -37.48 -0.65
CA LEU A 1135 -7.74 -36.60 -1.31
C LEU A 1135 -7.97 -35.13 -1.01
N GLY A 1136 -9.19 -34.73 -0.71
CA GLY A 1136 -9.45 -33.35 -0.34
C GLY A 1136 -9.18 -33.01 1.09
N MET A 1137 -8.81 -34.00 1.91
CA MET A 1137 -8.56 -33.74 3.32
C MET A 1137 -7.26 -32.97 3.52
N GLN A 1138 -6.28 -33.18 2.65
CA GLN A 1138 -4.96 -32.60 2.84
C GLN A 1138 -5.03 -31.09 2.84
N HIS A 1139 -4.23 -30.47 3.70
CA HIS A 1139 -4.14 -29.02 3.78
C HIS A 1139 -2.70 -28.64 4.01
N TYR A 1140 -2.46 -27.38 4.32
CA TYR A 1140 -1.13 -26.85 4.55
C TYR A 1140 -0.93 -26.69 6.05
N HIS A 1141 0.09 -27.37 6.58
CA HIS A 1141 0.37 -27.42 8.01
C HIS A 1141 -0.77 -28.10 8.76
N HIS A 1148 2.63 -41.12 8.49
CA HIS A 1148 1.52 -40.17 8.39
C HIS A 1148 0.26 -40.86 7.90
N ILE A 1149 -0.89 -40.35 8.34
CA ILE A 1149 -2.18 -40.86 7.90
C ILE A 1149 -2.56 -40.33 6.52
N SER A 1150 -1.68 -39.54 5.90
CA SER A 1150 -1.94 -39.03 4.56
C SER A 1150 -1.54 -40.00 3.46
N ASP A 1151 -0.66 -40.95 3.75
CA ASP A 1151 -0.19 -41.89 2.73
C ASP A 1151 -0.53 -43.34 3.02
N ILE A 1152 -0.84 -43.69 4.27
CA ILE A 1152 -1.27 -45.07 4.50
C ILE A 1152 -2.56 -45.35 3.76
N LEU A 1153 -3.48 -44.39 3.71
CA LEU A 1153 -4.69 -44.61 2.92
C LEU A 1153 -4.42 -44.56 1.42
N ASN A 1154 -3.43 -43.78 0.99
CA ASN A 1154 -3.06 -43.82 -0.41
C ASN A 1154 -2.57 -45.20 -0.80
N VAL A 1155 -1.73 -45.83 0.02
CA VAL A 1155 -1.31 -47.20 -0.21
C VAL A 1155 -2.46 -48.19 -0.11
N ALA A 1156 -3.37 -47.99 0.85
CA ALA A 1156 -4.54 -48.85 0.97
C ALA A 1156 -5.36 -48.85 -0.33
N PHE A 1157 -5.65 -47.66 -0.85
CA PHE A 1157 -6.45 -47.56 -2.06
C PHE A 1157 -5.68 -48.06 -3.27
N THR A 1158 -4.36 -47.82 -3.31
CA THR A 1158 -3.56 -48.38 -4.39
C THR A 1158 -3.67 -49.88 -4.44
N ILE A 1159 -3.57 -50.53 -3.27
CA ILE A 1159 -3.63 -51.99 -3.24
C ILE A 1159 -5.04 -52.48 -3.56
N ILE A 1160 -6.07 -51.79 -3.07
CA ILE A 1160 -7.43 -52.22 -3.38
C ILE A 1160 -7.71 -52.11 -4.88
N PHE A 1161 -7.28 -51.03 -5.52
CA PHE A 1161 -7.51 -50.88 -6.95
C PHE A 1161 -6.57 -51.72 -7.79
N THR A 1162 -5.45 -52.17 -7.23
CA THR A 1162 -4.65 -53.19 -7.88
C THR A 1162 -5.32 -54.55 -7.85
N LEU A 1163 -5.88 -54.93 -6.72
CA LEU A 1163 -6.56 -56.22 -6.61
C LEU A 1163 -7.80 -56.30 -7.49
N GLU A 1164 -8.61 -55.26 -7.56
CA GLU A 1164 -9.78 -55.30 -8.42
C GLU A 1164 -9.41 -55.29 -9.90
N MET A 1165 -8.16 -55.00 -10.22
CA MET A 1165 -7.65 -55.12 -11.58
C MET A 1165 -7.13 -56.51 -11.88
N ILE A 1166 -6.31 -57.06 -10.98
CA ILE A 1166 -5.78 -58.41 -11.24
C ILE A 1166 -6.90 -59.44 -11.17
N LEU A 1167 -7.85 -59.27 -10.26
CA LEU A 1167 -8.99 -60.17 -10.21
C LEU A 1167 -9.88 -60.03 -11.43
N LYS A 1168 -10.06 -58.82 -11.94
CA LYS A 1168 -10.81 -58.66 -13.19
C LYS A 1168 -10.07 -59.30 -14.36
N LEU A 1169 -8.74 -59.22 -14.35
CA LEU A 1169 -7.95 -59.93 -15.35
C LEU A 1169 -8.24 -61.43 -15.30
N LEU A 1170 -8.17 -62.01 -14.10
CA LEU A 1170 -8.47 -63.43 -13.96
C LEU A 1170 -9.89 -63.74 -14.44
N ALA A 1171 -10.84 -62.86 -14.18
CA ALA A 1171 -12.21 -63.06 -14.59
C ALA A 1171 -12.43 -62.87 -16.08
N PHE A 1172 -11.51 -62.21 -16.78
CA PHE A 1172 -11.62 -62.02 -18.22
C PHE A 1172 -10.50 -62.68 -19.02
N LYS A 1173 -9.45 -63.16 -18.37
CA LYS A 1173 -8.38 -63.90 -19.03
C LYS A 1173 -7.65 -63.05 -20.08
N ALA A 1174 -7.50 -61.76 -19.78
CA ALA A 1174 -6.64 -60.84 -20.52
C ALA A 1174 -6.91 -60.85 -22.02
N ARG A 1175 -8.13 -61.16 -22.43
CA ARG A 1175 -8.49 -61.10 -23.84
C ARG A 1175 -9.77 -60.32 -23.98
N GLY A 1176 -10.58 -60.33 -22.93
CA GLY A 1176 -11.79 -59.52 -22.87
C GLY A 1176 -11.56 -58.32 -22.00
N TYR A 1177 -10.59 -58.42 -21.08
CA TYR A 1177 -10.22 -57.27 -20.28
C TYR A 1177 -9.69 -56.14 -21.17
N PHE A 1178 -8.73 -56.47 -22.04
CA PHE A 1178 -8.12 -55.46 -22.89
C PHE A 1178 -8.95 -55.14 -24.11
N GLY A 1179 -10.23 -55.46 -24.09
CA GLY A 1179 -11.11 -54.99 -25.14
C GLY A 1179 -11.78 -53.68 -24.77
N ASP A 1180 -12.43 -53.65 -23.62
CA ASP A 1180 -13.13 -52.46 -23.18
C ASP A 1180 -12.13 -51.34 -22.92
N PRO A 1181 -12.23 -50.20 -23.61
CA PRO A 1181 -11.25 -49.13 -23.37
C PRO A 1181 -11.22 -48.64 -21.94
N TRP A 1182 -12.34 -48.69 -21.23
CA TRP A 1182 -12.34 -48.31 -19.83
C TRP A 1182 -11.35 -49.16 -19.04
N ASN A 1183 -11.22 -50.44 -19.38
CA ASN A 1183 -10.27 -51.28 -18.68
C ASN A 1183 -8.84 -50.93 -19.03
N VAL A 1184 -8.59 -50.50 -20.27
CA VAL A 1184 -7.26 -50.00 -20.62
C VAL A 1184 -6.92 -48.77 -19.78
N PHE A 1185 -7.89 -47.87 -19.62
CA PHE A 1185 -7.66 -46.67 -18.83
C PHE A 1185 -7.39 -47.03 -17.37
N ASP A 1186 -8.18 -47.96 -16.82
CA ASP A 1186 -7.98 -48.41 -15.46
C ASP A 1186 -6.60 -49.02 -15.27
N PHE A 1187 -6.16 -49.85 -16.23
CA PHE A 1187 -4.83 -50.43 -16.20
C PHE A 1187 -3.75 -49.36 -16.17
N LEU A 1188 -3.85 -48.37 -17.05
CA LEU A 1188 -2.93 -47.25 -17.05
C LEU A 1188 -2.85 -46.58 -15.70
N ILE A 1189 -3.98 -46.19 -15.14
CA ILE A 1189 -3.99 -45.48 -13.85
C ILE A 1189 -3.45 -46.35 -12.73
N VAL A 1190 -3.78 -47.64 -12.74
CA VAL A 1190 -3.33 -48.52 -11.67
C VAL A 1190 -1.82 -48.62 -11.66
N ILE A 1191 -1.22 -48.93 -12.82
CA ILE A 1191 0.23 -49.07 -12.84
C ILE A 1191 0.91 -47.74 -12.59
N GLY A 1192 0.28 -46.63 -13.01
CA GLY A 1192 0.86 -45.33 -12.73
C GLY A 1192 0.92 -45.03 -11.24
N SER A 1193 -0.19 -45.27 -10.54
CA SER A 1193 -0.21 -45.03 -9.10
C SER A 1193 0.75 -45.97 -8.38
N ILE A 1194 0.90 -47.20 -8.88
CA ILE A 1194 1.86 -48.11 -8.26
C ILE A 1194 3.28 -47.62 -8.47
N ILE A 1195 3.61 -47.11 -9.64
CA ILE A 1195 4.93 -46.51 -9.85
C ILE A 1195 5.18 -45.34 -8.93
N ASP A 1196 4.18 -44.49 -8.70
CA ASP A 1196 4.35 -43.38 -7.76
C ASP A 1196 4.52 -43.84 -6.32
N VAL A 1197 3.73 -44.83 -5.89
CA VAL A 1197 3.74 -45.21 -4.48
C VAL A 1197 5.08 -45.83 -4.09
N ILE A 1198 5.82 -46.38 -5.06
CA ILE A 1198 7.16 -46.87 -4.78
C ILE A 1198 8.23 -45.86 -5.17
N LEU A 1199 7.91 -44.91 -6.04
CA LEU A 1199 8.86 -43.85 -6.33
C LEU A 1199 9.04 -42.93 -5.14
N SER A 1200 8.00 -42.76 -4.33
CA SER A 1200 8.18 -42.02 -3.09
C SER A 1200 8.92 -42.82 -2.02
N GLU A 1201 8.71 -44.13 -1.96
CA GLU A 1201 9.41 -44.95 -0.99
C GLU A 1201 10.88 -45.14 -1.33
N ILE A 1202 11.23 -45.18 -2.61
CA ILE A 1202 12.63 -45.22 -3.00
C ILE A 1202 13.37 -43.99 -2.47
N ASP A 1203 12.75 -42.81 -2.61
CA ASP A 1203 13.38 -41.59 -2.08
C ASP A 1203 13.42 -41.61 -0.56
N THR A 1204 12.29 -41.89 0.10
CA THR A 1204 12.24 -41.91 1.55
C THR A 1204 13.00 -43.09 2.16
N PHE A 1205 13.60 -43.93 1.33
CA PHE A 1205 14.35 -45.09 1.82
C PHE A 1205 15.73 -44.67 2.33
N LEU A 1206 16.51 -44.00 1.49
CA LEU A 1206 17.88 -43.63 1.83
C LEU A 1206 17.94 -42.63 2.98
N SER A 1232 9.51 -35.75 -8.73
CA SER A 1232 8.47 -36.40 -9.51
C SER A 1232 7.09 -36.13 -8.96
N ALA A 1233 6.69 -34.86 -8.97
CA ALA A 1233 5.41 -34.46 -8.41
C ALA A 1233 4.22 -34.90 -9.25
N PHE A 1234 4.38 -34.98 -10.57
CA PHE A 1234 3.26 -35.26 -11.45
C PHE A 1234 2.80 -36.71 -11.38
N PHE A 1235 3.63 -37.60 -10.88
CA PHE A 1235 3.23 -39.00 -10.76
C PHE A 1235 2.14 -39.19 -9.73
N ARG A 1236 1.85 -38.19 -8.90
CA ARG A 1236 0.75 -38.25 -7.96
C ARG A 1236 -0.58 -37.90 -8.59
N LEU A 1237 -0.59 -37.45 -9.83
CA LEU A 1237 -1.82 -37.12 -10.52
C LEU A 1237 -2.59 -38.34 -10.99
N PHE A 1238 -1.97 -39.52 -10.94
CA PHE A 1238 -2.64 -40.72 -11.42
C PHE A 1238 -3.63 -41.27 -10.41
N ARG A 1239 -3.54 -40.85 -9.15
CA ARG A 1239 -4.58 -41.18 -8.19
C ARG A 1239 -5.76 -40.24 -8.28
N VAL A 1240 -5.53 -38.99 -8.70
CA VAL A 1240 -6.63 -38.04 -8.91
C VAL A 1240 -7.48 -38.42 -10.09
N MET A 1241 -6.88 -38.91 -11.17
CA MET A 1241 -7.59 -39.22 -12.40
C MET A 1241 -8.51 -40.41 -12.26
N ARG A 1242 -8.53 -41.07 -11.11
CA ARG A 1242 -9.48 -42.14 -10.88
C ARG A 1242 -10.92 -41.63 -10.85
N LEU A 1243 -11.12 -40.31 -10.76
CA LEU A 1243 -12.46 -39.76 -10.78
C LEU A 1243 -13.12 -39.87 -12.15
N ILE A 1244 -12.33 -39.85 -13.23
CA ILE A 1244 -12.89 -39.95 -14.56
C ILE A 1244 -13.48 -41.32 -14.83
N LYS A 1245 -12.95 -42.36 -14.22
CA LYS A 1245 -13.42 -43.72 -14.47
C LYS A 1245 -14.82 -43.96 -13.96
N LEU A 1246 -15.38 -43.06 -13.16
CA LEU A 1246 -16.73 -43.23 -12.67
C LEU A 1246 -17.77 -42.65 -13.63
N LEU A 1247 -17.33 -42.01 -14.71
CA LEU A 1247 -18.25 -41.54 -15.73
C LEU A 1247 -18.61 -42.64 -16.72
N SER A 1248 -17.98 -43.81 -16.60
CA SER A 1248 -18.39 -44.98 -17.37
C SER A 1248 -19.74 -45.53 -16.92
N ARG A 1249 -20.31 -44.99 -15.85
CA ARG A 1249 -21.65 -45.38 -15.41
C ARG A 1249 -22.71 -44.35 -15.77
N ALA A 1250 -22.34 -43.07 -15.79
CA ALA A 1250 -23.28 -42.00 -16.09
C ALA A 1250 -23.38 -41.87 -17.61
N GLU A 1251 -24.36 -42.55 -18.20
CA GLU A 1251 -24.52 -42.52 -19.64
C GLU A 1251 -25.01 -41.17 -20.13
N GLY A 1252 -25.78 -40.44 -19.33
CA GLY A 1252 -26.31 -39.16 -19.79
C GLY A 1252 -25.22 -38.13 -20.02
N VAL A 1253 -24.12 -38.23 -19.28
CA VAL A 1253 -22.98 -37.35 -19.48
C VAL A 1253 -22.05 -37.90 -20.54
N ARG A 1254 -21.93 -39.22 -20.59
CA ARG A 1254 -21.07 -39.86 -21.59
C ARG A 1254 -21.55 -39.53 -22.99
N THR A 1255 -22.87 -39.59 -23.22
CA THR A 1255 -23.36 -39.33 -24.57
C THR A 1255 -23.11 -37.89 -24.98
N LEU A 1256 -23.34 -36.94 -24.08
CA LEU A 1256 -23.09 -35.55 -24.41
C LEU A 1256 -21.63 -35.32 -24.73
N LEU A 1257 -20.74 -35.81 -23.87
CA LEU A 1257 -19.31 -35.67 -24.11
C LEU A 1257 -18.91 -36.31 -25.43
N TRP A 1258 -19.51 -37.45 -25.76
CA TRP A 1258 -19.13 -38.13 -26.99
C TRP A 1258 -19.61 -37.37 -28.22
N THR A 1259 -20.86 -36.89 -28.19
CA THR A 1259 -21.37 -36.19 -29.36
C THR A 1259 -20.67 -34.85 -29.56
N PHE A 1260 -20.02 -34.33 -28.53
CA PHE A 1260 -19.26 -33.10 -28.79
C PHE A 1260 -17.80 -33.36 -29.14
N ILE A 1261 -17.17 -34.40 -28.59
CA ILE A 1261 -15.84 -34.77 -29.03
C ILE A 1261 -15.85 -35.35 -30.44
N LYS A 1262 -16.92 -36.02 -30.83
CA LYS A 1262 -17.16 -36.47 -32.20
C LYS A 1262 -17.17 -35.34 -33.21
N SER A 1263 -17.73 -34.20 -32.86
CA SER A 1263 -17.77 -33.05 -33.75
C SER A 1263 -16.54 -32.17 -33.65
N PHE A 1264 -15.81 -32.21 -32.54
CA PHE A 1264 -14.55 -31.51 -32.47
C PHE A 1264 -13.43 -32.24 -33.20
N GLN A 1265 -13.67 -33.47 -33.63
CA GLN A 1265 -12.67 -34.22 -34.39
C GLN A 1265 -13.02 -34.36 -35.87
N ALA A 1266 -14.28 -34.16 -36.24
CA ALA A 1266 -14.69 -34.21 -37.63
C ALA A 1266 -14.56 -32.87 -38.32
N LEU A 1267 -14.08 -31.85 -37.62
CA LEU A 1267 -13.86 -30.54 -38.21
C LEU A 1267 -12.55 -29.96 -37.71
N PRO A 1268 -11.40 -30.55 -38.07
CA PRO A 1268 -10.12 -29.96 -37.65
C PRO A 1268 -9.63 -28.86 -38.56
N TYR A 1269 -10.14 -28.78 -39.79
CA TYR A 1269 -9.68 -27.77 -40.72
C TYR A 1269 -10.22 -26.38 -40.42
N VAL A 1270 -11.12 -26.25 -39.45
CA VAL A 1270 -11.53 -24.94 -38.99
C VAL A 1270 -10.74 -24.51 -37.76
N ALA A 1271 -10.38 -25.44 -36.89
CA ALA A 1271 -9.45 -25.14 -35.82
C ALA A 1271 -8.05 -24.82 -36.36
N LEU A 1272 -7.66 -25.42 -37.48
CA LEU A 1272 -6.41 -25.04 -38.11
C LEU A 1272 -6.42 -23.59 -38.57
N LEU A 1273 -7.59 -23.03 -38.85
CA LEU A 1273 -7.66 -21.60 -39.15
C LEU A 1273 -7.22 -20.77 -37.95
N ILE A 1274 -7.76 -21.07 -36.77
CA ILE A 1274 -7.37 -20.33 -35.58
C ILE A 1274 -5.90 -20.55 -35.26
N VAL A 1275 -5.40 -21.76 -35.47
CA VAL A 1275 -3.98 -22.00 -35.21
C VAL A 1275 -3.11 -21.19 -36.15
N MET A 1276 -3.47 -21.10 -37.43
CA MET A 1276 -2.69 -20.30 -38.36
C MET A 1276 -2.80 -18.82 -38.05
N LEU A 1277 -3.97 -18.35 -37.64
CA LEU A 1277 -4.11 -16.96 -37.19
C LEU A 1277 -3.19 -16.65 -36.02
N PHE A 1278 -3.20 -17.50 -35.00
CA PHE A 1278 -2.31 -17.31 -33.87
C PHE A 1278 -0.85 -17.30 -34.29
N PHE A 1279 -0.45 -18.20 -35.20
CA PHE A 1279 0.93 -18.21 -35.65
C PHE A 1279 1.30 -16.91 -36.36
N ILE A 1280 0.47 -16.48 -37.32
CA ILE A 1280 0.75 -15.27 -38.07
C ILE A 1280 0.89 -14.08 -37.12
N TYR A 1281 -0.07 -13.90 -36.23
CA TYR A 1281 -0.05 -12.72 -35.37
C TYR A 1281 1.08 -12.80 -34.36
N ALA A 1282 1.44 -14.00 -33.91
CA ALA A 1282 2.57 -14.14 -33.00
C ALA A 1282 3.86 -13.70 -33.69
N VAL A 1283 4.03 -14.09 -34.95
CA VAL A 1283 5.25 -13.71 -35.67
C VAL A 1283 5.30 -12.21 -35.89
N ILE A 1284 4.19 -11.63 -36.35
CA ILE A 1284 4.17 -10.18 -36.60
C ILE A 1284 4.41 -9.41 -35.32
N GLY A 1285 3.88 -9.92 -34.20
CA GLY A 1285 4.11 -9.25 -32.93
C GLY A 1285 5.56 -9.33 -32.50
N MET A 1286 6.17 -10.52 -32.63
CA MET A 1286 7.59 -10.64 -32.32
C MET A 1286 8.41 -9.68 -33.15
N GLN A 1287 7.97 -9.42 -34.38
CA GLN A 1287 8.70 -8.49 -35.25
C GLN A 1287 8.53 -7.05 -34.78
N MET A 1288 7.29 -6.57 -34.69
CA MET A 1288 7.05 -5.14 -34.48
C MET A 1288 7.52 -4.68 -33.11
N PHE A 1289 6.91 -5.20 -32.06
CA PHE A 1289 7.24 -4.82 -30.69
C PHE A 1289 7.75 -6.05 -29.95
N GLY A 1290 9.04 -6.32 -30.08
CA GLY A 1290 9.67 -7.41 -29.38
C GLY A 1290 10.95 -6.96 -28.70
N LYS A 1291 11.32 -5.70 -28.92
CA LYS A 1291 12.51 -5.13 -28.31
C LYS A 1291 12.17 -4.22 -27.14
N ILE A 1292 10.91 -4.21 -26.71
CA ILE A 1292 10.52 -3.40 -25.57
C ILE A 1292 11.09 -4.03 -24.30
N ALA A 1293 11.62 -3.19 -23.42
CA ALA A 1293 12.22 -3.70 -22.20
C ALA A 1293 11.17 -4.35 -21.32
N LEU A 1294 11.65 -5.10 -20.33
CA LEU A 1294 10.80 -5.79 -19.36
C LEU A 1294 10.92 -5.05 -18.04
N VAL A 1295 9.80 -4.49 -17.58
CA VAL A 1295 9.79 -3.73 -16.35
C VAL A 1295 8.44 -3.93 -15.66
N ASP A 1296 8.48 -4.05 -14.34
CA ASP A 1296 7.25 -4.21 -13.57
C ASP A 1296 6.50 -2.89 -13.49
N GLY A 1297 5.18 -2.98 -13.37
CA GLY A 1297 4.32 -1.83 -13.46
C GLY A 1297 3.70 -1.63 -14.82
N THR A 1298 4.26 -2.25 -15.85
CA THR A 1298 3.69 -2.26 -17.18
C THR A 1298 3.09 -3.62 -17.46
N GLN A 1299 2.34 -3.71 -18.55
CA GLN A 1299 1.76 -4.98 -18.95
C GLN A 1299 2.67 -5.77 -19.87
N ILE A 1300 3.86 -5.25 -20.15
CA ILE A 1300 4.91 -5.98 -20.86
C ILE A 1300 6.01 -6.23 -19.85
N ASN A 1301 6.04 -7.44 -19.29
CA ASN A 1301 6.88 -7.74 -18.14
C ASN A 1301 7.51 -9.11 -18.33
N ARG A 1302 8.06 -9.67 -17.27
CA ARG A 1302 8.75 -10.95 -17.41
C ARG A 1302 7.79 -12.09 -17.69
N ASN A 1303 6.48 -11.88 -17.51
CA ASN A 1303 5.49 -12.92 -17.71
C ASN A 1303 4.69 -12.73 -18.99
N ASN A 1304 4.69 -11.54 -19.56
CA ASN A 1304 3.83 -11.19 -20.69
C ASN A 1304 4.64 -10.30 -21.62
N ASN A 1305 5.27 -10.90 -22.62
CA ASN A 1305 6.11 -10.13 -23.52
C ASN A 1305 6.20 -10.85 -24.86
N PHE A 1306 6.87 -10.19 -25.81
CA PHE A 1306 7.05 -10.71 -27.16
C PHE A 1306 8.49 -11.13 -27.43
N GLN A 1307 9.24 -11.49 -26.39
CA GLN A 1307 10.65 -11.80 -26.59
C GLN A 1307 10.82 -13.11 -27.34
N THR A 1308 10.15 -14.16 -26.89
CA THR A 1308 10.23 -15.46 -27.53
C THR A 1308 8.91 -15.78 -28.21
N PHE A 1309 8.83 -16.96 -28.81
CA PHE A 1309 7.62 -17.32 -29.51
C PHE A 1309 6.52 -17.83 -28.57
N PRO A 1310 6.81 -18.74 -27.63
CA PRO A 1310 5.74 -19.17 -26.72
C PRO A 1310 5.19 -18.04 -25.88
N GLN A 1311 6.01 -17.05 -25.51
CA GLN A 1311 5.48 -15.92 -24.76
C GLN A 1311 4.54 -15.08 -25.62
N ALA A 1312 4.83 -14.96 -26.91
CA ALA A 1312 3.93 -14.23 -27.79
C ALA A 1312 2.61 -14.98 -27.97
N VAL A 1313 2.68 -16.30 -28.12
CA VAL A 1313 1.43 -17.06 -28.25
C VAL A 1313 0.64 -17.01 -26.94
N LEU A 1314 1.31 -16.97 -25.80
CA LEU A 1314 0.60 -16.86 -24.55
C LEU A 1314 -0.05 -15.49 -24.39
N LEU A 1315 0.64 -14.43 -24.79
CA LEU A 1315 0.04 -13.11 -24.76
C LEU A 1315 -1.19 -13.05 -25.67
N LEU A 1316 -1.12 -13.72 -26.82
CA LEU A 1316 -2.27 -13.69 -27.71
C LEU A 1316 -3.43 -14.51 -27.15
N PHE A 1317 -3.15 -15.63 -26.50
CA PHE A 1317 -4.21 -16.37 -25.84
C PHE A 1317 -4.77 -15.60 -24.66
N ARG A 1318 -3.98 -14.72 -24.07
CA ARG A 1318 -4.49 -13.86 -23.01
C ARG A 1318 -5.46 -12.85 -23.57
N CYS A 1319 -5.05 -12.13 -24.61
CA CYS A 1319 -5.95 -11.16 -25.24
C CYS A 1319 -7.18 -11.82 -25.85
N ALA A 1320 -7.12 -13.11 -26.19
CA ALA A 1320 -8.29 -13.77 -26.76
C ALA A 1320 -9.38 -13.97 -25.72
N THR A 1321 -9.03 -14.54 -24.56
CA THR A 1321 -9.99 -14.71 -23.49
C THR A 1321 -10.51 -13.37 -22.97
N GLY A 1322 -9.79 -12.29 -23.25
CA GLY A 1322 -10.24 -10.98 -22.87
C GLY A 1322 -9.72 -10.53 -21.52
N GLU A 1323 -8.43 -10.68 -21.29
CA GLU A 1323 -7.84 -10.06 -20.12
C GLU A 1323 -7.58 -8.60 -20.47
N ALA A 1324 -6.79 -7.90 -19.67
CA ALA A 1324 -6.72 -6.46 -19.88
C ALA A 1324 -5.95 -6.15 -21.14
N TRP A 1325 -6.51 -6.54 -22.28
CA TRP A 1325 -5.82 -6.36 -23.55
C TRP A 1325 -5.69 -4.90 -23.91
N GLN A 1326 -6.63 -4.07 -23.46
CA GLN A 1326 -6.55 -2.64 -23.75
C GLN A 1326 -5.39 -1.96 -23.06
N GLU A 1327 -4.79 -2.61 -22.07
CA GLU A 1327 -3.61 -2.06 -21.40
C GLU A 1327 -2.31 -2.57 -22.01
N ILE A 1328 -2.33 -3.77 -22.59
CA ILE A 1328 -1.21 -4.15 -23.44
C ILE A 1328 -1.17 -3.28 -24.67
N LEU A 1329 -2.34 -2.98 -25.25
CA LEU A 1329 -2.39 -2.12 -26.43
C LEU A 1329 -1.73 -0.77 -26.17
N LEU A 1330 -1.75 -0.30 -24.94
CA LEU A 1330 -1.06 0.92 -24.57
C LEU A 1330 0.35 0.66 -24.04
N ALA A 1331 0.65 -0.57 -23.65
CA ALA A 1331 1.97 -0.90 -23.17
C ALA A 1331 3.00 -0.96 -24.30
N CYS A 1332 2.56 -0.99 -25.55
CA CYS A 1332 3.46 -0.93 -26.71
C CYS A 1332 2.91 0.12 -27.69
N SER A 1333 3.22 1.39 -27.46
CA SER A 1333 2.81 2.41 -28.42
C SER A 1333 3.82 3.57 -28.37
N TYR A 1334 4.88 3.45 -29.17
CA TYR A 1334 5.88 4.47 -29.42
C TYR A 1334 6.18 5.37 -28.23
N GLY A 1335 6.56 4.81 -27.10
CA GLY A 1335 7.15 5.64 -26.07
C GLY A 1335 8.13 4.87 -25.22
N LYS A 1336 8.38 3.63 -25.65
CA LYS A 1336 8.89 2.62 -24.75
C LYS A 1336 10.41 2.57 -24.77
N LEU A 1337 10.98 1.99 -23.74
CA LEU A 1337 12.42 1.87 -23.63
C LEU A 1337 12.88 0.54 -24.19
N CYS A 1338 13.68 0.57 -25.26
CA CYS A 1338 14.15 -0.69 -25.83
C CYS A 1338 15.08 -1.43 -24.89
N ASP A 1339 15.10 -2.75 -25.06
CA ASP A 1339 15.85 -3.64 -24.21
C ASP A 1339 17.33 -3.24 -24.20
N PRO A 1340 18.00 -3.37 -23.06
CA PRO A 1340 19.45 -3.11 -23.05
C PRO A 1340 20.23 -3.97 -24.04
N GLU A 1341 20.10 -5.29 -23.95
CA GLU A 1341 20.91 -6.16 -24.77
C GLU A 1341 20.54 -6.12 -26.25
N SER A 1342 19.50 -5.40 -26.63
CA SER A 1342 19.24 -5.23 -28.05
C SER A 1342 20.21 -4.21 -28.63
N ASP A 1343 20.28 -4.17 -29.96
CA ASP A 1343 21.16 -3.26 -30.66
C ASP A 1343 20.36 -2.07 -31.14
N TYR A 1344 20.87 -0.87 -30.87
CA TYR A 1344 20.22 0.36 -31.34
C TYR A 1344 21.27 1.46 -31.41
N ALA A 1345 20.81 2.65 -31.75
CA ALA A 1345 21.67 3.81 -31.85
C ALA A 1345 21.77 4.51 -30.50
N PRO A 1346 22.79 5.34 -30.28
CA PRO A 1346 22.83 6.14 -29.04
C PRO A 1346 21.79 7.25 -29.09
N GLY A 1347 21.18 7.55 -27.94
CA GLY A 1347 20.17 8.56 -27.81
C GLY A 1347 18.77 8.07 -28.09
N GLU A 1348 18.63 6.97 -28.83
CA GLU A 1348 17.32 6.40 -29.16
C GLU A 1348 16.98 5.27 -28.20
N GLU A 1349 16.79 5.63 -26.93
CA GLU A 1349 16.31 4.69 -25.94
C GLU A 1349 14.79 4.67 -25.86
N TYR A 1350 14.18 5.85 -25.71
CA TYR A 1350 12.73 5.95 -25.60
C TYR A 1350 12.14 6.16 -26.99
N THR A 1351 12.42 5.19 -27.85
CA THR A 1351 11.88 5.17 -29.19
C THR A 1351 11.25 3.83 -29.56
N CYS A 1352 10.80 3.05 -28.59
CA CYS A 1352 10.52 1.67 -28.87
C CYS A 1352 9.02 1.46 -28.97
N GLY A 1353 8.62 0.39 -29.64
CA GLY A 1353 7.20 0.17 -29.89
C GLY A 1353 6.68 1.10 -30.95
N THR A 1354 5.58 0.74 -31.61
CA THR A 1354 5.03 1.53 -32.69
C THR A 1354 3.56 1.78 -32.45
N ASN A 1355 3.02 2.79 -33.13
CA ASN A 1355 1.59 3.02 -33.06
C ASN A 1355 0.79 2.05 -33.91
N PHE A 1356 1.45 1.28 -34.78
CA PHE A 1356 0.78 0.22 -35.52
C PHE A 1356 0.07 -0.74 -34.58
N ALA A 1357 0.46 -0.76 -33.30
CA ALA A 1357 -0.23 -1.60 -32.32
C ALA A 1357 -1.72 -1.34 -32.30
N TYR A 1358 -2.13 -0.10 -32.56
CA TYR A 1358 -3.56 0.19 -32.53
C TYR A 1358 -4.33 -0.61 -33.56
N TYR A 1359 -3.70 -0.91 -34.71
CA TYR A 1359 -4.31 -1.81 -35.67
C TYR A 1359 -4.01 -3.26 -35.40
N TYR A 1360 -2.95 -3.55 -34.64
CA TYR A 1360 -2.57 -4.93 -34.42
C TYR A 1360 -3.51 -5.62 -33.45
N PHE A 1361 -3.93 -4.92 -32.40
CA PHE A 1361 -4.80 -5.51 -31.39
C PHE A 1361 -6.27 -5.36 -31.76
N ILE A 1362 -6.69 -4.15 -32.11
CA ILE A 1362 -8.09 -3.91 -32.49
C ILE A 1362 -8.55 -4.90 -33.54
N SER A 1363 -7.68 -5.18 -34.52
CA SER A 1363 -8.04 -6.17 -35.53
C SER A 1363 -8.05 -7.57 -34.95
N PHE A 1364 -6.97 -7.94 -34.24
CA PHE A 1364 -6.83 -9.31 -33.77
C PHE A 1364 -8.08 -9.75 -33.04
N TYR A 1365 -8.42 -9.03 -31.97
CA TYR A 1365 -9.64 -9.32 -31.23
C TYR A 1365 -10.80 -9.59 -32.18
N MET A 1366 -11.11 -8.61 -33.02
CA MET A 1366 -12.23 -8.75 -33.94
C MET A 1366 -12.11 -10.03 -34.75
N LEU A 1367 -10.94 -10.25 -35.36
CA LEU A 1367 -10.73 -11.47 -36.13
C LEU A 1367 -10.97 -12.70 -35.27
N CYS A 1368 -10.34 -12.74 -34.10
CA CYS A 1368 -10.50 -13.90 -33.24
C CYS A 1368 -11.90 -13.98 -32.66
N ALA A 1369 -12.64 -12.87 -32.66
CA ALA A 1369 -14.02 -12.95 -32.23
C ALA A 1369 -14.85 -13.72 -33.24
N PHE A 1370 -14.48 -13.65 -34.52
CA PHE A 1370 -15.23 -14.32 -35.57
C PHE A 1370 -14.87 -15.81 -35.64
N LEU A 1371 -13.59 -16.11 -35.84
CA LEU A 1371 -13.14 -17.48 -36.02
C LEU A 1371 -13.67 -18.38 -34.91
N ILE A 1372 -13.46 -17.98 -33.65
CA ILE A 1372 -13.97 -18.76 -32.53
C ILE A 1372 -15.45 -19.05 -32.71
N ILE A 1373 -16.24 -18.00 -32.94
CA ILE A 1373 -17.67 -18.18 -33.15
C ILE A 1373 -17.92 -19.15 -34.29
N ASN A 1374 -17.17 -19.02 -35.37
CA ASN A 1374 -17.21 -20.01 -36.44
C ASN A 1374 -17.11 -21.42 -35.88
N LEU A 1375 -15.98 -21.71 -35.24
CA LEU A 1375 -15.77 -23.03 -34.66
C LEU A 1375 -16.86 -23.41 -33.67
N PHE A 1376 -17.51 -22.42 -33.08
CA PHE A 1376 -18.52 -22.70 -32.07
C PHE A 1376 -19.87 -23.04 -32.67
N VAL A 1377 -20.14 -22.64 -33.90
CA VAL A 1377 -21.44 -22.92 -34.47
C VAL A 1377 -21.42 -24.17 -35.34
N ALA A 1378 -20.34 -24.35 -36.12
CA ALA A 1378 -20.16 -25.59 -36.85
C ALA A 1378 -20.37 -26.79 -35.94
N VAL A 1379 -19.54 -26.89 -34.90
CA VAL A 1379 -19.65 -27.96 -33.91
C VAL A 1379 -21.07 -28.09 -33.40
N ILE A 1380 -21.79 -26.98 -33.27
CA ILE A 1380 -23.16 -27.07 -32.78
C ILE A 1380 -24.09 -27.55 -33.86
N MET A 1381 -23.98 -26.98 -35.08
CA MET A 1381 -24.92 -27.39 -36.12
C MET A 1381 -24.68 -28.82 -36.54
N ASP A 1382 -23.43 -29.27 -36.49
CA ASP A 1382 -23.11 -30.66 -36.74
C ASP A 1382 -23.86 -31.63 -35.82
N ASN A 1383 -24.33 -31.14 -34.68
CA ASN A 1383 -25.05 -31.98 -33.72
C ASN A 1383 -26.54 -31.72 -33.71
N PHE A 1384 -27.07 -30.99 -34.70
CA PHE A 1384 -28.45 -30.53 -34.58
C PHE A 1384 -29.49 -31.65 -34.54
N ASP A 1385 -29.10 -32.90 -34.73
CA ASP A 1385 -30.07 -33.99 -34.57
C ASP A 1385 -30.13 -34.44 -33.12
N TYR A 1386 -28.99 -34.48 -32.43
CA TYR A 1386 -28.99 -34.89 -31.04
C TYR A 1386 -29.64 -33.85 -30.14
N LEU A 1387 -29.25 -32.58 -30.30
CA LEU A 1387 -29.77 -31.53 -29.42
C LEU A 1387 -31.28 -31.43 -29.51
N THR A 1388 -31.81 -31.41 -30.73
CA THR A 1388 -33.25 -31.34 -30.95
C THR A 1388 -33.77 -32.76 -31.18
N ARG A 1389 -34.01 -33.47 -30.08
CA ARG A 1389 -34.44 -34.86 -30.12
C ARG A 1389 -35.38 -35.13 -28.97
N ASP A 1390 -36.64 -35.40 -29.28
CA ASP A 1390 -37.61 -35.73 -28.25
C ASP A 1390 -37.28 -37.07 -27.63
N TRP A 1391 -36.88 -37.06 -26.36
CA TRP A 1391 -36.45 -38.26 -25.67
C TRP A 1391 -37.59 -39.15 -25.23
N SER A 1392 -38.80 -38.94 -25.76
CA SER A 1392 -39.98 -39.65 -25.33
C SER A 1392 -40.57 -40.56 -26.39
N ILE A 1393 -40.30 -40.32 -27.67
CA ILE A 1393 -40.96 -41.04 -28.75
C ILE A 1393 -40.16 -42.26 -29.19
N LEU A 1394 -38.97 -42.03 -29.74
CA LEU A 1394 -38.23 -43.09 -30.41
C LEU A 1394 -36.90 -42.51 -30.88
N GLY A 1395 -35.85 -43.32 -30.79
CA GLY A 1395 -34.53 -42.87 -31.17
C GLY A 1395 -33.46 -43.88 -30.86
N PRO A 1396 -32.24 -43.61 -31.33
CA PRO A 1396 -31.18 -44.61 -31.26
C PRO A 1396 -30.78 -45.03 -29.85
N HIS A 1397 -31.25 -44.35 -28.81
CA HIS A 1397 -30.99 -44.87 -27.46
C HIS A 1397 -31.77 -46.16 -27.22
N HIS A 1398 -33.03 -46.20 -27.66
CA HIS A 1398 -33.79 -47.45 -27.61
C HIS A 1398 -33.15 -48.52 -28.48
N LEU A 1399 -32.57 -48.12 -29.61
CA LEU A 1399 -31.91 -49.11 -30.46
C LEU A 1399 -30.64 -49.64 -29.81
N ASP A 1400 -29.95 -48.81 -29.04
CA ASP A 1400 -28.81 -49.29 -28.27
C ASP A 1400 -29.27 -50.26 -27.18
N GLU A 1401 -30.41 -49.97 -26.56
CA GLU A 1401 -31.02 -50.93 -25.64
C GLU A 1401 -31.27 -52.26 -26.35
N PHE A 1402 -31.77 -52.20 -27.58
CA PHE A 1402 -32.03 -53.43 -28.34
C PHE A 1402 -30.73 -54.20 -28.59
N LYS A 1403 -29.69 -53.49 -29.04
CA LYS A 1403 -28.39 -54.13 -29.21
C LYS A 1403 -27.94 -54.81 -27.93
N ALA A 1404 -28.14 -54.15 -26.79
CA ALA A 1404 -27.72 -54.72 -25.52
C ALA A 1404 -28.46 -56.02 -25.23
N ILE A 1405 -29.79 -55.98 -25.27
CA ILE A 1405 -30.54 -57.18 -24.92
C ILE A 1405 -30.30 -58.29 -25.93
N TRP A 1406 -30.00 -57.94 -27.18
CA TRP A 1406 -29.68 -58.95 -28.17
C TRP A 1406 -28.35 -59.63 -27.86
N ALA A 1407 -27.30 -58.83 -27.64
CA ALA A 1407 -26.01 -59.39 -27.27
C ALA A 1407 -26.06 -60.12 -25.94
N GLU A 1408 -27.11 -59.89 -25.14
CA GLU A 1408 -27.29 -60.68 -23.92
C GLU A 1408 -27.52 -62.15 -24.24
N TYR A 1409 -28.50 -62.43 -25.10
CA TYR A 1409 -28.74 -63.80 -25.55
C TYR A 1409 -27.73 -64.24 -26.60
N ASP A 1410 -26.97 -63.31 -27.16
CA ASP A 1410 -25.98 -63.57 -28.19
C ASP A 1410 -24.63 -63.10 -27.65
N PRO A 1411 -24.04 -63.86 -26.72
CA PRO A 1411 -22.85 -63.36 -26.00
C PRO A 1411 -21.70 -63.01 -26.94
N GLU A 1412 -21.23 -63.99 -27.70
CA GLU A 1412 -20.27 -63.73 -28.75
C GLU A 1412 -21.02 -63.12 -29.93
N ALA A 1413 -20.29 -62.49 -30.85
CA ALA A 1413 -20.90 -61.83 -32.00
C ALA A 1413 -21.81 -62.80 -32.76
N LYS A 1414 -21.22 -63.85 -33.34
CA LYS A 1414 -21.96 -65.02 -33.80
C LYS A 1414 -22.97 -64.70 -34.91
N GLY A 1415 -23.07 -63.44 -35.34
CA GLY A 1415 -24.08 -63.08 -36.32
C GLY A 1415 -25.48 -63.13 -35.75
N ARG A 1416 -26.44 -63.59 -36.55
CA ARG A 1416 -27.82 -63.75 -36.11
C ARG A 1416 -27.99 -65.05 -35.32
N ILE A 1417 -29.07 -65.12 -34.54
CA ILE A 1417 -29.28 -66.19 -33.58
C ILE A 1417 -30.52 -67.00 -33.96
N LYS A 1418 -30.67 -68.13 -33.27
CA LYS A 1418 -31.69 -69.13 -33.57
C LYS A 1418 -33.09 -68.51 -33.44
N HIS A 1419 -34.06 -69.12 -34.12
CA HIS A 1419 -35.38 -68.53 -34.27
C HIS A 1419 -36.01 -68.18 -32.93
N LEU A 1420 -36.25 -69.19 -32.09
CA LEU A 1420 -36.86 -68.93 -30.78
C LEU A 1420 -35.95 -68.07 -29.92
N ASP A 1421 -34.78 -68.59 -29.56
CA ASP A 1421 -33.83 -67.82 -28.76
C ASP A 1421 -32.41 -68.26 -29.09
N VAL A 1423 -36.80 -64.88 -29.71
CA VAL A 1423 -38.02 -64.09 -29.83
C VAL A 1423 -38.41 -63.56 -28.46
N THR A 1424 -38.04 -64.30 -27.41
CA THR A 1424 -38.37 -63.86 -26.05
C THR A 1424 -37.72 -62.54 -25.69
N LEU A 1425 -36.72 -62.09 -26.45
CA LEU A 1425 -36.20 -60.75 -26.23
C LEU A 1425 -37.25 -59.69 -26.56
N LEU A 1426 -38.15 -59.99 -27.48
CA LEU A 1426 -39.30 -59.10 -27.72
C LEU A 1426 -40.22 -59.06 -26.50
N ARG A 1427 -40.18 -60.08 -25.65
CA ARG A 1427 -40.84 -60.02 -24.35
C ARG A 1427 -40.07 -59.18 -23.35
N ARG A 1428 -38.84 -58.78 -23.68
CA ARG A 1428 -38.00 -58.00 -22.78
C ARG A 1428 -37.73 -56.60 -23.33
N ILE A 1429 -38.60 -56.11 -24.21
CA ILE A 1429 -38.50 -54.75 -24.72
C ILE A 1429 -39.68 -53.95 -24.17
N GLN A 1430 -39.44 -52.66 -23.95
CA GLN A 1430 -40.40 -51.78 -23.32
C GLN A 1430 -41.09 -50.89 -24.36
N PRO A 1431 -42.14 -50.17 -23.97
CA PRO A 1431 -43.17 -49.71 -24.95
C PRO A 1431 -42.60 -49.17 -26.25
N PRO A 1432 -41.67 -48.20 -26.23
CA PRO A 1432 -41.33 -47.50 -27.49
C PRO A 1432 -40.99 -48.42 -28.65
N LEU A 1433 -40.63 -49.67 -28.38
CA LEU A 1433 -40.45 -50.66 -29.42
C LEU A 1433 -41.44 -51.81 -29.35
N GLY A 1434 -42.29 -51.86 -28.33
CA GLY A 1434 -43.24 -52.94 -28.15
C GLY A 1434 -44.26 -53.08 -29.26
N MET B 1 -4.99 -59.52 -37.43
CA MET B 1 -3.80 -58.69 -37.49
C MET B 1 -4.03 -57.38 -38.22
N SER B 2 -5.29 -57.10 -38.57
CA SER B 2 -5.60 -55.85 -39.26
C SER B 2 -5.00 -54.62 -38.58
N PRO B 3 -5.05 -54.45 -37.25
CA PRO B 3 -4.28 -53.37 -36.62
C PRO B 3 -2.84 -53.73 -36.31
N THR B 4 -2.40 -54.96 -36.63
CA THR B 4 -1.06 -55.41 -36.31
C THR B 4 -0.07 -55.26 -37.46
N GLU B 5 -0.56 -54.96 -38.67
CA GLU B 5 0.33 -54.79 -39.81
C GLU B 5 0.02 -53.53 -40.62
N ALA B 6 -0.61 -52.54 -39.99
CA ALA B 6 -0.82 -51.27 -40.66
C ALA B 6 0.49 -50.53 -40.83
N PRO B 7 0.62 -49.70 -41.87
CA PRO B 7 1.87 -48.94 -42.01
C PRO B 7 2.00 -47.84 -40.98
N LYS B 8 0.91 -47.14 -40.69
CA LYS B 8 0.95 -46.05 -39.73
C LYS B 8 1.30 -46.51 -38.33
N VAL B 9 1.23 -47.82 -38.05
CA VAL B 9 1.56 -48.31 -36.72
C VAL B 9 2.92 -49.00 -36.77
N ARG B 10 3.30 -49.53 -37.94
CA ARG B 10 4.62 -50.09 -38.08
C ARG B 10 5.68 -49.00 -38.04
N VAL B 11 5.38 -47.83 -38.61
CA VAL B 11 6.29 -46.71 -38.47
C VAL B 11 6.37 -46.23 -37.01
N THR B 12 5.27 -46.34 -36.26
CA THR B 12 5.32 -45.94 -34.86
C THR B 12 6.18 -46.90 -34.05
N LEU B 13 6.05 -48.21 -34.27
CA LEU B 13 6.92 -49.12 -33.53
C LEU B 13 8.36 -49.03 -34.01
N PHE B 14 8.58 -48.59 -35.25
CA PHE B 14 9.94 -48.26 -35.68
C PHE B 14 10.50 -47.11 -34.85
N CYS B 15 9.73 -46.03 -34.73
CA CYS B 15 10.13 -44.93 -33.87
C CYS B 15 10.33 -45.39 -32.44
N ILE B 16 9.50 -46.33 -31.99
CA ILE B 16 9.66 -46.90 -30.65
C ILE B 16 11.01 -47.59 -30.52
N LEU B 17 11.40 -48.36 -31.54
CA LEU B 17 12.68 -49.06 -31.50
C LEU B 17 13.84 -48.06 -31.49
N VAL B 18 13.72 -46.98 -32.27
CA VAL B 18 14.74 -45.93 -32.23
C VAL B 18 14.82 -45.32 -30.85
N GLY B 19 13.67 -45.10 -30.21
CA GLY B 19 13.67 -44.64 -28.83
C GLY B 19 14.33 -45.64 -27.90
N ILE B 20 14.11 -46.92 -28.14
CA ILE B 20 14.69 -47.96 -27.30
C ILE B 20 16.21 -47.91 -27.38
N VAL B 21 16.75 -47.76 -28.59
CA VAL B 21 18.20 -47.73 -28.72
C VAL B 21 18.78 -46.44 -28.14
N LEU B 22 18.09 -45.32 -28.33
CA LEU B 22 18.57 -44.08 -27.73
C LEU B 22 18.53 -44.13 -26.21
N ALA B 23 17.52 -44.80 -25.64
CA ALA B 23 17.45 -44.93 -24.20
C ALA B 23 18.46 -45.93 -23.67
N MET B 24 18.79 -46.95 -24.47
CA MET B 24 19.80 -47.90 -24.05
C MET B 24 21.19 -47.30 -24.11
N THR B 25 21.41 -46.33 -25.00
CA THR B 25 22.69 -45.64 -25.01
C THR B 25 22.74 -44.45 -24.08
N ALA B 26 21.58 -43.94 -23.63
CA ALA B 26 21.58 -42.85 -22.68
C ALA B 26 21.77 -43.33 -21.24
N VAL B 27 21.48 -44.60 -20.97
CA VAL B 27 21.63 -45.13 -19.63
C VAL B 27 23.06 -45.54 -19.33
N VAL B 28 23.86 -45.84 -20.35
CA VAL B 28 25.22 -46.29 -20.16
C VAL B 28 26.25 -45.21 -20.48
N SER B 29 25.96 -44.27 -21.37
CA SER B 29 26.88 -43.20 -21.69
C SER B 29 26.96 -42.24 -20.51
N ASP B 30 28.02 -42.37 -19.72
CA ASP B 30 28.22 -41.45 -18.59
C ASP B 30 29.07 -40.26 -18.99
N HIS B 31 28.69 -39.62 -20.09
CA HIS B 31 29.37 -38.43 -20.59
C HIS B 31 28.35 -37.41 -21.06
N TRP B 32 27.28 -37.22 -20.29
CA TRP B 32 26.17 -36.40 -20.76
C TRP B 32 25.98 -35.12 -19.97
N ALA B 33 26.94 -34.75 -19.12
CA ALA B 33 26.87 -33.48 -18.39
C ALA B 33 28.27 -33.13 -17.94
N VAL B 34 28.79 -32.01 -18.40
CA VAL B 34 30.15 -31.61 -18.09
C VAL B 34 30.11 -30.54 -17.02
N LEU B 35 31.12 -30.54 -16.16
CA LEU B 35 31.34 -29.50 -15.18
C LEU B 35 32.64 -28.79 -15.53
N SER B 36 32.66 -27.47 -15.34
CA SER B 36 33.79 -26.64 -15.79
C SER B 36 34.18 -25.67 -14.70
N PRO B 37 34.83 -26.17 -13.63
CA PRO B 37 35.24 -25.28 -12.53
C PRO B 37 36.25 -24.22 -12.94
N HIS B 38 37.37 -24.67 -13.50
CA HIS B 38 38.52 -23.80 -13.76
C HIS B 38 38.94 -23.04 -12.51
N CYS B 46 41.15 -26.75 -14.86
CA CYS B 46 41.61 -27.78 -15.79
C CYS B 46 41.33 -29.17 -15.24
N GLU B 47 40.24 -29.30 -14.47
CA GLU B 47 39.86 -30.54 -13.81
C GLU B 47 38.43 -30.91 -14.17
N ALA B 48 38.14 -30.89 -15.48
CA ALA B 48 36.75 -30.99 -15.93
C ALA B 48 36.20 -32.39 -15.71
N ALA B 49 34.98 -32.47 -15.18
CA ALA B 49 34.33 -33.74 -14.90
C ALA B 49 33.18 -33.98 -15.87
N HIS B 50 33.13 -35.21 -16.38
CA HIS B 50 32.03 -35.70 -17.20
C HIS B 50 31.10 -36.52 -16.32
N PHE B 51 29.85 -36.08 -16.21
CA PHE B 51 28.83 -36.72 -15.41
C PHE B 51 28.13 -37.84 -16.18
N GLY B 52 27.46 -38.69 -15.43
CA GLY B 52 26.58 -39.71 -15.98
C GLY B 52 25.80 -40.33 -14.85
N LEU B 53 24.85 -41.19 -15.20
CA LEU B 53 24.03 -41.80 -14.18
C LEU B 53 24.80 -42.77 -13.29
N TRP B 54 25.93 -43.28 -13.77
CA TRP B 54 26.69 -44.27 -13.02
C TRP B 54 28.08 -43.80 -12.63
N ARG B 55 28.90 -43.37 -13.60
CA ARG B 55 30.29 -43.07 -13.36
C ARG B 55 30.58 -41.62 -13.69
N ILE B 56 31.21 -40.92 -12.75
CA ILE B 56 31.73 -39.57 -12.96
C ILE B 56 33.21 -39.68 -13.29
N CYS B 57 33.64 -39.02 -14.35
CA CYS B 57 35.02 -39.09 -14.80
C CYS B 57 35.66 -37.72 -14.71
N THR B 58 36.99 -37.72 -14.56
CA THR B 58 37.77 -36.49 -14.51
C THR B 58 38.78 -36.48 -15.65
N LYS B 59 39.04 -35.29 -16.17
CA LYS B 59 39.99 -35.10 -17.26
C LYS B 59 40.64 -33.73 -17.11
N ARG B 60 41.76 -33.57 -17.79
CA ARG B 60 42.54 -32.32 -17.74
C ARG B 60 42.26 -31.45 -18.97
N GLY B 76 45.43 -36.64 -18.73
CA GLY B 76 46.43 -36.84 -17.69
C GLY B 76 46.01 -37.89 -16.68
N GLU B 77 45.16 -37.50 -15.74
CA GLU B 77 44.55 -38.43 -14.80
C GLU B 77 43.13 -38.70 -15.26
N LYS B 78 43.01 -39.60 -16.23
CA LYS B 78 41.70 -40.02 -16.75
C LYS B 78 41.20 -41.16 -15.88
N ASN B 79 40.06 -40.95 -15.23
CA ASN B 79 39.50 -41.98 -14.35
C ASN B 79 38.03 -41.67 -14.09
N CYS B 80 37.23 -42.72 -14.03
CA CYS B 80 35.83 -42.64 -13.61
C CYS B 80 35.63 -43.42 -12.32
N SER B 81 34.57 -43.06 -11.62
CA SER B 81 34.23 -43.63 -10.32
C SER B 81 32.74 -43.41 -10.09
N TYR B 82 32.31 -43.61 -8.85
CA TYR B 82 31.04 -43.09 -8.37
C TYR B 82 31.30 -42.07 -7.27
N PHE B 83 30.24 -41.41 -6.80
CA PHE B 83 30.37 -40.40 -5.76
C PHE B 83 30.09 -40.98 -4.38
N SER B 104 22.73 -39.39 -4.98
CA SER B 104 21.40 -39.44 -5.57
C SER B 104 21.17 -40.74 -6.30
N ILE B 105 20.97 -41.82 -5.55
CA ILE B 105 20.64 -43.12 -6.15
C ILE B 105 19.36 -43.07 -6.96
N SER B 106 18.54 -42.04 -6.76
CA SER B 106 17.26 -41.94 -7.44
C SER B 106 17.42 -41.99 -8.94
N ALA B 107 18.39 -41.24 -9.49
CA ALA B 107 18.52 -41.16 -10.93
C ALA B 107 18.73 -42.54 -11.56
N ALA B 108 19.78 -43.24 -11.13
CA ALA B 108 20.08 -44.53 -11.72
C ALA B 108 18.99 -45.56 -11.41
N ALA B 109 18.45 -45.54 -10.19
CA ALA B 109 17.41 -46.49 -9.85
C ALA B 109 16.18 -46.31 -10.73
N ILE B 110 15.76 -45.06 -10.92
CA ILE B 110 14.60 -44.79 -11.76
C ILE B 110 14.89 -45.17 -13.21
N SER B 111 16.10 -44.88 -13.68
CA SER B 111 16.46 -45.30 -15.04
C SER B 111 16.38 -46.82 -15.17
N VAL B 112 16.78 -47.53 -14.13
CA VAL B 112 16.64 -49.00 -14.14
C VAL B 112 15.18 -49.39 -14.21
N PHE B 113 14.32 -48.67 -13.48
CA PHE B 113 12.88 -48.91 -13.57
C PHE B 113 12.40 -48.73 -15.00
N SER B 114 12.88 -47.68 -15.67
CA SER B 114 12.47 -47.43 -17.04
C SER B 114 12.91 -48.57 -17.95
N LEU B 115 14.16 -49.03 -17.79
CA LEU B 115 14.64 -50.13 -18.61
C LEU B 115 13.85 -51.41 -18.33
N GLY B 116 13.45 -51.60 -17.08
CA GLY B 116 12.59 -52.73 -16.75
C GLY B 116 11.26 -52.63 -17.46
N PHE B 117 10.71 -51.42 -17.55
CA PHE B 117 9.48 -51.25 -18.31
C PHE B 117 9.71 -51.51 -19.80
N LEU B 118 10.89 -51.17 -20.31
CA LEU B 118 11.21 -51.46 -21.70
C LEU B 118 11.21 -52.97 -21.96
N ILE B 119 11.90 -53.74 -21.13
CA ILE B 119 11.97 -55.18 -21.40
C ILE B 119 10.76 -55.89 -20.79
N MET B 120 9.81 -55.15 -20.22
CA MET B 120 8.50 -55.73 -19.98
C MET B 120 7.56 -55.46 -21.13
N GLY B 121 7.71 -54.33 -21.81
CA GLY B 121 6.82 -53.94 -22.87
C GLY B 121 7.16 -54.58 -24.20
N THR B 122 8.46 -54.72 -24.50
CA THR B 122 8.83 -55.29 -25.78
C THR B 122 8.43 -56.76 -25.88
N ILE B 123 8.36 -57.45 -24.75
CA ILE B 123 7.96 -58.86 -24.77
C ILE B 123 6.51 -58.99 -25.22
N CYS B 124 5.60 -58.30 -24.53
CA CYS B 124 4.20 -58.28 -24.94
C CYS B 124 4.03 -57.66 -26.32
N ALA B 125 4.98 -56.82 -26.75
CA ALA B 125 4.90 -56.28 -28.10
C ALA B 125 5.16 -57.35 -29.14
N LEU B 126 6.23 -58.14 -28.96
CA LEU B 126 6.54 -59.15 -29.97
C LEU B 126 5.56 -60.32 -29.93
N MET B 127 5.07 -60.69 -28.76
CA MET B 127 4.06 -61.76 -28.82
C MET B 127 2.71 -61.27 -29.33
N ALA B 128 2.63 -60.05 -29.85
CA ALA B 128 1.39 -59.58 -30.46
C ALA B 128 1.27 -60.00 -31.92
N PHE B 129 2.32 -60.59 -32.50
CA PHE B 129 2.31 -60.95 -33.90
C PHE B 129 1.88 -62.39 -34.15
N ARG B 130 1.81 -63.20 -33.11
CA ARG B 130 1.42 -64.60 -33.25
C ARG B 130 0.01 -64.82 -32.68
N LYS B 131 -0.63 -65.89 -33.16
CA LYS B 131 -1.86 -66.45 -32.60
C LYS B 131 -2.98 -65.43 -32.47
N LYS B 132 -3.09 -64.49 -33.41
CA LYS B 132 -4.23 -63.56 -33.46
C LYS B 132 -4.25 -62.63 -32.23
N ARG B 133 -3.08 -62.39 -31.65
CA ARG B 133 -2.99 -61.66 -30.39
C ARG B 133 -2.71 -60.18 -30.66
N ASP B 134 -3.62 -59.54 -31.39
CA ASP B 134 -3.43 -58.14 -31.77
C ASP B 134 -3.69 -57.22 -30.58
N TYR B 135 -4.70 -57.52 -29.78
CA TYR B 135 -5.05 -56.72 -28.61
C TYR B 135 -3.83 -56.39 -27.76
N LEU B 136 -2.87 -57.32 -27.68
CA LEU B 136 -1.70 -57.13 -26.83
C LEU B 136 -0.93 -55.86 -27.15
N LEU B 137 -1.20 -55.24 -28.30
CA LEU B 137 -0.51 -54.00 -28.63
C LEU B 137 -0.89 -52.87 -27.69
N ARG B 138 -2.01 -52.98 -26.99
CA ARG B 138 -2.46 -51.90 -26.12
C ARG B 138 -1.67 -51.84 -24.82
N PRO B 139 -1.54 -52.93 -24.06
CA PRO B 139 -0.71 -52.84 -22.84
C PRO B 139 0.71 -52.44 -23.13
N ALA B 140 1.36 -53.09 -24.11
CA ALA B 140 2.73 -52.78 -24.47
C ALA B 140 2.93 -51.28 -24.60
N SER B 141 2.12 -50.63 -25.43
CA SER B 141 2.22 -49.20 -25.63
C SER B 141 2.30 -48.45 -24.30
N MET B 142 1.33 -48.70 -23.42
CA MET B 142 1.31 -47.99 -22.14
C MET B 142 2.60 -48.19 -21.39
N PHE B 143 3.12 -49.43 -21.36
CA PHE B 143 4.41 -49.68 -20.75
C PHE B 143 5.45 -48.72 -21.29
N TYR B 144 5.58 -48.67 -22.61
CA TYR B 144 6.53 -47.76 -23.23
C TYR B 144 6.33 -46.34 -22.72
N VAL B 145 5.06 -45.89 -22.69
CA VAL B 145 4.76 -44.55 -22.18
C VAL B 145 5.45 -44.34 -20.85
N PHE B 146 5.18 -45.24 -19.89
CA PHE B 146 5.70 -45.05 -18.55
C PHE B 146 7.21 -45.08 -18.56
N ALA B 147 7.81 -45.93 -19.41
CA ALA B 147 9.25 -45.89 -19.59
C ALA B 147 9.72 -44.46 -19.72
N GLY B 148 9.23 -43.77 -20.75
CA GLY B 148 9.59 -42.38 -20.97
C GLY B 148 9.45 -41.57 -19.70
N LEU B 149 8.28 -41.66 -19.08
CA LEU B 149 8.02 -40.89 -17.88
C LEU B 149 9.10 -41.11 -16.84
N CYS B 150 9.41 -42.38 -16.53
CA CYS B 150 10.46 -42.64 -15.56
C CYS B 150 11.77 -42.03 -16.04
N LEU B 151 12.15 -42.32 -17.28
CA LEU B 151 13.36 -41.72 -17.83
C LEU B 151 13.31 -40.21 -17.68
N PHE B 152 12.14 -39.61 -17.93
CA PHE B 152 12.02 -38.17 -17.82
C PHE B 152 12.43 -37.68 -16.45
N VAL B 153 11.89 -38.28 -15.39
CA VAL B 153 12.22 -37.76 -14.06
C VAL B 153 13.70 -37.97 -13.80
N SER B 154 14.29 -39.01 -14.40
CA SER B 154 15.74 -39.17 -14.31
C SER B 154 16.44 -37.89 -14.71
N LEU B 155 16.15 -37.39 -15.90
CA LEU B 155 16.67 -36.09 -16.31
C LEU B 155 16.57 -35.10 -15.16
N GLU B 156 15.34 -34.88 -14.69
CA GLU B 156 15.09 -33.91 -13.64
C GLU B 156 16.04 -34.10 -12.47
N VAL B 157 16.11 -35.32 -11.93
CA VAL B 157 16.89 -35.49 -10.71
C VAL B 157 18.36 -35.20 -11.01
N MET B 158 18.86 -35.73 -12.13
CA MET B 158 20.23 -35.41 -12.52
C MET B 158 20.36 -33.91 -12.76
N ARG B 159 19.37 -33.32 -13.44
CA ARG B 159 19.33 -31.88 -13.59
C ARG B 159 19.50 -31.19 -12.24
N GLN B 160 18.74 -31.62 -11.25
CA GLN B 160 18.83 -31.00 -9.94
C GLN B 160 20.22 -31.16 -9.36
N SER B 161 20.82 -32.34 -9.55
CA SER B 161 22.18 -32.54 -9.08
C SER B 161 23.15 -31.57 -9.76
N VAL B 162 22.94 -31.31 -11.06
CA VAL B 162 23.81 -30.37 -11.75
C VAL B 162 23.68 -28.97 -11.14
N LYS B 163 22.55 -28.68 -10.50
CA LYS B 163 22.40 -27.39 -9.85
C LYS B 163 23.16 -27.28 -8.54
N ARG B 164 23.58 -28.39 -7.95
CA ARG B 164 24.27 -28.34 -6.67
C ARG B 164 25.78 -28.19 -6.82
N MET B 165 26.29 -28.24 -8.04
CA MET B 165 27.73 -28.09 -8.27
C MET B 165 28.02 -27.04 -9.33
N ILE B 174 32.17 -22.96 -11.06
CA ILE B 174 31.91 -24.09 -11.93
C ILE B 174 30.79 -23.76 -12.91
N GLU B 175 30.75 -24.48 -14.03
CA GLU B 175 29.78 -24.29 -15.09
C GLU B 175 29.02 -25.59 -15.32
N TYR B 176 28.19 -25.60 -16.38
CA TYR B 176 27.44 -26.80 -16.74
C TYR B 176 27.06 -26.73 -18.20
N TYR B 177 27.21 -27.84 -18.91
CA TYR B 177 26.85 -27.90 -20.31
C TYR B 177 26.45 -29.33 -20.65
N TYR B 178 25.14 -29.60 -20.67
CA TYR B 178 24.64 -30.89 -21.12
C TYR B 178 25.14 -31.15 -22.54
N SER B 179 25.98 -32.16 -22.70
CA SER B 179 26.88 -32.21 -23.84
C SER B 179 26.57 -33.31 -24.85
N TRP B 180 26.61 -34.59 -24.45
CA TRP B 180 26.64 -35.66 -25.43
C TRP B 180 25.38 -36.51 -25.40
N SER B 181 25.07 -37.16 -24.28
CA SER B 181 23.92 -38.04 -24.21
C SER B 181 22.74 -37.42 -23.51
N PHE B 182 22.87 -36.18 -23.03
CA PHE B 182 21.73 -35.50 -22.42
C PHE B 182 20.69 -35.17 -23.48
N ALA B 183 21.11 -34.58 -24.60
CA ALA B 183 20.18 -34.39 -25.71
C ALA B 183 19.70 -35.73 -26.25
N CYS B 184 20.53 -36.77 -26.17
CA CYS B 184 20.09 -38.11 -26.54
C CYS B 184 18.92 -38.55 -25.69
N ALA B 185 19.00 -38.33 -24.37
CA ALA B 185 17.91 -38.74 -23.49
C ALA B 185 16.69 -37.83 -23.67
N CYS B 186 16.93 -36.55 -23.93
CA CYS B 186 15.82 -35.62 -24.17
C CYS B 186 15.05 -36.01 -25.42
N ALA B 187 15.73 -36.52 -26.44
CA ALA B 187 15.03 -37.00 -27.63
C ALA B 187 14.45 -38.39 -27.42
N ALA B 188 15.11 -39.23 -26.62
CA ALA B 188 14.59 -40.56 -26.35
C ALA B 188 13.30 -40.50 -25.56
N PHE B 189 13.18 -39.53 -24.66
CA PHE B 189 11.93 -39.36 -23.92
C PHE B 189 10.79 -39.05 -24.86
N VAL B 190 10.97 -38.05 -25.73
CA VAL B 190 9.91 -37.69 -26.66
C VAL B 190 9.57 -38.86 -27.57
N LEU B 191 10.60 -39.55 -28.07
CA LEU B 191 10.36 -40.71 -28.92
C LEU B 191 9.50 -41.75 -28.21
N LEU B 192 9.93 -42.20 -27.03
CA LEU B 192 9.19 -43.25 -26.33
C LEU B 192 7.80 -42.79 -25.93
N PHE B 193 7.68 -41.57 -25.42
CA PHE B 193 6.39 -41.05 -24.94
C PHE B 193 5.38 -40.95 -26.09
N LEU B 194 5.74 -40.22 -27.14
CA LEU B 194 4.79 -40.03 -28.24
C LEU B 194 4.57 -41.33 -29.00
N GLY B 195 5.58 -42.19 -29.10
CA GLY B 195 5.36 -43.48 -29.71
C GLY B 195 4.36 -44.32 -28.94
N GLY B 196 4.51 -44.37 -27.62
CA GLY B 196 3.54 -45.09 -26.82
C GLY B 196 2.13 -44.54 -26.98
N ILE B 197 2.00 -43.22 -26.90
CA ILE B 197 0.67 -42.61 -27.00
C ILE B 197 0.05 -42.89 -28.36
N SER B 198 0.81 -42.65 -29.43
CA SER B 198 0.28 -42.84 -30.78
C SER B 198 -0.06 -44.30 -31.05
N LEU B 199 0.80 -45.23 -30.61
CA LEU B 199 0.50 -46.63 -30.78
C LEU B 199 -0.75 -47.03 -30.00
N LEU B 200 -0.92 -46.46 -28.81
CA LEU B 200 -2.11 -46.74 -28.02
C LEU B 200 -3.36 -46.29 -28.76
N LEU B 201 -3.33 -45.10 -29.36
CA LEU B 201 -4.53 -44.63 -30.03
C LEU B 201 -4.76 -45.38 -31.34
N PHE B 202 -3.68 -45.79 -32.02
CA PHE B 202 -3.86 -46.56 -33.24
C PHE B 202 -4.35 -47.98 -32.96
N SER B 203 -4.11 -48.49 -31.75
CA SER B 203 -4.63 -49.80 -31.40
C SER B 203 -6.08 -49.73 -30.94
N LEU B 204 -6.45 -48.69 -30.18
CA LEU B 204 -7.83 -48.52 -29.78
C LEU B 204 -8.68 -48.24 -31.02
N PRO B 205 -9.82 -48.91 -31.19
CA PRO B 205 -10.42 -48.99 -32.53
C PRO B 205 -10.73 -47.65 -33.18
N ARG B 206 -11.66 -46.89 -32.61
CA ARG B 206 -12.00 -45.56 -33.14
C ARG B 206 -13.08 -44.92 -32.29
N MET B 207 -13.14 -43.60 -32.28
CA MET B 207 -14.30 -42.92 -31.73
C MET B 207 -15.49 -43.20 -32.63
N PRO B 208 -16.62 -43.66 -32.07
CA PRO B 208 -17.75 -44.12 -32.89
C PRO B 208 -18.10 -43.28 -34.11
N GLN B 209 -18.38 -42.00 -33.93
CA GLN B 209 -18.68 -41.05 -34.99
C GLN B 209 -20.02 -41.31 -35.67
N ASN B 210 -20.73 -42.36 -35.29
CA ASN B 210 -22.04 -42.65 -35.86
C ASN B 210 -22.97 -43.11 -34.75
N PRO B 211 -24.25 -42.77 -34.83
CA PRO B 211 -25.17 -43.13 -33.75
C PRO B 211 -25.21 -44.62 -33.47
N TRP B 212 -24.80 -45.46 -34.42
CA TRP B 212 -24.83 -46.90 -34.25
C TRP B 212 -23.48 -47.50 -33.93
N GLU B 213 -22.39 -46.89 -34.39
CA GLU B 213 -21.06 -47.39 -34.07
C GLU B 213 -20.84 -47.35 -32.56
N SER B 214 -19.84 -48.11 -32.11
CA SER B 214 -19.50 -48.11 -30.69
C SER B 214 -18.13 -48.71 -30.51
N CYS B 215 -17.39 -48.18 -29.54
CA CYS B 215 -16.20 -48.86 -29.05
C CYS B 215 -16.58 -50.24 -28.56
N MET B 216 -15.65 -51.19 -28.65
CA MET B 216 -15.91 -52.58 -28.30
C MET B 216 -17.07 -53.14 -29.11
N ASP B 217 -16.86 -53.18 -30.42
CA ASP B 217 -17.82 -53.70 -31.39
C ASP B 217 -17.51 -55.16 -31.68
N ALA B 218 -18.21 -55.71 -32.68
CA ALA B 218 -17.92 -57.04 -33.22
C ALA B 218 -17.16 -56.84 -34.53
N GLU B 219 -15.85 -56.65 -34.42
CA GLU B 219 -14.99 -56.32 -35.54
C GLU B 219 -15.48 -55.08 -36.29
N PHE C 29 32.83 -9.76 67.11
CA PHE C 29 32.65 -8.44 66.54
C PHE C 29 33.30 -7.37 67.41
N PRO C 30 34.28 -6.66 66.86
CA PRO C 30 35.00 -5.65 67.64
C PRO C 30 34.06 -4.62 68.23
N SER C 31 34.49 -4.04 69.35
CA SER C 31 33.67 -3.10 70.08
C SER C 31 33.71 -1.72 69.41
N ALA C 32 33.01 -0.77 70.00
CA ALA C 32 32.92 0.55 69.39
C ALA C 32 34.22 1.33 69.56
N VAL C 33 34.90 1.15 70.69
CA VAL C 33 36.05 2.01 71.01
C VAL C 33 37.23 1.68 70.11
N THR C 34 37.48 0.39 69.88
CA THR C 34 38.59 0.02 69.00
C THR C 34 38.34 0.51 67.58
N ILE C 35 37.11 0.40 67.11
CA ILE C 35 36.76 0.89 65.78
C ILE C 35 36.93 2.40 65.71
N LYS C 36 36.53 3.11 66.77
CA LYS C 36 36.71 4.55 66.79
C LYS C 36 38.18 4.92 66.71
N SER C 37 39.04 4.21 67.43
CA SER C 37 40.46 4.51 67.36
C SER C 37 41.02 4.17 65.97
N TRP C 38 40.54 3.09 65.36
CA TRP C 38 40.96 2.76 64.00
C TRP C 38 40.63 3.89 63.04
N VAL C 39 39.37 4.34 63.02
CA VAL C 39 39.02 5.39 62.07
C VAL C 39 39.70 6.69 62.45
N ASP C 40 40.01 6.89 63.73
CA ASP C 40 40.74 8.09 64.12
C ASP C 40 42.13 8.12 63.50
N LYS C 41 42.88 7.02 63.65
CA LYS C 41 44.21 6.99 63.04
C LYS C 41 44.13 7.06 61.52
N MET C 42 43.10 6.42 60.93
CA MET C 42 42.98 6.43 59.48
C MET C 42 42.72 7.84 58.96
N GLN C 43 41.74 8.53 59.55
CA GLN C 43 41.43 9.88 59.15
C GLN C 43 42.62 10.81 59.38
N GLU C 44 43.31 10.67 60.51
CA GLU C 44 44.47 11.52 60.77
C GLU C 44 45.53 11.32 59.69
N ASP C 45 45.81 10.06 59.34
CA ASP C 45 46.81 9.79 58.31
C ASP C 45 46.41 10.41 56.97
N LEU C 46 45.17 10.17 56.54
CA LEU C 46 44.70 10.69 55.27
C LEU C 46 44.80 12.21 55.23
N VAL C 47 44.29 12.87 56.26
CA VAL C 47 44.26 14.33 56.28
C VAL C 47 45.67 14.88 56.30
N THR C 48 46.56 14.30 57.10
CA THR C 48 47.89 14.89 57.20
C THR C 48 48.66 14.67 55.90
N LEU C 49 48.44 13.53 55.23
CA LEU C 49 49.08 13.34 53.93
C LEU C 49 48.60 14.38 52.94
N ALA C 50 47.28 14.55 52.82
CA ALA C 50 46.77 15.49 51.85
C ALA C 50 47.22 16.92 52.17
N LYS C 51 47.21 17.29 53.45
CA LYS C 51 47.54 18.66 53.84
C LYS C 51 49.01 18.95 53.62
N THR C 52 49.88 17.99 53.93
CA THR C 52 51.31 18.25 53.83
C THR C 52 51.88 17.97 52.45
N ALA C 53 51.11 17.33 51.56
CA ALA C 53 51.61 17.09 50.22
C ALA C 53 50.95 17.96 49.16
N SER C 54 49.68 18.32 49.30
CA SER C 54 49.06 19.21 48.34
C SER C 54 49.64 20.62 48.46
N GLY C 55 49.65 21.17 49.66
CA GLY C 55 50.27 22.46 49.88
C GLY C 55 49.26 23.56 50.10
N VAL C 56 48.15 23.22 50.77
CA VAL C 56 47.10 24.20 51.02
C VAL C 56 47.66 25.42 51.73
N HIS C 57 48.30 25.18 52.88
CA HIS C 57 48.76 26.29 53.71
C HIS C 57 49.81 27.13 52.99
N GLN C 58 50.68 26.49 52.23
CA GLN C 58 51.73 27.25 51.55
C GLN C 58 51.14 28.14 50.47
N LEU C 59 50.19 27.64 49.69
CA LEU C 59 49.54 28.49 48.70
C LEU C 59 48.76 29.60 49.37
N VAL C 60 48.16 29.34 50.52
CA VAL C 60 47.47 30.40 51.25
C VAL C 60 48.44 31.50 51.62
N ASP C 61 49.59 31.12 52.19
CA ASP C 61 50.55 32.14 52.62
C ASP C 61 51.12 32.92 51.45
N ILE C 62 51.31 32.28 50.30
CA ILE C 62 51.81 33.07 49.17
C ILE C 62 50.70 33.89 48.51
N TYR C 63 49.43 33.51 48.67
CA TYR C 63 48.35 34.39 48.26
C TYR C 63 48.20 35.57 49.20
N GLU C 64 48.64 35.41 50.45
CA GLU C 64 48.52 36.47 51.44
C GLU C 64 49.78 37.32 51.55
N LYS C 65 50.92 36.81 51.10
CA LYS C 65 52.17 37.53 51.30
C LYS C 65 52.36 38.66 50.30
N TYR C 66 51.66 38.63 49.17
CA TYR C 66 51.87 39.68 48.18
C TYR C 66 50.99 40.89 48.47
N GLN C 67 49.68 40.73 48.38
CA GLN C 67 48.71 41.76 48.77
C GLN C 67 48.96 43.10 48.08
N ASP C 68 49.86 43.13 47.11
CA ASP C 68 50.13 44.33 46.34
C ASP C 68 50.03 44.12 44.85
N LEU C 69 50.15 42.89 44.37
CA LEU C 69 49.92 42.59 42.97
C LEU C 69 48.43 42.59 42.62
N TYR C 70 47.55 42.63 43.61
CA TYR C 70 46.12 42.59 43.34
C TYR C 70 45.38 43.45 44.36
N THR C 71 44.08 43.59 44.13
CA THR C 71 43.19 44.32 45.02
C THR C 71 41.90 43.53 45.17
N VAL C 72 41.18 43.79 46.26
CA VAL C 72 39.95 43.09 46.57
C VAL C 72 38.78 44.01 46.26
N GLU C 73 37.95 43.61 45.31
CA GLU C 73 36.80 44.41 44.91
C GLU C 73 35.50 43.74 45.33
N PRO C 74 34.44 44.51 45.57
CA PRO C 74 33.16 43.91 45.94
C PRO C 74 32.24 43.67 44.76
N ASN C 75 31.41 42.63 44.92
CA ASN C 75 30.34 42.31 43.98
C ASN C 75 29.04 42.81 44.59
N ASN C 76 28.64 44.03 44.22
CA ASN C 76 27.39 44.57 44.70
C ASN C 76 26.27 43.89 43.92
N ALA C 77 25.75 42.80 44.47
CA ALA C 77 24.84 41.92 43.74
C ALA C 77 23.55 42.60 43.33
N ARG C 78 23.32 43.85 43.71
CA ARG C 78 22.18 44.59 43.20
C ARG C 78 22.53 45.44 41.99
N GLN C 79 23.67 46.13 42.08
CA GLN C 79 24.14 46.92 40.95
C GLN C 79 24.38 46.04 39.72
N LEU C 80 24.87 44.82 39.94
CA LEU C 80 25.14 43.92 38.82
C LEU C 80 23.85 43.52 38.12
N VAL C 81 22.82 43.17 38.89
CA VAL C 81 21.57 42.78 38.28
C VAL C 81 20.95 43.97 37.56
N GLU C 82 21.04 45.17 38.13
CA GLU C 82 20.49 46.33 37.45
C GLU C 82 21.19 46.59 36.13
N ILE C 83 22.53 46.53 36.12
CA ILE C 83 23.28 46.79 34.91
C ILE C 83 22.97 45.75 33.85
N ALA C 84 22.95 44.48 34.22
CA ALA C 84 22.66 43.44 33.25
C ALA C 84 21.24 43.55 32.72
N ALA C 85 20.29 43.90 33.58
CA ALA C 85 18.91 44.07 33.14
C ALA C 85 18.80 45.22 32.16
N ARG C 86 19.53 46.31 32.38
CA ARG C 86 19.47 47.42 31.45
CA ARG C 86 19.47 47.42 31.45
C ARG C 86 20.15 47.09 30.13
N ASP C 87 21.24 46.32 30.17
CA ASP C 87 21.86 45.91 28.92
C ASP C 87 20.94 45.02 28.11
N ILE C 88 20.24 44.09 28.77
CA ILE C 88 19.30 43.23 28.05
C ILE C 88 18.14 44.04 27.50
N GLU C 89 17.61 44.96 28.31
CA GLU C 89 16.52 45.82 27.84
C GLU C 89 16.96 46.64 26.64
N LYS C 90 18.19 47.16 26.67
CA LYS C 90 18.69 47.97 25.56
C LYS C 90 18.90 47.14 24.31
N LEU C 91 19.39 45.91 24.46
CA LEU C 91 19.55 45.05 23.29
C LEU C 91 18.20 44.74 22.66
N LEU C 92 17.22 44.36 23.48
CA LEU C 92 15.91 44.06 22.91
C LEU C 92 15.24 45.31 22.37
N SER C 93 15.57 46.48 22.89
CA SER C 93 15.04 47.71 22.33
C SER C 93 15.65 48.03 20.97
N ASN C 94 16.96 47.84 20.83
CA ASN C 94 17.59 48.01 19.52
C ASN C 94 17.05 46.99 18.53
N ARG C 95 16.67 45.81 18.98
CA ARG C 95 16.04 44.86 18.08
C ARG C 95 14.59 45.22 17.79
N SER C 96 13.94 45.97 18.67
CA SER C 96 12.59 46.43 18.37
C SER C 96 12.61 47.54 17.33
N LYS C 97 13.53 48.49 17.47
CA LYS C 97 13.61 49.61 16.54
C LYS C 97 13.93 49.16 15.12
N ALA C 98 14.51 47.98 14.94
CA ALA C 98 14.77 47.46 13.61
C ALA C 98 13.62 46.65 13.07
N LEU C 99 12.53 46.54 13.82
CA LEU C 99 11.34 45.82 13.41
C LEU C 99 10.24 46.74 12.92
N VAL C 100 9.98 47.83 13.65
CA VAL C 100 9.01 48.80 13.21
C VAL C 100 9.44 49.46 11.91
N ARG C 101 10.73 49.57 11.66
CA ARG C 101 11.22 50.07 10.38
C ARG C 101 10.86 49.13 9.25
N LEU C 102 11.15 47.84 9.42
CA LEU C 102 10.79 46.85 8.41
C LEU C 102 9.29 46.84 8.16
N ALA C 103 8.50 46.91 9.21
CA ALA C 103 7.06 46.84 9.04
C ALA C 103 6.51 48.07 8.34
N LEU C 104 7.02 49.26 8.70
CA LEU C 104 6.62 50.47 8.00
C LEU C 104 6.93 50.37 6.51
N GLU C 105 8.17 50.00 6.17
CA GLU C 105 8.51 49.93 4.75
C GLU C 105 7.71 48.87 4.02
N ALA C 106 7.40 47.75 4.68
CA ALA C 106 6.62 46.72 4.00
C ALA C 106 5.20 47.20 3.72
N GLU C 107 4.56 47.83 4.71
CA GLU C 107 3.21 48.34 4.50
C GLU C 107 3.19 49.39 3.38
N LYS C 108 4.14 50.33 3.42
CA LYS C 108 4.16 51.39 2.41
C LYS C 108 4.44 50.83 1.02
N VAL C 109 5.38 49.90 0.90
CA VAL C 109 5.75 49.39 -0.41
C VAL C 109 4.66 48.51 -0.98
N GLN C 110 3.94 47.77 -0.14
CA GLN C 110 2.85 46.98 -0.69
C GLN C 110 1.64 47.81 -1.03
N ALA C 111 1.40 48.91 -0.30
CA ALA C 111 0.28 49.78 -0.65
C ALA C 111 0.39 50.25 -2.09
N ALA C 112 1.61 50.49 -2.57
CA ALA C 112 1.86 51.04 -3.88
C ALA C 112 2.16 49.98 -4.93
N HIS C 113 1.61 48.79 -4.79
CA HIS C 113 1.84 47.70 -5.73
C HIS C 113 0.65 47.59 -6.67
N GLN C 114 0.93 47.31 -7.94
CA GLN C 114 -0.07 47.47 -8.99
C GLN C 114 -0.73 46.18 -9.44
N TRP C 115 -0.25 45.02 -8.99
CA TRP C 115 -0.85 43.73 -9.32
C TRP C 115 -0.87 43.50 -10.84
N ARG C 116 0.32 43.34 -11.40
CA ARG C 116 0.41 42.88 -12.78
C ARG C 116 0.22 41.37 -12.83
N GLU C 117 -0.32 40.89 -13.95
CA GLU C 117 -0.64 39.48 -14.11
C GLU C 117 0.04 38.84 -15.31
N ASP C 118 1.01 39.52 -15.93
CA ASP C 118 1.79 38.95 -17.02
C ASP C 118 3.25 39.28 -16.73
N PHE C 119 4.04 38.25 -16.42
CA PHE C 119 5.41 38.41 -15.99
C PHE C 119 6.43 37.92 -17.00
N ALA C 120 6.02 37.64 -18.24
CA ALA C 120 6.95 37.08 -19.21
C ALA C 120 8.04 38.09 -19.58
N SER C 121 7.63 39.27 -20.07
CA SER C 121 8.62 40.24 -20.55
C SER C 121 9.33 40.94 -19.39
N ASN C 122 8.68 41.06 -18.25
CA ASN C 122 9.27 41.66 -17.05
C ASN C 122 9.56 40.54 -16.08
N GLU C 123 10.79 40.05 -16.09
CA GLU C 123 11.17 38.96 -15.19
C GLU C 123 11.29 39.46 -13.77
N VAL C 124 11.03 38.56 -12.82
CA VAL C 124 11.21 38.80 -11.40
C VAL C 124 12.51 38.14 -11.01
N VAL C 125 13.53 38.93 -10.69
CA VAL C 125 14.86 38.41 -10.42
C VAL C 125 15.05 38.32 -8.92
N TYR C 126 15.42 37.13 -8.45
CA TYR C 126 15.52 36.87 -7.02
C TYR C 126 16.37 35.64 -6.80
N TYR C 127 16.74 35.40 -5.55
CA TYR C 127 17.58 34.27 -5.17
C TYR C 127 16.70 33.26 -4.44
N ASN C 128 16.25 32.22 -5.14
CA ASN C 128 15.54 31.16 -4.48
C ASN C 128 16.54 30.32 -3.70
N ALA C 129 16.47 30.37 -2.38
CA ALA C 129 17.26 29.44 -1.59
C ALA C 129 16.86 28.02 -1.94
N LYS C 130 17.61 27.07 -1.41
CA LYS C 130 17.46 25.65 -1.76
C LYS C 130 17.36 25.46 -3.27
N ASP C 131 18.24 26.15 -4.00
CA ASP C 131 18.51 25.87 -5.40
C ASP C 131 19.98 25.51 -5.54
N ASP C 132 20.32 24.81 -6.61
CA ASP C 132 21.66 24.24 -6.73
C ASP C 132 22.71 25.32 -6.95
N LEU C 133 23.90 25.06 -6.42
CA LEU C 133 25.00 26.02 -6.49
C LEU C 133 26.01 25.71 -7.59
N ASP C 134 25.77 24.69 -8.39
CA ASP C 134 26.65 24.50 -9.54
C ASP C 134 26.38 25.60 -10.56
N PRO C 135 27.39 26.38 -10.96
CA PRO C 135 27.14 27.62 -11.71
C PRO C 135 26.64 27.42 -13.14
N GLU C 136 26.32 26.20 -13.57
CA GLU C 136 25.85 25.98 -14.94
C GLU C 136 24.45 25.37 -14.99
N LYS C 137 23.50 25.92 -14.22
CA LYS C 137 22.11 25.51 -14.33
C LYS C 137 21.30 26.51 -15.16
N ASN C 138 21.29 27.78 -14.76
CA ASN C 138 20.60 28.84 -15.48
C ASN C 138 19.13 28.51 -15.71
N ASP C 139 18.40 28.36 -14.60
CA ASP C 139 17.01 27.91 -14.66
C ASP C 139 16.12 28.91 -15.39
N SER C 140 15.93 30.09 -14.80
CA SER C 140 15.11 31.16 -15.36
C SER C 140 13.74 30.63 -15.80
N GLU C 141 12.97 30.16 -14.82
CA GLU C 141 11.61 29.69 -15.05
C GLU C 141 10.75 30.81 -15.64
N PRO C 142 9.59 30.49 -16.21
CA PRO C 142 8.75 31.54 -16.81
C PRO C 142 8.35 32.59 -15.80
N GLY C 143 8.81 33.82 -16.04
CA GLY C 143 8.49 34.93 -15.17
C GLY C 143 9.51 35.21 -14.08
N SER C 144 10.43 34.28 -13.83
CA SER C 144 11.40 34.42 -12.76
C SER C 144 12.81 34.25 -13.32
N GLN C 145 13.77 34.80 -12.60
CA GLN C 145 15.16 34.77 -13.01
C GLN C 145 16.04 34.75 -11.76
N ARG C 146 16.87 33.72 -11.65
CA ARG C 146 17.59 33.47 -10.42
C ARG C 146 18.87 34.29 -10.37
N ILE C 147 19.61 34.15 -9.27
CA ILE C 147 20.85 34.87 -9.02
C ILE C 147 21.88 33.87 -8.52
N LYS C 148 23.12 34.01 -8.98
CA LYS C 148 24.22 33.20 -8.48
C LYS C 148 25.03 34.03 -7.50
N PRO C 149 24.88 33.84 -6.20
CA PRO C 149 25.50 34.75 -5.22
C PRO C 149 26.95 34.38 -4.98
N VAL C 150 27.62 35.19 -4.17
CA VAL C 150 29.05 35.04 -3.96
C VAL C 150 29.37 34.21 -2.72
N PHE C 151 28.60 34.37 -1.65
CA PHE C 151 28.65 33.48 -0.48
C PHE C 151 30.03 33.47 0.17
N ILE C 152 30.40 34.62 0.72
CA ILE C 152 31.51 34.64 1.66
C ILE C 152 31.15 33.84 2.90
N ASP C 153 32.15 33.50 3.68
CA ASP C 153 31.95 32.79 4.93
C ASP C 153 32.00 33.78 6.10
N ASP C 154 31.27 33.46 7.16
CA ASP C 154 31.00 34.43 8.21
C ASP C 154 31.17 33.84 9.59
N ALA C 155 31.35 34.74 10.55
CA ALA C 155 31.16 34.47 11.97
C ALA C 155 29.89 35.18 12.42
N ASN C 156 29.40 34.79 13.60
CA ASN C 156 28.07 35.13 14.10
C ASN C 156 27.02 34.37 13.30
N PHE C 157 27.44 33.72 12.22
CA PHE C 157 26.68 32.71 11.52
C PHE C 157 27.63 31.54 11.33
N ARG C 158 27.20 30.34 11.70
CA ARG C 158 28.02 29.17 11.47
C ARG C 158 27.84 28.64 10.05
N ARG C 159 27.93 29.53 9.06
CA ARG C 159 27.63 29.17 7.68
C ARG C 159 28.09 30.31 6.77
N GLN C 160 27.74 30.20 5.50
CA GLN C 160 28.14 31.15 4.49
C GLN C 160 26.99 32.08 4.13
N VAL C 161 27.22 33.38 4.28
CA VAL C 161 26.18 34.38 4.09
C VAL C 161 26.61 35.33 2.98
N SER C 162 25.65 35.90 2.30
CA SER C 162 25.87 36.92 1.28
C SER C 162 25.09 38.17 1.68
N TYR C 163 25.80 39.26 1.93
CA TYR C 163 25.18 40.49 2.37
C TYR C 163 24.69 41.35 1.22
N GLN C 164 24.51 40.78 0.03
CA GLN C 164 24.11 41.57 -1.13
C GLN C 164 22.61 41.55 -1.36
N HIS C 165 21.95 40.42 -1.14
CA HIS C 165 20.54 40.30 -1.40
C HIS C 165 19.93 39.34 -0.41
N ALA C 166 18.60 39.34 -0.34
CA ALA C 166 17.88 38.49 0.57
C ALA C 166 17.47 37.21 -0.13
N ALA C 167 17.50 36.11 0.60
CA ALA C 167 17.11 34.82 0.07
C ALA C 167 15.61 34.63 0.27
N VAL C 168 15.04 33.74 -0.53
CA VAL C 168 13.62 33.44 -0.50
C VAL C 168 13.45 31.95 -0.28
N HIS C 169 12.52 31.59 0.59
CA HIS C 169 12.14 30.21 0.79
C HIS C 169 10.67 30.05 0.42
N ILE C 170 10.40 29.12 -0.48
CA ILE C 170 9.05 28.82 -0.93
C ILE C 170 8.80 27.35 -0.62
N PRO C 171 7.75 27.01 0.14
CA PRO C 171 7.53 25.62 0.53
C PRO C 171 7.57 24.67 -0.64
N THR C 172 7.85 23.40 -0.38
CA THR C 172 8.16 22.46 -1.45
C THR C 172 6.99 22.31 -2.41
N ASP C 173 5.77 22.20 -1.90
CA ASP C 173 4.61 21.98 -2.73
C ASP C 173 3.83 23.27 -3.01
N ILE C 174 4.53 24.38 -3.16
CA ILE C 174 3.94 25.63 -3.61
C ILE C 174 4.71 26.05 -4.85
N TYR C 175 4.02 26.12 -5.99
CA TYR C 175 4.68 26.45 -7.23
C TYR C 175 5.21 27.88 -7.19
N GLU C 176 6.42 28.08 -7.69
CA GLU C 176 7.02 29.40 -7.74
C GLU C 176 6.78 29.97 -9.13
N GLY C 177 5.78 30.82 -9.27
CA GLY C 177 5.37 31.23 -10.57
C GLY C 177 3.87 31.45 -10.63
N SER C 178 3.15 30.95 -9.65
CA SER C 178 1.76 31.35 -9.49
C SER C 178 1.70 32.86 -9.34
N THR C 179 0.70 33.47 -9.98
CA THR C 179 0.59 34.92 -9.93
C THR C 179 0.53 35.45 -8.51
N ILE C 180 0.09 34.63 -7.57
CA ILE C 180 0.09 35.04 -6.16
C ILE C 180 1.50 35.03 -5.60
N VAL C 181 2.33 34.08 -6.02
CA VAL C 181 3.68 34.00 -5.50
C VAL C 181 4.59 34.98 -6.21
N LEU C 182 4.42 35.14 -7.52
CA LEU C 182 5.25 36.08 -8.26
C LEU C 182 4.96 37.52 -7.89
N ASN C 183 3.79 37.81 -7.33
CA ASN C 183 3.53 39.16 -6.86
C ASN C 183 4.21 39.43 -5.53
N GLU C 184 4.19 38.47 -4.61
CA GLU C 184 4.92 38.64 -3.37
C GLU C 184 6.41 38.85 -3.64
N LEU C 185 6.97 38.09 -4.58
CA LEU C 185 8.36 38.25 -4.97
C LEU C 185 8.61 39.55 -5.72
N ASN C 186 7.56 40.29 -6.09
CA ASN C 186 7.75 41.58 -6.71
C ASN C 186 7.82 42.69 -5.67
N TRP C 187 6.75 42.86 -4.89
CA TRP C 187 6.74 43.96 -3.94
C TRP C 187 7.57 43.69 -2.70
N THR C 188 8.02 42.45 -2.47
CA THR C 188 8.97 42.24 -1.39
C THR C 188 10.38 42.60 -1.80
N SER C 189 10.63 42.78 -3.09
CA SER C 189 11.97 43.11 -3.56
C SER C 189 12.45 44.45 -3.02
N ALA C 190 11.56 45.26 -2.47
CA ALA C 190 11.93 46.55 -1.91
C ALA C 190 12.19 46.48 -0.41
N LEU C 191 12.25 45.27 0.15
CA LEU C 191 12.66 45.11 1.54
C LEU C 191 14.16 45.10 1.69
N ASP C 192 14.88 44.68 0.64
CA ASP C 192 16.30 44.39 0.77
C ASP C 192 17.10 45.61 1.22
N ASP C 193 16.68 46.81 0.81
CA ASP C 193 17.45 47.97 1.25
C ASP C 193 17.22 48.28 2.72
N VAL C 194 16.02 48.05 3.26
CA VAL C 194 15.83 48.24 4.69
C VAL C 194 16.53 47.15 5.47
N PHE C 195 16.51 45.91 4.95
CA PHE C 195 17.34 44.86 5.53
C PHE C 195 18.78 45.33 5.65
N LYS C 196 19.32 45.86 4.56
CA LYS C 196 20.72 46.28 4.54
C LYS C 196 20.99 47.41 5.52
N LYS C 197 20.09 48.39 5.59
CA LYS C 197 20.40 49.54 6.43
C LYS C 197 20.21 49.19 7.91
N ASN C 198 19.25 48.33 8.22
CA ASN C 198 19.18 47.77 9.58
C ASN C 198 20.48 47.09 9.93
N ARG C 199 21.00 46.26 9.02
CA ARG C 199 22.19 45.48 9.36
C ARG C 199 23.40 46.39 9.55
N GLU C 200 23.61 47.35 8.65
CA GLU C 200 24.75 48.24 8.80
C GLU C 200 24.57 49.26 9.89
N GLU C 201 23.35 49.40 10.42
CA GLU C 201 23.15 50.22 11.62
C GLU C 201 23.50 49.46 12.88
N ASP C 202 23.54 48.13 12.82
CA ASP C 202 23.80 47.30 14.00
C ASP C 202 24.40 46.00 13.52
N PRO C 203 25.72 45.93 13.40
CA PRO C 203 26.35 44.81 12.69
C PRO C 203 26.18 43.47 13.38
N SER C 204 25.61 43.43 14.58
CA SER C 204 25.41 42.17 15.30
C SER C 204 23.97 41.68 15.22
N LEU C 205 23.29 41.89 14.10
CA LEU C 205 21.97 41.32 13.88
C LEU C 205 22.10 39.93 13.27
N LEU C 206 21.26 39.02 13.71
CA LEU C 206 21.11 37.72 13.07
C LEU C 206 19.96 37.82 12.07
N TRP C 207 19.45 36.68 11.59
CA TRP C 207 18.48 36.69 10.51
C TRP C 207 17.38 37.71 10.73
N GLN C 208 17.05 38.43 9.67
CA GLN C 208 15.82 39.22 9.58
C GLN C 208 14.94 38.50 8.58
N VAL C 209 13.66 38.34 8.90
CA VAL C 209 12.81 37.51 8.06
C VAL C 209 11.44 38.17 7.95
N PHE C 210 10.92 38.21 6.73
CA PHE C 210 9.54 38.56 6.47
C PHE C 210 8.84 37.28 6.04
N GLY C 211 7.98 36.75 6.90
CA GLY C 211 7.28 35.54 6.56
C GLY C 211 5.85 35.86 6.21
N SER C 212 5.47 35.69 4.96
CA SER C 212 4.22 36.22 4.48
C SER C 212 3.15 35.14 4.41
N ALA C 213 1.90 35.58 4.30
CA ALA C 213 0.76 34.70 4.37
C ALA C 213 0.58 33.82 3.16
N THR C 214 1.49 33.89 2.18
CA THR C 214 1.43 33.04 1.01
C THR C 214 2.49 31.95 1.02
N GLY C 215 3.11 31.70 2.17
CA GLY C 215 4.09 30.66 2.32
C GLY C 215 5.52 31.13 2.23
N LEU C 216 5.78 32.19 1.46
CA LEU C 216 7.12 32.68 1.25
C LEU C 216 7.76 33.09 2.56
N ALA C 217 9.08 33.13 2.56
CA ALA C 217 9.83 33.72 3.66
C ALA C 217 11.07 34.36 3.07
N ARG C 218 11.19 35.66 3.19
CA ARG C 218 12.32 36.39 2.64
C ARG C 218 13.23 36.81 3.79
N TYR C 219 14.41 36.22 3.86
CA TYR C 219 15.30 36.49 4.99
C TYR C 219 16.63 37.04 4.50
N TYR C 220 17.35 37.65 5.43
CA TYR C 220 18.59 38.34 5.16
C TYR C 220 19.51 38.16 6.35
N PRO C 221 20.81 37.86 6.13
CA PRO C 221 21.54 37.77 4.86
C PRO C 221 21.32 36.43 4.18
N ALA C 222 21.46 36.40 2.86
CA ALA C 222 21.12 35.20 2.12
C ALA C 222 22.04 34.05 2.51
N SER C 223 21.49 32.84 2.50
CA SER C 223 22.25 31.66 2.86
C SER C 223 21.46 30.47 2.34
N PRO C 224 22.10 29.48 1.74
CA PRO C 224 21.35 28.39 1.14
C PRO C 224 20.63 27.57 2.20
N TRP C 225 19.39 27.18 1.90
CA TRP C 225 18.62 26.44 2.87
C TRP C 225 19.29 25.12 3.19
N VAL C 226 18.99 24.60 4.37
CA VAL C 226 19.73 23.44 4.86
C VAL C 226 19.30 22.16 4.13
N ASP C 227 18.04 22.06 3.74
CA ASP C 227 17.53 20.91 2.99
C ASP C 227 17.00 21.42 1.66
N ASN C 228 17.69 21.10 0.57
CA ASN C 228 17.09 21.30 -0.74
C ASN C 228 15.95 20.30 -0.93
N SER C 229 15.10 20.59 -1.90
CA SER C 229 13.86 19.84 -2.06
C SER C 229 14.13 18.37 -2.33
N ARG C 230 14.76 18.07 -3.47
CA ARG C 230 15.12 16.70 -3.81
C ARG C 230 16.52 16.60 -4.41
N THR C 231 17.31 17.68 -4.35
CA THR C 231 18.72 17.55 -4.66
C THR C 231 19.44 16.63 -3.68
N PRO C 232 19.13 16.64 -2.38
CA PRO C 232 19.49 15.49 -1.54
C PRO C 232 18.37 14.47 -1.53
N ASN C 233 18.52 13.41 -0.73
CA ASN C 233 17.49 12.38 -0.69
C ASN C 233 16.31 12.78 0.20
N LYS C 234 16.52 13.72 1.11
CA LYS C 234 15.51 14.08 2.10
C LYS C 234 14.73 15.32 1.69
N ILE C 235 13.49 15.39 2.14
CA ILE C 235 12.57 16.49 1.86
C ILE C 235 12.64 17.46 3.02
N ASP C 236 12.33 18.72 2.75
CA ASP C 236 12.14 19.69 3.81
C ASP C 236 10.67 20.09 3.89
N LEU C 237 10.11 20.00 5.09
CA LEU C 237 8.74 20.41 5.35
C LEU C 237 8.83 21.57 6.31
N TYR C 238 9.05 22.75 5.76
CA TYR C 238 9.13 23.97 6.55
C TYR C 238 8.14 24.93 5.93
N ASP C 239 7.14 25.32 6.71
CA ASP C 239 6.12 26.24 6.27
C ASP C 239 6.15 27.40 7.24
N VAL C 240 6.47 28.59 6.74
CA VAL C 240 6.67 29.72 7.64
C VAL C 240 5.38 30.05 8.36
N ARG C 241 4.26 29.51 7.92
CA ARG C 241 2.99 29.82 8.54
C ARG C 241 2.65 28.89 9.69
N ARG C 242 3.50 27.93 10.02
CA ARG C 242 3.31 27.08 11.18
C ARG C 242 4.33 27.34 12.27
N ARG C 243 5.29 28.23 12.03
CA ARG C 243 6.36 28.43 12.97
C ARG C 243 5.86 29.11 14.23
N PRO C 244 6.53 28.89 15.36
CA PRO C 244 6.09 29.54 16.60
C PRO C 244 6.02 31.04 16.51
N TRP C 245 7.04 31.67 15.94
CA TRP C 245 7.06 33.13 15.89
C TRP C 245 5.94 33.67 15.03
N TYR C 246 5.64 33.02 13.92
CA TYR C 246 4.56 33.49 13.06
C TYR C 246 3.21 33.33 13.73
N ILE C 247 2.89 32.11 14.18
CA ILE C 247 1.62 31.87 14.85
C ILE C 247 1.48 32.74 16.09
N GLN C 248 2.58 33.18 16.67
CA GLN C 248 2.46 34.10 17.79
C GLN C 248 2.12 35.50 17.33
N GLY C 249 2.88 36.03 16.39
CA GLY C 249 2.61 37.36 15.92
C GLY C 249 1.45 37.52 14.98
N ALA C 250 0.68 36.46 14.74
CA ALA C 250 -0.45 36.54 13.82
C ALA C 250 -1.81 36.50 14.49
N ALA C 251 -1.88 36.44 15.82
CA ALA C 251 -3.15 36.38 16.53
C ALA C 251 -2.87 36.55 18.02
N SER C 252 -3.92 36.42 18.81
CA SER C 252 -3.87 36.51 20.27
C SER C 252 -4.14 35.14 20.90
N PRO C 253 -3.74 34.94 22.15
CA PRO C 253 -3.89 33.61 22.76
C PRO C 253 -5.33 33.15 22.77
N LYS C 254 -5.51 31.83 22.73
CA LYS C 254 -6.80 31.23 22.44
C LYS C 254 -7.24 30.33 23.57
N ASP C 255 -8.52 29.93 23.52
CA ASP C 255 -9.08 28.87 24.34
C ASP C 255 -9.75 27.89 23.39
N MET C 256 -8.98 27.00 22.81
CA MET C 256 -9.52 26.11 21.79
C MET C 256 -10.23 24.95 22.46
N LEU C 257 -11.27 24.45 21.81
CA LEU C 257 -11.92 23.22 22.27
C LEU C 257 -12.25 22.37 21.06
N ILE C 258 -11.31 21.50 20.70
CA ILE C 258 -11.48 20.60 19.57
C ILE C 258 -12.56 19.59 19.90
N LEU C 259 -13.60 19.53 19.08
CA LEU C 259 -14.77 18.70 19.36
C LEU C 259 -14.85 17.61 18.30
N VAL C 260 -14.12 16.52 18.50
CA VAL C 260 -14.09 15.44 17.54
C VAL C 260 -15.45 14.78 17.48
N ASP C 261 -15.75 14.17 16.34
CA ASP C 261 -16.98 13.42 16.15
C ASP C 261 -16.61 11.96 16.00
N VAL C 262 -17.07 11.13 16.93
CA VAL C 262 -16.73 9.71 16.92
C VAL C 262 -17.98 8.90 16.66
N SER C 263 -18.91 9.46 15.90
CA SER C 263 -20.11 8.75 15.50
C SER C 263 -19.73 7.54 14.66
N GLY C 264 -20.73 6.74 14.30
CA GLY C 264 -20.43 5.57 13.50
C GLY C 264 -20.13 5.89 12.06
N SER C 265 -20.68 6.99 11.56
CA SER C 265 -20.50 7.33 10.16
C SER C 265 -19.10 7.80 9.83
N VAL C 266 -18.33 8.28 10.82
CA VAL C 266 -16.97 8.70 10.57
C VAL C 266 -16.00 7.54 10.55
N SER C 267 -16.49 6.31 10.66
CA SER C 267 -15.60 5.17 10.63
C SER C 267 -15.06 4.95 9.23
N GLY C 268 -13.83 4.45 9.16
CA GLY C 268 -13.21 4.22 7.88
C GLY C 268 -12.00 5.10 7.64
N LEU C 269 -12.04 5.88 6.56
CA LEU C 269 -10.96 6.80 6.26
C LEU C 269 -11.18 8.17 6.89
N THR C 270 -12.44 8.58 7.05
CA THR C 270 -12.71 9.82 7.75
C THR C 270 -12.14 9.82 9.15
N LEU C 271 -12.19 8.71 9.86
CA LEU C 271 -11.68 8.70 11.22
C LEU C 271 -10.17 8.86 11.24
N LYS C 272 -9.48 8.20 10.31
CA LYS C 272 -8.04 8.32 10.23
C LYS C 272 -7.63 9.75 9.92
N LEU C 273 -8.29 10.37 8.95
CA LEU C 273 -7.99 11.76 8.64
C LEU C 273 -8.32 12.68 9.80
N ILE C 274 -9.34 12.35 10.59
CA ILE C 274 -9.67 13.19 11.74
C ILE C 274 -8.59 13.10 12.81
N ARG C 275 -8.07 11.90 13.03
CA ARG C 275 -6.98 11.75 13.99
C ARG C 275 -5.76 12.56 13.57
N THR C 276 -5.34 12.39 12.31
CA THR C 276 -4.17 13.13 11.83
C THR C 276 -4.41 14.63 11.84
N SER C 277 -5.64 15.05 11.55
CA SER C 277 -5.93 16.48 11.53
C SER C 277 -5.91 17.07 12.92
N VAL C 278 -6.50 16.39 13.91
CA VAL C 278 -6.47 16.91 15.27
C VAL C 278 -5.04 17.02 15.76
N SER C 279 -4.19 16.04 15.43
CA SER C 279 -2.80 16.14 15.84
C SER C 279 -2.09 17.33 15.18
N GLU C 280 -2.22 17.46 13.87
CA GLU C 280 -1.60 18.59 13.17
C GLU C 280 -2.19 19.92 13.59
N MET C 281 -3.38 19.93 14.17
CA MET C 281 -3.98 21.16 14.67
C MET C 281 -3.42 21.52 16.04
N LEU C 282 -3.30 20.53 16.92
CA LEU C 282 -2.63 20.75 18.19
C LEU C 282 -1.22 21.28 17.99
N GLU C 283 -0.54 20.84 16.93
CA GLU C 283 0.81 21.33 16.70
C GLU C 283 0.87 22.82 16.41
N THR C 284 -0.27 23.49 16.30
CA THR C 284 -0.33 24.93 16.08
C THR C 284 -0.68 25.70 17.34
N LEU C 285 -0.41 25.13 18.50
CA LEU C 285 -0.73 25.78 19.77
C LEU C 285 0.55 26.01 20.55
N SER C 286 0.59 27.12 21.26
CA SER C 286 1.74 27.54 22.03
C SER C 286 1.40 27.40 23.50
N ASP C 287 2.28 27.89 24.36
CA ASP C 287 2.09 27.68 25.79
C ASP C 287 1.15 28.67 26.44
N ASP C 288 0.77 29.76 25.76
CA ASP C 288 -0.23 30.67 26.30
C ASP C 288 -1.65 30.29 25.92
N ASP C 289 -1.82 29.30 25.07
CA ASP C 289 -3.13 28.88 24.59
C ASP C 289 -3.58 27.65 25.36
N PHE C 290 -4.89 27.57 25.60
CA PHE C 290 -5.46 26.48 26.39
C PHE C 290 -6.36 25.64 25.50
N VAL C 291 -6.38 24.34 25.75
CA VAL C 291 -6.96 23.41 24.79
C VAL C 291 -7.52 22.20 25.53
N ASN C 292 -8.55 21.60 24.95
CA ASN C 292 -9.06 20.33 25.41
C ASN C 292 -9.80 19.69 24.25
N VAL C 293 -9.83 18.36 24.23
CA VAL C 293 -10.37 17.61 23.12
C VAL C 293 -11.56 16.81 23.61
N ALA C 294 -12.77 17.26 23.30
CA ALA C 294 -13.97 16.53 23.62
C ALA C 294 -14.21 15.48 22.54
N SER C 295 -15.34 14.78 22.66
CA SER C 295 -15.69 13.77 21.67
C SER C 295 -17.14 13.35 21.87
N PHE C 296 -17.95 13.35 20.82
CA PHE C 296 -19.39 13.11 21.00
C PHE C 296 -19.90 12.08 20.02
N ASN C 297 -20.70 11.12 20.51
CA ASN C 297 -21.51 10.24 19.67
C ASN C 297 -22.71 9.79 20.50
N SER C 298 -23.82 10.52 20.35
CA SER C 298 -25.00 10.35 21.21
C SER C 298 -24.68 10.55 22.68
N ASN C 299 -23.46 11.00 22.99
CA ASN C 299 -23.00 11.25 24.34
C ASN C 299 -21.69 12.02 24.24
N ALA C 300 -21.56 13.12 24.95
CA ALA C 300 -20.37 13.95 24.85
C ALA C 300 -19.48 13.70 26.06
N GLN C 301 -18.28 13.19 25.81
CA GLN C 301 -17.34 12.90 26.86
C GLN C 301 -15.98 13.44 26.48
N ASP C 302 -15.12 13.63 27.47
CA ASP C 302 -13.75 14.03 27.19
C ASP C 302 -12.99 12.86 26.59
N VAL C 303 -11.90 13.17 25.89
CA VAL C 303 -11.11 12.15 25.24
C VAL C 303 -9.93 11.70 26.08
N SER C 304 -9.65 12.40 27.18
CA SER C 304 -8.45 12.17 27.97
C SER C 304 -8.84 12.27 29.44
N CYS C 305 -7.83 12.44 30.30
CA CYS C 305 -8.01 12.48 31.74
C CYS C 305 -8.17 13.90 32.28
N PHE C 306 -8.54 14.87 31.44
CA PHE C 306 -8.39 16.27 31.80
C PHE C 306 -9.68 16.93 32.31
N GLN C 307 -10.73 16.92 31.49
CA GLN C 307 -12.05 17.44 31.85
C GLN C 307 -12.12 18.96 31.97
N HIS C 308 -11.07 19.68 31.62
CA HIS C 308 -11.14 21.14 31.54
C HIS C 308 -9.95 21.65 30.75
N LEU C 309 -10.01 22.91 30.36
CA LEU C 309 -8.99 23.49 29.50
C LEU C 309 -7.63 23.48 30.17
N VAL C 310 -6.66 22.81 29.56
CA VAL C 310 -5.31 22.72 30.08
C VAL C 310 -4.37 23.56 29.21
N GLN C 311 -3.13 23.72 29.65
CA GLN C 311 -2.28 24.81 29.19
C GLN C 311 -1.60 24.56 27.84
N ALA C 312 -1.73 23.39 27.23
CA ALA C 312 -1.15 23.15 25.91
C ALA C 312 0.35 23.43 25.88
N ASN C 313 1.08 22.81 26.79
CA ASN C 313 2.52 22.72 26.67
C ASN C 313 2.87 21.35 26.12
N VAL C 314 4.17 21.06 26.01
CA VAL C 314 4.59 19.89 25.27
C VAL C 314 4.02 18.62 25.89
N ARG C 315 3.95 18.55 27.22
CA ARG C 315 3.47 17.36 27.88
C ARG C 315 1.97 17.19 27.73
N ASN C 316 1.21 18.27 27.91
CA ASN C 316 -0.23 18.17 27.76
C ASN C 316 -0.62 17.86 26.32
N LYS C 317 0.07 18.46 25.35
CA LYS C 317 -0.20 18.12 23.96
C LYS C 317 0.14 16.66 23.68
N LYS C 318 1.19 16.15 24.31
CA LYS C 318 1.52 14.74 24.14
C LYS C 318 0.41 13.84 24.68
N VAL C 319 -0.12 14.18 25.85
CA VAL C 319 -1.24 13.43 26.42
C VAL C 319 -2.43 13.44 25.46
N LEU C 320 -2.79 14.62 24.97
CA LEU C 320 -3.97 14.74 24.12
C LEU C 320 -3.79 13.97 22.82
N LYS C 321 -2.60 14.02 22.22
CA LYS C 321 -2.36 13.26 20.99
C LYS C 321 -2.44 11.77 21.24
N ASP C 322 -1.82 11.30 22.31
CA ASP C 322 -1.84 9.87 22.58
C ASP C 322 -3.25 9.39 22.91
N ALA C 323 -4.10 10.26 23.44
CA ALA C 323 -5.47 9.87 23.72
C ALA C 323 -6.34 9.93 22.48
N VAL C 324 -6.03 10.83 21.54
CA VAL C 324 -6.81 10.92 20.32
C VAL C 324 -6.48 9.76 19.39
N ASN C 325 -5.24 9.28 19.40
CA ASN C 325 -4.91 8.17 18.52
C ASN C 325 -5.61 6.87 18.92
N ASN C 326 -6.33 6.83 20.04
CA ASN C 326 -7.05 5.66 20.47
C ASN C 326 -8.55 5.76 20.21
N ILE C 327 -8.99 6.84 19.59
CA ILE C 327 -10.41 7.04 19.34
C ILE C 327 -10.94 5.95 18.42
N THR C 328 -12.16 5.48 18.71
CA THR C 328 -12.86 4.55 17.84
C THR C 328 -14.23 5.11 17.53
N ALA C 329 -14.83 4.64 16.44
CA ALA C 329 -16.04 5.20 15.90
C ALA C 329 -17.17 4.20 15.99
N LYS C 330 -18.20 4.53 16.78
CA LYS C 330 -19.38 3.69 16.91
C LYS C 330 -20.50 4.44 17.62
N GLY C 331 -21.71 4.46 17.05
CA GLY C 331 -22.86 5.06 17.68
C GLY C 331 -23.63 5.95 16.74
N ILE C 332 -24.52 6.75 17.30
CA ILE C 332 -25.31 7.72 16.55
C ILE C 332 -24.77 9.11 16.84
N THR C 333 -25.12 10.05 15.99
CA THR C 333 -24.64 11.42 16.13
C THR C 333 -25.67 12.27 16.86
N ASP C 334 -25.19 13.21 17.66
CA ASP C 334 -26.08 14.13 18.36
C ASP C 334 -25.32 15.43 18.57
N TYR C 335 -25.56 16.41 17.70
CA TYR C 335 -24.80 17.65 17.75
C TYR C 335 -25.18 18.48 18.97
N LYS C 336 -26.41 18.35 19.46
CA LYS C 336 -26.83 19.15 20.60
C LYS C 336 -26.06 18.78 21.86
N LYS C 337 -25.85 17.48 22.09
CA LYS C 337 -25.06 17.05 23.24
C LYS C 337 -23.63 17.55 23.14
N GLY C 338 -23.01 17.35 21.98
CA GLY C 338 -21.63 17.78 21.80
C GLY C 338 -21.48 19.27 22.00
N PHE C 339 -22.38 20.07 21.45
CA PHE C 339 -22.22 21.50 21.59
C PHE C 339 -22.59 21.98 22.99
N SER C 340 -23.54 21.34 23.66
CA SER C 340 -23.78 21.67 25.05
C SER C 340 -22.53 21.43 25.87
N PHE C 341 -21.89 20.29 25.66
CA PHE C 341 -20.67 19.98 26.41
C PHE C 341 -19.56 20.97 26.10
N ALA C 342 -19.39 21.34 24.83
CA ALA C 342 -18.32 22.26 24.48
C ALA C 342 -18.56 23.65 25.07
N PHE C 343 -19.79 24.15 24.95
CA PHE C 343 -20.07 25.48 25.49
C PHE C 343 -20.02 25.48 27.01
N GLU C 344 -20.25 24.32 27.65
CA GLU C 344 -20.14 24.29 29.10
C GLU C 344 -18.70 24.12 29.55
N GLN C 345 -17.85 23.53 28.72
CA GLN C 345 -16.42 23.53 29.01
C GLN C 345 -15.83 24.92 28.86
N LEU C 346 -16.35 25.70 27.92
CA LEU C 346 -15.83 27.04 27.71
C LEU C 346 -16.38 28.07 28.69
N LEU C 347 -16.97 27.63 29.80
CA LEU C 347 -17.49 28.57 30.79
C LEU C 347 -17.02 28.26 32.20
N ASN C 348 -15.92 27.53 32.35
CA ASN C 348 -15.49 27.08 33.66
C ASN C 348 -15.14 28.25 34.58
N TYR C 349 -14.10 28.99 34.23
CA TYR C 349 -13.67 30.17 34.98
C TYR C 349 -13.26 29.83 36.41
N ASN C 350 -13.31 28.56 36.78
CA ASN C 350 -12.72 28.09 38.03
C ASN C 350 -11.26 27.75 37.87
N VAL C 351 -10.77 27.67 36.64
CA VAL C 351 -9.39 27.29 36.36
C VAL C 351 -8.70 28.44 35.66
N SER C 352 -7.42 28.25 35.35
CA SER C 352 -6.65 29.26 34.66
C SER C 352 -6.82 29.11 33.15
N ARG C 353 -7.27 30.17 32.49
CA ARG C 353 -7.47 30.17 31.06
C ARG C 353 -6.72 31.34 30.45
N ALA C 354 -6.74 31.41 29.12
CA ALA C 354 -6.15 32.54 28.43
C ALA C 354 -7.13 33.70 28.32
N ASN C 355 -8.43 33.41 28.41
CA ASN C 355 -9.47 34.42 28.58
C ASN C 355 -9.63 35.32 27.36
N CYS C 356 -9.11 34.93 26.20
CA CYS C 356 -9.10 35.83 25.06
C CYS C 356 -9.97 35.35 23.90
N ASN C 357 -9.71 34.17 23.36
CA ASN C 357 -10.40 33.70 22.16
C ASN C 357 -11.08 32.39 22.49
N LYS C 358 -12.40 32.37 22.47
CA LYS C 358 -13.17 31.17 22.73
C LYS C 358 -13.66 30.63 21.40
N ILE C 359 -13.06 29.55 20.94
CA ILE C 359 -13.37 28.97 19.64
C ILE C 359 -13.66 27.50 19.81
N ILE C 360 -14.51 26.97 18.93
CA ILE C 360 -14.83 25.55 18.91
C ILE C 360 -14.51 25.02 17.53
N MET C 361 -13.73 23.96 17.48
CA MET C 361 -13.35 23.31 16.24
C MET C 361 -14.11 21.99 16.14
N LEU C 362 -15.04 21.90 15.21
CA LEU C 362 -15.84 20.69 15.06
C LEU C 362 -15.29 19.88 13.90
N PHE C 363 -14.66 18.76 14.20
CA PHE C 363 -14.15 17.85 13.17
C PHE C 363 -15.22 16.81 12.91
N THR C 364 -15.85 16.87 11.75
CA THR C 364 -16.91 15.93 11.45
C THR C 364 -16.83 15.57 9.98
N ASP C 365 -17.83 14.86 9.49
CA ASP C 365 -17.92 14.53 8.07
C ASP C 365 -19.10 15.20 7.39
N GLY C 366 -20.29 15.07 7.94
CA GLY C 366 -21.47 15.67 7.35
C GLY C 366 -22.69 15.30 8.13
N GLY C 367 -23.71 16.15 8.13
CA GLY C 367 -24.88 15.87 8.93
C GLY C 367 -26.14 16.52 8.40
N GLU C 368 -27.20 16.52 9.20
CA GLU C 368 -28.45 17.15 8.81
C GLU C 368 -29.05 18.07 9.88
N GLU C 369 -28.52 18.06 11.09
CA GLU C 369 -29.02 18.92 12.16
C GLU C 369 -28.09 20.11 12.32
N ARG C 370 -28.63 21.32 12.19
CA ARG C 370 -27.85 22.52 12.43
C ARG C 370 -28.00 23.05 13.84
N ALA C 371 -29.08 22.70 14.53
CA ALA C 371 -29.25 22.97 15.95
C ALA C 371 -29.15 24.47 16.25
N GLN C 372 -30.09 25.22 15.70
CA GLN C 372 -30.19 26.64 16.04
C GLN C 372 -30.47 26.84 17.52
N GLU C 373 -31.11 25.87 18.16
CA GLU C 373 -31.49 26.00 19.56
C GLU C 373 -30.28 26.22 20.44
N ILE C 374 -29.25 25.39 20.28
CA ILE C 374 -28.09 25.48 21.17
C ILE C 374 -27.32 26.75 20.93
N PHE C 375 -27.20 27.18 19.68
CA PHE C 375 -26.46 28.41 19.41
C PHE C 375 -27.22 29.62 19.93
N ALA C 376 -28.55 29.56 19.98
CA ALA C 376 -29.29 30.65 20.59
C ALA C 376 -29.25 30.58 22.11
N LYS C 377 -29.12 29.38 22.66
CA LYS C 377 -29.16 29.21 24.11
C LYS C 377 -27.82 29.51 24.76
N TYR C 378 -26.71 29.32 24.04
CA TYR C 378 -25.39 29.48 24.62
C TYR C 378 -24.63 30.69 24.12
N ASN C 379 -24.63 30.99 22.83
CA ASN C 379 -23.95 32.18 22.33
C ASN C 379 -24.89 33.02 21.48
N LYS C 380 -26.06 33.32 22.03
CA LYS C 380 -26.95 34.30 21.43
C LYS C 380 -26.25 35.62 21.15
N ASP C 381 -25.18 35.91 21.90
CA ASP C 381 -24.44 37.16 21.76
C ASP C 381 -23.17 37.02 20.94
N LYS C 382 -22.86 35.81 20.46
CA LYS C 382 -21.74 35.56 19.55
C LYS C 382 -20.41 36.00 20.16
N LYS C 383 -20.03 35.31 21.24
CA LYS C 383 -18.69 35.42 21.79
C LYS C 383 -17.80 34.25 21.40
N VAL C 384 -18.38 33.10 21.10
CA VAL C 384 -17.65 31.89 20.78
C VAL C 384 -17.71 31.67 19.28
N ARG C 385 -16.55 31.57 18.64
CA ARG C 385 -16.50 31.28 17.22
C ARG C 385 -16.60 29.79 17.00
N VAL C 386 -17.00 29.41 15.80
CA VAL C 386 -17.04 28.01 15.41
C VAL C 386 -16.35 27.86 14.06
N PHE C 387 -15.39 26.94 14.02
CA PHE C 387 -14.72 26.54 12.79
C PHE C 387 -15.09 25.09 12.57
N THR C 388 -15.68 24.79 11.42
CA THR C 388 -16.13 23.43 11.14
C THR C 388 -15.31 22.84 10.03
N PHE C 389 -14.77 21.64 10.28
CA PHE C 389 -13.95 20.92 9.33
C PHE C 389 -14.74 19.71 8.89
N SER C 390 -14.92 19.56 7.58
CA SER C 390 -15.59 18.42 7.00
C SER C 390 -14.55 17.56 6.33
N VAL C 391 -14.35 16.35 6.83
CA VAL C 391 -13.19 15.54 6.52
C VAL C 391 -13.62 14.33 5.71
N GLY C 392 -12.85 14.00 4.68
CA GLY C 392 -13.02 12.75 3.96
C GLY C 392 -13.72 12.95 2.63
N GLN C 393 -13.87 11.83 1.93
CA GLN C 393 -14.61 11.75 0.68
C GLN C 393 -15.87 10.95 0.95
N HIS C 394 -16.97 11.64 1.16
CA HIS C 394 -18.23 11.02 1.54
C HIS C 394 -19.34 11.66 0.74
N ASN C 395 -20.56 11.17 0.94
CA ASN C 395 -21.72 11.65 0.20
C ASN C 395 -22.78 12.18 1.17
N TYR C 396 -22.35 12.82 2.24
CA TYR C 396 -23.25 13.38 3.23
C TYR C 396 -23.48 14.87 2.96
N ASP C 397 -24.43 15.43 3.68
CA ASP C 397 -24.78 16.83 3.51
C ASP C 397 -23.85 17.71 4.32
N ARG C 398 -23.46 18.84 3.74
CA ARG C 398 -22.59 19.80 4.41
C ARG C 398 -23.25 21.15 4.60
N GLY C 399 -24.50 21.33 4.20
CA GLY C 399 -25.23 22.54 4.45
C GLY C 399 -25.25 22.95 5.91
N PRO C 400 -25.64 22.03 6.80
CA PRO C 400 -25.64 22.39 8.23
C PRO C 400 -24.28 22.81 8.74
N ILE C 401 -23.22 22.15 8.28
CA ILE C 401 -21.89 22.45 8.79
C ILE C 401 -21.45 23.83 8.33
N GLN C 402 -21.68 24.17 7.06
CA GLN C 402 -21.37 25.51 6.59
C GLN C 402 -22.20 26.55 7.33
N TRP C 403 -23.44 26.20 7.66
CA TRP C 403 -24.28 27.15 8.39
C TRP C 403 -23.72 27.41 9.78
N MET C 404 -23.45 26.35 10.54
CA MET C 404 -22.81 26.52 11.84
C MET C 404 -21.57 27.38 11.72
N ALA C 405 -20.77 27.12 10.69
CA ALA C 405 -19.51 27.85 10.53
C ALA C 405 -19.75 29.34 10.37
N CYS C 406 -20.46 29.75 9.32
CA CYS C 406 -20.60 31.18 9.06
C CYS C 406 -21.96 31.70 9.48
N GLU C 407 -22.45 31.19 10.60
CA GLU C 407 -23.44 31.84 11.44
C GLU C 407 -22.81 32.34 12.74
N ASN C 408 -21.92 31.55 13.34
CA ASN C 408 -21.20 31.91 14.54
C ASN C 408 -19.83 32.50 14.24
N LYS C 409 -19.72 33.45 13.34
CA LYS C 409 -18.47 34.16 13.10
C LYS C 409 -17.30 33.23 12.82
N GLY C 410 -17.55 31.98 12.44
CA GLY C 410 -16.46 31.03 12.29
C GLY C 410 -15.97 30.90 10.88
N TYR C 411 -15.72 29.67 10.43
CA TYR C 411 -15.26 29.41 9.07
C TYR C 411 -15.44 27.94 8.77
N TYR C 412 -15.32 27.57 7.51
CA TYR C 412 -15.58 26.22 7.07
C TYR C 412 -14.46 25.71 6.19
N TYR C 413 -13.90 24.55 6.55
CA TYR C 413 -12.78 23.97 5.82
C TYR C 413 -13.12 22.54 5.41
N GLU C 414 -12.56 22.12 4.28
CA GLU C 414 -12.75 20.77 3.76
C GLU C 414 -11.41 20.08 3.69
N ILE C 415 -11.33 18.87 4.25
CA ILE C 415 -10.07 18.14 4.26
C ILE C 415 -10.29 16.78 3.58
N PRO C 416 -9.99 16.65 2.30
CA PRO C 416 -10.28 15.39 1.62
C PRO C 416 -9.15 14.36 1.66
N SER C 417 -7.93 14.79 1.94
CA SER C 417 -6.80 13.86 1.90
C SER C 417 -5.73 14.29 2.89
N ILE C 418 -4.70 13.47 3.03
CA ILE C 418 -3.61 13.77 3.95
C ILE C 418 -2.81 14.96 3.48
N GLY C 419 -2.91 15.34 2.21
CA GLY C 419 -2.12 16.45 1.70
C GLY C 419 -2.69 17.80 2.04
N ALA C 420 -3.99 17.88 2.27
CA ALA C 420 -4.65 19.14 2.57
C ALA C 420 -4.68 19.44 4.05
N ILE C 421 -4.22 18.52 4.89
CA ILE C 421 -4.28 18.71 6.33
C ILE C 421 -3.38 19.86 6.75
N ARG C 422 -2.14 19.88 6.27
CA ARG C 422 -1.20 20.90 6.71
C ARG C 422 -1.64 22.29 6.31
N ILE C 423 -2.44 22.40 5.26
CA ILE C 423 -2.84 23.72 4.78
C ILE C 423 -4.18 24.15 5.34
N ASN C 424 -5.05 23.21 5.71
CA ASN C 424 -6.34 23.60 6.25
C ASN C 424 -6.35 23.71 7.75
N THR C 425 -5.50 22.97 8.45
CA THR C 425 -5.46 23.03 9.90
C THR C 425 -4.55 24.13 10.41
N GLN C 426 -4.25 25.13 9.60
CA GLN C 426 -3.44 26.26 10.01
C GLN C 426 -4.01 27.60 9.57
N GLU C 427 -5.07 27.60 8.78
CA GLU C 427 -5.58 28.80 8.15
C GLU C 427 -6.73 29.44 8.91
N TYR C 428 -6.96 29.05 10.16
CA TYR C 428 -7.91 29.77 10.99
C TYR C 428 -7.29 30.97 11.67
N LEU C 429 -5.97 31.10 11.63
CA LEU C 429 -5.31 32.30 12.10
C LEU C 429 -5.42 33.45 11.12
N ASP C 430 -6.13 33.26 10.02
CA ASP C 430 -6.57 34.38 9.19
C ASP C 430 -7.88 34.94 9.71
N VAL C 431 -8.72 34.08 10.25
CA VAL C 431 -9.97 34.54 10.86
C VAL C 431 -9.69 35.18 12.21
N LEU C 432 -8.89 34.54 13.04
CA LEU C 432 -8.65 35.08 14.37
C LEU C 432 -7.92 36.41 14.35
N GLY C 433 -7.37 36.80 13.22
CA GLY C 433 -6.61 38.02 13.12
C GLY C 433 -7.36 39.24 12.64
N ARG C 434 -8.63 39.10 12.31
CA ARG C 434 -9.41 40.27 11.89
C ARG C 434 -9.49 41.34 12.97
N PRO C 435 -9.83 41.02 14.23
CA PRO C 435 -9.87 42.09 15.24
C PRO C 435 -8.55 42.77 15.44
N MET C 436 -7.45 42.03 15.31
CA MET C 436 -6.13 42.65 15.46
C MET C 436 -5.86 43.65 14.36
N VAL C 437 -6.48 43.48 13.19
CA VAL C 437 -6.31 44.44 12.11
C VAL C 437 -7.25 45.63 12.28
N LEU C 438 -8.52 45.35 12.59
CA LEU C 438 -9.46 46.43 12.85
C LEU C 438 -9.09 47.25 14.07
N ALA C 439 -8.18 46.77 14.91
CA ALA C 439 -7.62 47.59 15.98
C ALA C 439 -6.55 48.55 15.49
N GLY C 440 -5.88 48.23 14.39
CA GLY C 440 -4.97 49.19 13.78
C GLY C 440 -3.68 49.35 14.56
N ASP C 441 -3.17 50.59 14.59
CA ASP C 441 -1.87 50.87 15.18
C ASP C 441 -1.79 50.47 16.65
N LYS C 442 -2.93 50.27 17.31
CA LYS C 442 -2.90 49.83 18.70
C LYS C 442 -2.35 48.41 18.82
N ALA C 443 -2.43 47.62 17.77
CA ALA C 443 -2.12 46.20 17.82
C ALA C 443 -0.74 45.86 17.28
N LYS C 444 0.20 46.79 17.31
CA LYS C 444 1.54 46.54 16.82
C LYS C 444 2.51 46.74 17.98
N GLN C 445 2.71 45.66 18.73
CA GLN C 445 3.71 45.62 19.79
C GLN C 445 4.60 44.41 19.57
N VAL C 446 5.90 44.61 19.62
CA VAL C 446 6.83 43.51 19.48
C VAL C 446 6.69 42.57 20.67
N GLN C 447 6.67 41.28 20.41
CA GLN C 447 6.63 40.29 21.46
C GLN C 447 7.57 39.14 21.13
N TRP C 448 8.28 38.68 22.14
CA TRP C 448 9.37 37.74 21.98
C TRP C 448 8.89 36.31 22.23
N THR C 449 9.48 35.38 21.51
CA THR C 449 9.05 33.99 21.52
C THR C 449 9.74 33.21 22.63
N ASN C 450 9.29 31.99 22.84
CA ASN C 450 10.02 31.07 23.70
C ASN C 450 11.39 30.80 23.10
N VAL C 451 12.24 30.15 23.88
CA VAL C 451 13.52 29.69 23.35
C VAL C 451 13.26 28.48 22.47
N TYR C 452 13.79 28.51 21.25
CA TYR C 452 13.64 27.40 20.33
C TYR C 452 14.91 27.30 19.50
N LEU C 453 15.04 26.22 18.75
CA LEU C 453 16.22 25.96 17.95
C LEU C 453 16.03 26.53 16.54
N ASP C 454 17.03 27.26 16.07
CA ASP C 454 16.92 27.93 14.78
C ASP C 454 16.82 26.92 13.65
N ALA C 455 16.15 27.32 12.57
CA ALA C 455 15.99 26.45 11.41
C ALA C 455 17.17 26.52 10.47
N LEU C 456 18.06 27.49 10.65
CA LEU C 456 19.31 27.57 9.92
C LEU C 456 20.50 27.25 10.82
N GLU C 457 20.27 26.50 11.89
CA GLU C 457 21.32 25.97 12.75
C GLU C 457 22.20 27.07 13.33
N LEU C 458 21.57 27.92 14.13
CA LEU C 458 22.29 28.94 14.86
C LEU C 458 22.33 28.67 16.36
N GLY C 459 21.72 27.58 16.80
CA GLY C 459 21.67 27.26 18.22
C GLY C 459 20.30 27.55 18.78
N LEU C 460 20.25 28.05 20.01
CA LEU C 460 19.00 28.49 20.60
C LEU C 460 18.84 29.98 20.36
N VAL C 461 17.63 30.38 19.95
CA VAL C 461 17.34 31.78 19.68
C VAL C 461 15.97 32.11 20.22
N ILE C 462 15.72 33.39 20.42
CA ILE C 462 14.37 33.91 20.58
C ILE C 462 14.14 34.87 19.43
N THR C 463 12.89 34.96 18.98
CA THR C 463 12.54 35.78 17.84
C THR C 463 11.50 36.79 18.27
N GLY C 464 11.67 38.04 17.84
CA GLY C 464 10.69 39.07 18.14
C GLY C 464 9.85 39.39 16.93
N THR C 465 8.53 39.27 17.05
CA THR C 465 7.65 39.39 15.90
C THR C 465 6.81 40.65 16.00
N LEU C 466 6.35 41.11 14.84
CA LEU C 466 5.48 42.27 14.72
C LEU C 466 4.70 42.13 13.43
N PRO C 467 3.38 42.14 13.46
CA PRO C 467 2.61 41.83 12.25
C PRO C 467 2.59 43.00 11.29
N VAL C 468 2.23 42.69 10.05
CA VAL C 468 2.24 43.67 8.97
C VAL C 468 0.83 43.71 8.37
N PHE C 469 0.28 44.90 8.24
CA PHE C 469 -1.10 45.07 7.82
C PHE C 469 -1.17 45.48 6.35
N ASN C 470 -2.30 45.17 5.72
CA ASN C 470 -2.52 45.44 4.30
C ASN C 470 -3.41 46.67 4.19
N ILE C 471 -2.85 47.76 3.66
CA ILE C 471 -3.57 49.03 3.58
C ILE C 471 -3.52 49.52 2.14
N THR C 472 -4.49 49.11 1.34
CA THR C 472 -4.65 49.60 -0.02
C THR C 472 -5.92 50.44 -0.07
N GLY C 473 -5.76 51.71 -0.46
CA GLY C 473 -6.86 52.64 -0.34
C GLY C 473 -7.27 52.81 1.09
N GLN C 474 -6.39 53.36 1.91
CA GLN C 474 -6.67 53.54 3.33
C GLN C 474 -7.14 54.94 3.68
N PHE C 475 -6.87 55.92 2.81
CA PHE C 475 -7.36 57.27 3.07
C PHE C 475 -8.71 57.55 2.42
N GLU C 476 -9.30 56.59 1.71
CA GLU C 476 -10.61 56.80 1.10
C GLU C 476 -11.59 55.65 1.32
N ASN C 477 -11.22 54.58 2.02
CA ASN C 477 -12.13 53.50 2.38
C ASN C 477 -12.73 52.86 1.13
N LYS C 478 -11.88 52.16 0.39
CA LYS C 478 -12.29 51.57 -0.88
C LYS C 478 -12.81 50.14 -0.76
N THR C 479 -11.95 49.21 -0.33
CA THR C 479 -12.33 47.80 -0.41
C THR C 479 -12.65 47.20 0.95
N ASN C 480 -11.69 47.27 1.87
CA ASN C 480 -11.80 46.69 3.21
C ASN C 480 -12.21 45.22 3.18
N LEU C 481 -12.00 44.55 2.04
CA LEU C 481 -12.29 43.13 1.89
C LEU C 481 -11.05 42.26 1.99
N LYS C 482 -10.00 42.61 1.27
CA LYS C 482 -8.67 42.06 1.52
C LYS C 482 -7.98 42.76 2.66
N ASN C 483 -8.48 43.92 3.10
CA ASN C 483 -7.85 44.72 4.13
C ASN C 483 -8.30 44.33 5.53
N GLN C 484 -8.81 43.13 5.70
CA GLN C 484 -9.07 42.60 7.03
C GLN C 484 -7.99 41.62 7.47
N LEU C 485 -7.24 41.06 6.54
CA LEU C 485 -6.18 40.12 6.84
C LEU C 485 -4.82 40.80 6.88
N ILE C 486 -3.90 40.19 7.60
CA ILE C 486 -2.52 40.67 7.62
C ILE C 486 -1.79 40.15 6.40
N LEU C 487 -0.69 40.80 6.07
CA LEU C 487 0.15 40.31 4.99
C LEU C 487 1.08 39.21 5.48
N GLY C 488 1.75 39.44 6.60
CA GLY C 488 2.67 38.46 7.13
C GLY C 488 3.12 38.88 8.50
N VAL C 489 4.32 38.45 8.86
CA VAL C 489 4.91 38.77 10.15
C VAL C 489 6.39 39.05 9.95
N MET C 490 6.89 40.10 10.56
CA MET C 490 8.28 40.49 10.46
C MET C 490 8.99 40.09 11.74
N GLY C 491 10.01 39.25 11.63
CA GLY C 491 10.71 38.76 12.80
C GLY C 491 12.21 38.96 12.66
N VAL C 492 12.89 38.96 13.81
CA VAL C 492 14.34 39.15 13.87
C VAL C 492 14.88 38.39 15.07
N ASP C 493 15.93 37.60 14.84
CA ASP C 493 16.42 36.68 15.86
C ASP C 493 17.37 37.35 16.83
N VAL C 494 17.42 36.82 18.04
CA VAL C 494 18.39 37.20 19.06
C VAL C 494 18.91 35.90 19.64
N SER C 495 20.15 35.56 19.35
CA SER C 495 20.68 34.32 19.88
C SER C 495 20.89 34.44 21.38
N LEU C 496 21.01 33.30 22.04
CA LEU C 496 21.27 33.32 23.47
C LEU C 496 22.74 33.50 23.81
N GLU C 497 23.64 33.28 22.85
CA GLU C 497 25.01 33.70 23.05
C GLU C 497 25.14 35.21 22.99
N ASP C 498 24.16 35.91 22.44
CA ASP C 498 24.15 37.36 22.49
C ASP C 498 23.72 37.87 23.85
N ILE C 499 22.86 37.13 24.54
CA ILE C 499 22.41 37.53 25.86
C ILE C 499 23.41 37.11 26.92
N LYS C 500 24.04 35.96 26.75
CA LYS C 500 25.05 35.51 27.70
C LYS C 500 26.34 36.29 27.61
N ARG C 501 26.44 37.29 26.73
CA ARG C 501 27.60 38.16 26.72
C ARG C 501 27.36 39.44 27.51
N LEU C 502 26.11 39.81 27.74
CA LEU C 502 25.77 40.94 28.57
C LEU C 502 25.72 40.59 30.04
N THR C 503 25.88 39.32 30.38
CA THR C 503 25.90 38.85 31.76
C THR C 503 27.22 38.13 32.01
N PRO C 504 28.33 38.86 32.11
CA PRO C 504 29.64 38.22 32.22
C PRO C 504 29.83 37.63 33.61
N ARG C 505 30.24 36.37 33.65
CA ARG C 505 30.20 35.57 34.87
C ARG C 505 31.58 35.18 35.39
N PHE C 506 32.60 35.97 35.09
CA PHE C 506 33.95 35.57 35.44
C PHE C 506 34.53 36.32 36.62
N THR C 507 33.75 37.20 37.25
CA THR C 507 34.11 37.77 38.53
C THR C 507 33.32 37.15 39.66
N LEU C 508 32.57 36.09 39.39
CA LEU C 508 31.88 35.29 40.38
C LEU C 508 32.57 33.94 40.48
N CYS C 509 32.34 33.23 41.59
CA CYS C 509 32.90 31.91 41.72
C CYS C 509 32.29 30.98 40.68
N PRO C 510 32.79 29.75 40.56
CA PRO C 510 32.10 28.77 39.72
C PRO C 510 30.66 28.53 40.10
N ASN C 511 30.20 29.09 41.23
CA ASN C 511 28.91 28.76 41.80
C ASN C 511 27.85 29.81 41.54
N GLY C 512 28.21 31.07 41.34
CA GLY C 512 27.23 32.10 41.09
C GLY C 512 26.93 32.27 39.61
N TYR C 513 25.73 32.74 39.29
CA TYR C 513 25.34 32.81 37.89
C TYR C 513 24.09 33.68 37.73
N TYR C 514 23.81 34.06 36.49
CA TYR C 514 22.59 34.76 36.16
C TYR C 514 21.56 33.79 35.62
N PHE C 515 20.29 34.15 35.75
CA PHE C 515 19.25 33.38 35.08
C PHE C 515 18.00 34.23 34.98
N ALA C 516 17.29 34.11 33.86
CA ALA C 516 16.13 34.94 33.59
C ALA C 516 14.90 34.06 33.45
N ILE C 517 13.75 34.71 33.35
CA ILE C 517 12.48 34.00 33.47
C ILE C 517 11.40 34.75 32.71
N ASP C 518 10.51 34.00 32.05
CA ASP C 518 9.33 34.44 31.31
C ASP C 518 8.28 34.96 32.27
N PRO C 519 7.16 35.49 31.81
CA PRO C 519 6.01 35.56 32.71
C PRO C 519 5.22 34.27 32.64
N ASN C 520 5.93 33.17 32.56
CA ASN C 520 5.32 31.86 32.39
C ASN C 520 6.04 30.79 33.17
N GLY C 521 7.13 31.13 33.85
CA GLY C 521 7.93 30.18 34.56
C GLY C 521 9.14 29.77 33.75
N TYR C 522 8.94 29.56 32.45
CA TYR C 522 9.97 29.00 31.60
C TYR C 522 11.23 29.84 31.67
N VAL C 523 12.36 29.19 31.46
CA VAL C 523 13.66 29.80 31.67
C VAL C 523 14.19 30.23 30.32
N LEU C 524 14.77 31.44 30.27
CA LEU C 524 15.44 31.96 29.10
C LEU C 524 16.95 31.87 29.19
N LEU C 525 17.48 31.98 30.40
CA LEU C 525 18.92 31.94 30.64
C LEU C 525 19.14 31.06 31.85
N HIS C 526 20.02 30.07 31.72
CA HIS C 526 20.34 29.22 32.85
C HIS C 526 21.62 28.48 32.54
N PRO C 527 22.33 27.99 33.56
CA PRO C 527 23.46 27.10 33.31
C PRO C 527 23.04 25.69 32.96
N ASN C 528 21.76 25.37 33.01
CA ASN C 528 21.27 24.02 32.79
C ASN C 528 20.31 23.95 31.62
N LEU C 529 20.34 24.93 30.74
CA LEU C 529 19.53 24.94 29.53
C LEU C 529 20.45 24.57 28.36
N GLN C 530 20.21 23.42 27.77
CA GLN C 530 21.08 22.89 26.75
C GLN C 530 20.43 22.95 25.38
N PRO C 531 21.24 22.93 24.31
CA PRO C 531 20.69 23.10 22.96
C PRO C 531 19.85 21.93 22.46
N LYS C 532 19.53 20.96 23.28
CA LYS C 532 18.75 19.83 22.81
C LYS C 532 17.26 20.09 23.02
N PRO C 533 16.40 19.35 22.34
CA PRO C 533 14.96 19.51 22.54
C PRO C 533 14.51 18.92 23.86
N ILE C 534 13.43 19.48 24.39
CA ILE C 534 12.82 18.98 25.61
C ILE C 534 12.13 17.66 25.33
N GLY C 535 12.47 16.64 26.11
CA GLY C 535 11.92 15.32 25.90
C GLY C 535 10.63 15.09 26.67
N VAL C 536 9.77 14.25 26.10
CA VAL C 536 8.55 13.83 26.77
C VAL C 536 8.54 12.31 26.78
N GLY C 537 8.01 11.74 27.86
CA GLY C 537 7.77 10.31 27.97
C GLY C 537 8.98 9.44 27.71
N ILE C 538 8.70 8.19 27.38
CA ILE C 538 9.71 7.18 27.08
C ILE C 538 9.69 6.93 25.58
N PRO C 539 10.84 6.94 24.91
CA PRO C 539 10.84 6.79 23.45
C PRO C 539 10.64 5.35 23.04
N THR C 540 9.68 5.13 22.14
CA THR C 540 9.40 3.81 21.61
C THR C 540 9.34 3.91 20.09
N ILE C 541 10.03 2.98 19.42
CA ILE C 541 10.07 2.97 17.96
C ILE C 541 9.78 1.54 17.49
N ASN C 542 9.20 1.45 16.29
CA ASN C 542 8.93 0.16 15.65
C ASN C 542 9.75 0.12 14.37
N LEU C 543 11.00 -0.32 14.49
CA LEU C 543 11.90 -0.41 13.34
C LEU C 543 11.33 -1.24 12.21
N ARG C 544 10.43 -2.16 12.52
CA ARG C 544 9.89 -3.10 11.55
C ARG C 544 8.68 -2.54 10.80
N LYS C 545 8.49 -1.23 10.79
CA LYS C 545 7.43 -0.62 10.00
C LYS C 545 7.89 0.67 9.34
N ARG C 546 9.18 0.77 9.01
CA ARG C 546 9.74 1.99 8.44
C ARG C 546 10.57 1.63 7.22
N ARG C 547 10.05 1.92 6.04
CA ARG C 547 10.84 1.73 4.83
C ARG C 547 12.11 2.56 4.92
N PRO C 548 13.21 2.12 4.31
CA PRO C 548 14.50 2.80 4.50
C PRO C 548 14.62 4.15 3.81
N ASN C 549 13.67 4.54 2.97
CA ASN C 549 13.81 5.74 2.14
C ASN C 549 12.54 6.57 2.15
N VAL C 550 12.00 6.88 3.33
CA VAL C 550 10.71 7.54 3.43
C VAL C 550 10.77 8.96 3.98
N GLN C 551 11.88 9.37 4.59
CA GLN C 551 12.06 10.74 5.08
C GLN C 551 10.99 11.11 6.12
N ASN C 552 11.12 10.48 7.28
CA ASN C 552 10.33 10.87 8.44
C ASN C 552 10.55 12.35 8.77
N PRO C 553 9.52 13.05 9.24
CA PRO C 553 9.71 14.42 9.74
C PRO C 553 10.38 14.43 11.11
N LYS C 554 10.95 15.58 11.48
CA LYS C 554 11.78 15.60 12.68
C LYS C 554 11.11 16.19 13.93
N SER C 555 10.81 17.50 13.93
CA SER C 555 10.29 18.15 15.13
C SER C 555 10.05 19.63 14.83
N GLN C 556 9.28 20.28 15.72
CA GLN C 556 9.09 21.71 15.64
C GLN C 556 9.03 22.38 17.01
N GLU C 557 9.22 21.64 18.10
CA GLU C 557 8.86 22.15 19.41
C GLU C 557 9.88 23.18 19.90
N PRO C 558 9.45 24.09 20.78
CA PRO C 558 10.39 24.97 21.45
C PRO C 558 10.99 24.32 22.68
N VAL C 559 12.12 24.87 23.10
CA VAL C 559 12.84 24.36 24.28
C VAL C 559 12.28 25.11 25.47
N THR C 560 11.15 24.62 25.97
CA THR C 560 10.45 25.25 27.09
C THR C 560 10.77 24.46 28.35
N LEU C 561 11.76 24.91 29.09
CA LEU C 561 12.21 24.24 30.30
C LEU C 561 11.87 25.12 31.49
N ASP C 562 10.94 24.65 32.32
CA ASP C 562 10.50 25.43 33.45
C ASP C 562 11.65 25.71 34.39
N PHE C 563 11.48 26.73 35.24
CA PHE C 563 12.57 27.09 36.14
C PHE C 563 12.73 26.08 37.25
N LEU C 564 11.62 25.53 37.75
CA LEU C 564 11.68 24.52 38.80
C LEU C 564 12.15 23.17 38.29
N ASP C 565 12.25 22.99 36.98
CA ASP C 565 12.76 21.76 36.39
C ASP C 565 14.20 21.88 35.92
N ALA C 566 14.83 23.03 36.14
CA ALA C 566 16.25 23.16 35.87
C ALA C 566 17.11 23.02 37.12
N GLU C 567 16.57 23.35 38.29
CA GLU C 567 17.28 23.23 39.55
C GLU C 567 16.57 22.21 40.44
N LEU C 568 17.06 22.08 41.66
CA LEU C 568 16.32 21.35 42.68
C LEU C 568 15.27 22.28 43.29
N GLU C 569 14.17 21.69 43.74
CA GLU C 569 12.96 22.46 44.06
C GLU C 569 12.73 22.46 45.56
N ASN C 570 13.04 23.58 46.21
CA ASN C 570 12.58 23.83 47.56
C ASN C 570 11.16 24.36 47.48
N ASP C 571 10.63 24.83 48.60
CA ASP C 571 9.45 25.66 48.61
C ASP C 571 9.79 27.13 48.82
N ILE C 572 11.07 27.45 48.95
CA ILE C 572 11.51 28.83 48.90
C ILE C 572 11.82 29.26 47.47
N LYS C 573 12.28 28.32 46.63
CA LYS C 573 12.44 28.65 45.22
C LYS C 573 11.09 28.80 44.53
N VAL C 574 10.08 28.06 44.95
CA VAL C 574 8.73 28.30 44.44
C VAL C 574 8.30 29.72 44.79
N GLU C 575 8.63 30.18 45.98
CA GLU C 575 8.31 31.54 46.39
C GLU C 575 9.05 32.57 45.57
N ILE C 576 10.36 32.40 45.38
CA ILE C 576 11.12 33.32 44.55
C ILE C 576 10.56 33.35 43.14
N ARG C 577 10.17 32.19 42.63
CA ARG C 577 9.62 32.10 41.28
C ARG C 577 8.32 32.89 41.17
N ASN C 578 7.32 32.53 41.98
CA ASN C 578 6.06 33.25 41.95
C ASN C 578 6.21 34.71 42.36
N LYS C 579 7.35 35.11 42.91
CA LYS C 579 7.55 36.50 43.25
C LYS C 579 8.20 37.29 42.14
N MET C 580 9.05 36.66 41.34
CA MET C 580 9.68 37.34 40.21
C MET C 580 8.92 37.13 38.91
N ILE C 581 7.88 36.31 38.90
CA ILE C 581 7.03 36.19 37.71
C ILE C 581 6.16 37.43 37.54
N ASP C 582 5.69 38.00 38.65
CA ASP C 582 4.93 39.25 38.61
C ASP C 582 5.83 40.45 38.86
N GLY C 583 6.90 40.57 38.08
CA GLY C 583 7.76 41.74 38.03
C GLY C 583 8.09 42.45 39.33
N GLU C 584 8.60 41.72 40.31
CA GLU C 584 9.02 42.31 41.56
C GLU C 584 10.53 42.29 41.69
N SER C 585 11.07 43.26 42.41
CA SER C 585 12.47 43.27 42.76
C SER C 585 12.64 42.71 44.17
N GLY C 586 13.86 42.34 44.51
CA GLY C 586 14.11 41.93 45.88
C GLY C 586 15.34 41.06 46.00
N GLU C 587 15.46 40.46 47.19
CA GLU C 587 16.63 39.70 47.59
C GLU C 587 16.19 38.69 48.62
N LYS C 588 16.92 37.57 48.69
CA LYS C 588 16.56 36.50 49.62
C LYS C 588 17.76 35.59 49.81
N THR C 589 18.22 35.46 51.05
CA THR C 589 19.34 34.60 51.39
C THR C 589 18.84 33.39 52.16
N PHE C 590 19.26 32.21 51.74
CA PHE C 590 18.76 31.00 52.39
C PHE C 590 19.76 29.87 52.17
N ARG C 591 19.36 28.66 52.55
CA ARG C 591 20.22 27.49 52.48
C ARG C 591 19.50 26.41 51.68
N THR C 592 20.18 25.85 50.70
CA THR C 592 19.54 24.94 49.76
C THR C 592 20.49 23.82 49.39
N LEU C 593 19.90 22.74 48.89
CA LEU C 593 20.66 21.66 48.27
C LEU C 593 21.01 22.06 46.85
N VAL C 594 22.27 21.88 46.48
CA VAL C 594 22.74 22.14 45.13
C VAL C 594 23.32 20.86 44.57
N LYS C 595 22.93 20.53 43.34
CA LYS C 595 23.36 19.31 42.68
C LYS C 595 24.67 19.59 41.96
N SER C 596 25.68 18.75 42.22
CA SER C 596 26.99 18.99 41.66
C SER C 596 26.96 18.91 40.13
N GLN C 597 28.07 19.33 39.52
CA GLN C 597 28.13 19.38 38.06
C GLN C 597 27.87 18.00 37.46
N ASP C 598 28.66 17.01 37.85
CA ASP C 598 28.31 15.62 37.55
C ASP C 598 27.16 15.21 38.45
N GLU C 599 26.09 14.68 37.86
CA GLU C 599 24.90 14.42 38.65
C GLU C 599 25.09 13.21 39.54
N ARG C 600 25.93 13.33 40.57
CA ARG C 600 26.15 12.23 41.50
C ARG C 600 26.11 12.62 42.96
N TYR C 601 26.26 13.89 43.31
CA TYR C 601 26.36 14.33 44.69
C TYR C 601 25.31 15.40 44.95
N ILE C 602 25.30 15.91 46.17
CA ILE C 602 24.42 17.00 46.59
C ILE C 602 25.08 17.71 47.76
N ASP C 603 25.08 19.04 47.75
CA ASP C 603 25.72 19.81 48.81
C ASP C 603 24.73 20.78 49.44
N LYS C 604 24.74 20.85 50.77
CA LYS C 604 23.97 21.84 51.50
C LYS C 604 24.78 23.12 51.51
N GLY C 605 24.41 24.07 50.65
CA GLY C 605 25.13 25.31 50.55
C GLY C 605 24.22 26.50 50.76
N ASN C 606 24.82 27.59 51.22
CA ASN C 606 24.10 28.85 51.34
C ASN C 606 24.08 29.55 50.00
N ARG C 607 22.99 30.26 49.73
CA ARG C 607 22.86 31.01 48.49
C ARG C 607 22.16 32.34 48.78
N THR C 608 22.29 33.26 47.82
CA THR C 608 21.64 34.56 47.88
C THR C 608 21.11 34.88 46.50
N TYR C 609 19.80 34.86 46.34
CA TYR C 609 19.13 35.19 45.09
C TYR C 609 18.72 36.65 45.15
N THR C 610 19.20 37.46 44.20
CA THR C 610 18.76 38.84 44.10
C THR C 610 18.20 39.06 42.71
N TRP C 611 16.95 39.47 42.63
CA TRP C 611 16.28 39.55 41.34
C TRP C 611 15.66 40.92 41.12
N THR C 612 15.40 41.20 39.85
CA THR C 612 14.88 42.48 39.40
C THR C 612 14.10 42.23 38.13
N PRO C 613 13.22 43.15 37.73
CA PRO C 613 12.55 43.00 36.44
C PRO C 613 13.28 43.75 35.33
N VAL C 614 13.20 43.17 34.13
CA VAL C 614 13.70 43.84 32.94
C VAL C 614 12.61 44.78 32.46
N ASN C 615 12.85 46.08 32.52
CA ASN C 615 11.77 47.05 32.49
C ASN C 615 11.04 47.04 31.15
N GLY C 616 11.77 47.09 30.05
CA GLY C 616 11.13 47.20 28.75
C GLY C 616 10.26 46.01 28.39
N THR C 617 10.64 44.82 28.83
CA THR C 617 10.02 43.57 28.42
C THR C 617 9.36 42.91 29.63
N ASP C 618 8.92 41.67 29.44
CA ASP C 618 8.26 40.92 30.51
C ASP C 618 9.13 39.81 31.05
N TYR C 619 10.44 39.93 30.93
CA TYR C 619 11.37 39.00 31.55
C TYR C 619 11.74 39.49 32.93
N SER C 620 12.33 38.60 33.72
CA SER C 620 12.86 38.94 35.03
C SER C 620 14.22 38.30 35.17
N LEU C 621 15.16 39.03 35.75
CA LEU C 621 16.56 38.61 35.81
C LEU C 621 16.98 38.46 37.26
N ALA C 622 17.59 37.32 37.59
CA ALA C 622 18.05 37.05 38.93
C ALA C 622 19.51 36.66 38.90
N LEU C 623 20.20 36.92 39.99
CA LEU C 623 21.61 36.58 40.13
C LEU C 623 21.76 35.79 41.42
N VAL C 624 22.44 34.65 41.32
CA VAL C 624 22.65 33.74 42.42
C VAL C 624 24.10 33.83 42.84
N LEU C 625 24.34 34.33 44.05
CA LEU C 625 25.68 34.43 44.57
C LEU C 625 25.80 33.67 45.87
N PRO C 626 26.80 32.80 46.02
CA PRO C 626 27.01 32.16 47.33
C PRO C 626 27.85 33.08 48.19
N THR C 627 27.38 33.36 49.41
CA THR C 627 28.21 34.09 50.33
C THR C 627 29.54 33.37 50.46
N TYR C 628 30.63 34.13 50.61
CA TYR C 628 32.03 33.89 50.24
C TYR C 628 32.33 34.27 48.80
N SER C 629 31.34 34.75 48.04
CA SER C 629 31.60 35.24 46.69
C SER C 629 31.25 36.71 46.54
N PHE C 630 31.13 37.44 47.65
CA PHE C 630 30.83 38.85 47.62
C PHE C 630 32.07 39.71 47.43
N TYR C 631 33.23 39.10 47.26
CA TYR C 631 34.46 39.82 46.96
C TYR C 631 35.23 39.02 45.93
N TYR C 632 35.87 39.70 45.00
CA TYR C 632 36.71 39.04 44.02
C TYR C 632 38.05 39.75 43.94
N ILE C 633 38.97 39.15 43.20
CA ILE C 633 40.34 39.62 43.09
C ILE C 633 40.50 40.31 41.75
N LYS C 634 41.06 41.52 41.78
CA LYS C 634 41.34 42.29 40.58
C LYS C 634 42.84 42.42 40.45
N ALA C 635 43.38 41.97 39.33
CA ALA C 635 44.82 42.03 39.12
C ALA C 635 45.28 43.48 39.06
N LYS C 636 46.53 43.70 39.48
CA LYS C 636 47.11 45.04 39.45
C LYS C 636 48.54 45.00 38.95
N ILE C 637 48.91 43.95 38.20
CA ILE C 637 50.26 43.85 37.68
C ILE C 637 50.48 44.92 36.63
N GLU C 638 51.27 45.94 36.98
CA GLU C 638 51.61 46.99 36.03
C GLU C 638 53.11 47.07 35.75
N GLU C 639 53.96 46.55 36.63
CA GLU C 639 55.39 46.46 36.35
C GLU C 639 55.57 45.40 35.27
N THR C 640 55.81 45.86 34.03
CA THR C 640 55.85 44.95 32.90
C THR C 640 56.90 43.86 33.06
N ILE C 641 57.93 44.10 33.88
CA ILE C 641 58.91 43.04 34.14
C ILE C 641 58.24 41.86 34.82
N THR C 642 57.41 42.11 35.84
CA THR C 642 56.70 41.01 36.49
C THR C 642 55.73 40.34 35.53
N GLN C 643 55.08 41.13 34.67
CA GLN C 643 54.18 40.55 33.68
C GLN C 643 54.92 39.59 32.77
N ALA C 644 56.06 40.02 32.24
CA ALA C 644 56.84 39.15 31.35
C ALA C 644 57.36 37.92 32.10
N ARG C 645 57.81 38.12 33.33
CA ARG C 645 58.31 36.99 34.12
C ARG C 645 57.22 35.95 34.33
N TYR C 646 56.02 36.40 34.68
CA TYR C 646 54.91 35.46 34.86
C TYR C 646 54.53 34.80 33.54
N SER C 647 54.50 35.57 32.46
CA SER C 647 54.13 35.00 31.17
C SER C 647 55.16 34.00 30.66
N GLU C 648 56.40 34.05 31.15
CA GLU C 648 57.39 33.05 30.76
C GLU C 648 56.98 31.66 31.22
N THR C 649 56.21 31.56 32.30
CA THR C 649 56.01 30.29 32.99
C THR C 649 55.10 29.33 32.24
N LEU C 650 54.16 29.83 31.46
CA LEU C 650 53.22 28.99 30.75
C LEU C 650 53.73 28.80 29.31
N LYS C 651 54.80 28.03 29.19
CA LYS C 651 55.41 27.69 27.90
C LYS C 651 55.71 26.20 27.96
N PRO C 652 55.35 25.45 26.91
CA PRO C 652 55.39 23.98 27.03
C PRO C 652 56.78 23.41 27.32
N ASP C 653 57.83 24.01 26.77
CA ASP C 653 59.13 23.35 26.80
C ASP C 653 59.71 23.30 28.21
N ASN C 654 59.27 24.19 29.08
CA ASN C 654 59.70 24.17 30.47
C ASN C 654 58.68 23.52 31.40
N PHE C 655 57.78 22.70 30.85
CA PHE C 655 56.78 22.03 31.68
C PHE C 655 57.43 21.20 32.77
N GLU C 656 58.53 20.52 32.45
CA GLU C 656 59.20 19.68 33.44
C GLU C 656 59.68 20.48 34.64
N GLU C 657 59.68 21.80 34.58
CA GLU C 657 60.03 22.63 35.72
C GLU C 657 58.83 23.26 36.40
N SER C 658 57.66 23.28 35.75
CA SER C 658 56.47 23.86 36.34
C SER C 658 55.25 22.94 36.31
N GLY C 659 55.33 21.81 35.63
CA GLY C 659 54.18 20.92 35.56
C GLY C 659 53.27 21.25 34.40
N TYR C 660 52.60 20.21 33.91
CA TYR C 660 51.65 20.37 32.82
C TYR C 660 50.67 21.48 33.13
N THR C 661 50.52 22.41 32.19
CA THR C 661 49.69 23.59 32.38
C THR C 661 48.56 23.58 31.37
N PHE C 662 47.33 23.66 31.87
CA PHE C 662 46.15 23.88 31.05
C PHE C 662 45.68 25.30 31.27
N LEU C 663 45.07 25.88 30.24
CA LEU C 663 44.57 27.24 30.26
C LEU C 663 43.14 27.24 29.76
N ALA C 664 42.22 27.80 30.54
CA ALA C 664 40.81 27.75 30.18
C ALA C 664 40.57 28.52 28.90
N PRO C 665 39.73 28.03 28.01
CA PRO C 665 39.49 28.68 26.71
C PRO C 665 38.50 29.83 26.80
N ARG C 666 38.86 30.87 27.55
CA ARG C 666 38.05 32.08 27.55
C ARG C 666 38.56 33.04 26.50
N ASP C 667 37.67 33.91 26.03
CA ASP C 667 38.01 34.85 24.97
C ASP C 667 38.72 36.05 25.58
N TYR C 668 40.04 35.96 25.65
CA TYR C 668 40.82 37.07 26.19
C TYR C 668 40.94 38.19 25.19
N CYS C 669 41.07 37.87 23.91
CA CYS C 669 41.22 38.87 22.86
C CYS C 669 40.39 38.47 21.65
N SER C 670 40.20 39.42 20.75
CA SER C 670 39.33 39.24 19.61
C SER C 670 39.89 38.23 18.61
N ASP C 671 41.21 38.16 18.48
CA ASP C 671 41.81 37.41 17.39
C ASP C 671 41.68 35.91 17.61
N LEU C 672 42.27 35.40 18.68
CA LEU C 672 42.32 33.96 18.92
C LEU C 672 40.96 33.45 19.37
N LYS C 673 40.67 32.21 19.00
CA LYS C 673 39.40 31.59 19.30
C LYS C 673 39.60 30.32 20.11
N PRO C 674 38.66 29.98 20.99
CA PRO C 674 38.76 28.73 21.75
C PRO C 674 38.95 27.53 20.83
N SER C 675 39.96 26.72 21.13
CA SER C 675 40.48 25.74 20.20
C SER C 675 40.03 24.31 20.49
N ASP C 676 39.67 23.99 21.73
CA ASP C 676 39.23 22.66 22.13
C ASP C 676 40.39 21.66 22.04
N ASN C 677 41.56 22.14 21.65
CA ASN C 677 42.80 21.38 21.72
C ASN C 677 43.74 22.24 22.54
N ASN C 678 43.76 22.02 23.86
CA ASN C 678 44.34 23.01 24.75
C ASN C 678 45.83 23.22 24.50
N THR C 679 46.51 22.31 23.81
CA THR C 679 47.87 22.61 23.41
C THR C 679 47.88 23.65 22.30
N GLU C 680 47.02 23.47 21.29
CA GLU C 680 46.79 24.51 20.30
C GLU C 680 46.50 25.85 20.97
N PHE C 681 45.59 25.84 21.95
CA PHE C 681 45.18 27.10 22.55
C PHE C 681 46.31 27.72 23.36
N LEU C 682 47.06 26.92 24.11
CA LEU C 682 48.14 27.49 24.91
C LEU C 682 49.22 28.06 23.99
N LEU C 683 49.49 27.39 22.87
CA LEU C 683 50.48 27.91 21.93
C LEU C 683 50.01 29.24 21.32
N ASN C 684 48.77 29.28 20.87
CA ASN C 684 48.23 30.52 20.31
C ASN C 684 48.23 31.63 21.35
N PHE C 685 47.91 31.29 22.60
CA PHE C 685 47.84 32.32 23.64
C PHE C 685 49.21 32.87 23.97
N ASN C 686 50.22 32.01 24.05
CA ASN C 686 51.58 32.49 24.30
C ASN C 686 52.09 33.35 23.15
N GLU C 687 51.96 32.84 21.92
CA GLU C 687 52.42 33.59 20.77
C GLU C 687 51.64 34.89 20.61
N PHE C 688 50.42 34.95 21.17
CA PHE C 688 49.65 36.19 21.13
C PHE C 688 50.15 37.17 22.18
N ILE C 689 50.33 36.73 23.41
CA ILE C 689 50.71 37.65 24.48
C ILE C 689 52.11 38.18 24.24
N ASP C 690 52.95 37.44 23.51
CA ASP C 690 54.24 38.01 23.12
C ASP C 690 54.20 38.70 21.77
N ARG C 691 53.28 38.31 20.89
CA ARG C 691 53.17 38.91 19.56
C ARG C 691 52.63 40.32 19.61
N LYS C 692 51.95 40.69 20.70
CA LYS C 692 51.50 42.05 20.91
C LYS C 692 52.03 42.53 22.25
N THR C 693 52.45 43.79 22.29
CA THR C 693 53.01 44.35 23.49
C THR C 693 52.00 44.34 24.64
N PRO C 694 52.46 44.49 25.88
CA PRO C 694 51.52 44.56 27.01
C PRO C 694 50.61 45.78 27.01
N ASN C 695 50.62 46.60 25.96
CA ASN C 695 49.73 47.75 25.90
C ASN C 695 48.27 47.31 25.96
N ASN C 696 47.94 46.17 25.35
CA ASN C 696 46.61 45.58 25.31
C ASN C 696 45.60 46.53 24.67
N PRO C 697 45.69 46.76 23.36
CA PRO C 697 44.72 47.68 22.73
C PRO C 697 43.33 47.10 22.58
N SER C 698 43.22 45.84 22.16
CA SER C 698 41.94 45.21 21.86
C SER C 698 41.70 43.96 22.69
N CYS C 699 42.33 43.87 23.86
CA CYS C 699 42.25 42.68 24.69
C CYS C 699 41.53 42.97 25.98
N ASN C 700 40.83 41.96 26.50
CA ASN C 700 40.10 42.06 27.76
C ASN C 700 41.15 42.06 28.87
N THR C 701 41.70 43.24 29.13
CA THR C 701 42.90 43.33 29.96
C THR C 701 42.70 42.77 31.35
N ASP C 702 41.48 42.76 31.87
CA ASP C 702 41.25 42.23 33.21
C ASP C 702 41.40 40.71 33.24
N LEU C 703 40.78 40.02 32.28
CA LEU C 703 40.95 38.57 32.20
C LEU C 703 42.41 38.19 32.07
N ILE C 704 43.15 38.88 31.20
CA ILE C 704 44.53 38.49 30.94
C ILE C 704 45.41 38.81 32.14
N ASN C 705 45.23 39.99 32.74
CA ASN C 705 46.02 40.31 33.93
C ASN C 705 45.77 39.30 35.03
N ARG C 706 44.52 38.89 35.21
CA ARG C 706 44.20 37.90 36.24
C ARG C 706 44.86 36.57 35.92
N VAL C 707 44.80 36.14 34.65
CA VAL C 707 45.39 34.85 34.29
C VAL C 707 46.89 34.87 34.52
N LEU C 708 47.56 35.98 34.20
CA LEU C 708 49.01 36.03 34.35
C LEU C 708 49.41 36.09 35.82
N LEU C 709 48.74 36.91 36.61
CA LEU C 709 48.99 36.92 38.05
C LEU C 709 48.78 35.55 38.65
N ASP C 710 47.74 34.86 38.20
CA ASP C 710 47.44 33.53 38.70
C ASP C 710 48.54 32.54 38.35
N ALA C 711 49.01 32.60 37.09
CA ALA C 711 50.10 31.72 36.67
C ALA C 711 51.36 31.99 37.49
N GLY C 712 51.61 33.26 37.81
CA GLY C 712 52.76 33.58 38.65
C GLY C 712 52.66 32.93 40.02
N PHE C 713 51.52 33.12 40.68
CA PHE C 713 51.32 32.52 42.00
C PHE C 713 51.47 31.00 41.94
N THR C 714 50.82 30.36 40.99
CA THR C 714 50.85 28.90 40.92
C THR C 714 52.25 28.39 40.64
N ASN C 715 52.97 29.05 39.74
CA ASN C 715 54.33 28.61 39.43
C ASN C 715 55.25 28.81 40.61
N GLU C 716 55.08 29.90 41.36
CA GLU C 716 55.88 30.07 42.56
C GLU C 716 55.63 28.94 43.55
N LEU C 717 54.36 28.56 43.72
CA LEU C 717 54.07 27.42 44.58
C LEU C 717 54.76 26.16 44.09
N VAL C 718 54.63 25.86 42.80
CA VAL C 718 55.20 24.62 42.27
C VAL C 718 56.71 24.59 42.43
N GLN C 719 57.37 25.72 42.17
CA GLN C 719 58.83 25.74 42.24
C GLN C 719 59.30 25.66 43.69
N ASN C 720 58.70 26.43 44.58
CA ASN C 720 59.25 26.52 45.92
C ASN C 720 58.84 25.35 46.80
N TYR C 721 57.73 24.67 46.51
CA TYR C 721 57.26 23.61 47.39
C TYR C 721 57.25 22.23 46.73
N TRP C 722 56.57 22.05 45.60
CA TRP C 722 56.46 20.71 45.05
C TRP C 722 57.78 20.23 44.48
N SER C 723 58.70 21.15 44.16
CA SER C 723 59.99 20.75 43.63
C SER C 723 60.91 20.18 44.70
N LYS C 724 60.68 20.52 45.96
CA LYS C 724 61.60 20.11 47.01
C LYS C 724 61.43 18.64 47.36
N GLN C 725 60.19 18.19 47.53
CA GLN C 725 59.90 16.77 47.73
C GLN C 725 59.39 16.22 46.41
N LYS C 726 60.31 15.81 45.55
CA LYS C 726 59.95 15.43 44.19
C LYS C 726 59.00 14.24 44.15
N ASN C 727 59.02 13.40 45.19
CA ASN C 727 58.12 12.26 45.24
C ASN C 727 57.79 11.92 46.68
N ILE C 728 56.50 11.68 46.95
CA ILE C 728 56.04 11.27 48.28
C ILE C 728 55.55 9.84 48.17
N LYS C 729 55.20 9.27 49.33
CA LYS C 729 54.85 7.85 49.38
C LYS C 729 53.55 7.57 48.64
N GLY C 730 52.46 8.17 49.10
CA GLY C 730 51.15 7.83 48.56
C GLY C 730 50.73 8.66 47.36
N VAL C 731 51.26 9.88 47.24
CA VAL C 731 50.79 10.79 46.22
C VAL C 731 51.10 10.24 44.84
N LYS C 732 50.25 10.57 43.88
CA LYS C 732 50.45 10.20 42.49
C LYS C 732 50.50 11.41 41.57
N ALA C 733 49.78 12.47 41.90
CA ALA C 733 49.80 13.72 41.14
C ALA C 733 49.24 14.80 42.05
N ARG C 734 49.96 15.92 42.16
CA ARG C 734 49.53 17.05 42.96
C ARG C 734 49.22 18.20 42.01
N PHE C 735 48.01 18.74 42.10
CA PHE C 735 47.53 19.70 41.12
C PHE C 735 46.98 20.94 41.81
N VAL C 736 46.89 22.01 41.02
CA VAL C 736 46.30 23.27 41.45
C VAL C 736 45.41 23.78 40.33
N VAL C 737 44.14 24.01 40.62
CA VAL C 737 43.16 24.53 39.67
C VAL C 737 42.66 25.84 40.21
N THR C 738 42.79 26.91 39.44
CA THR C 738 42.45 28.20 40.06
C THR C 738 41.60 29.06 39.13
N ASP C 739 41.35 30.28 39.59
CA ASP C 739 40.55 31.25 38.86
C ASP C 739 41.41 32.03 37.90
N GLY C 740 41.11 31.92 36.61
CA GLY C 740 42.00 32.32 35.56
C GLY C 740 42.40 31.17 34.67
N GLY C 741 41.77 30.03 34.83
CA GLY C 741 42.00 28.90 33.98
C GLY C 741 43.27 28.13 34.24
N ILE C 742 44.19 28.68 35.02
CA ILE C 742 45.45 28.00 35.26
C ILE C 742 45.19 26.67 35.97
N THR C 743 45.56 25.58 35.31
CA THR C 743 45.60 24.27 35.93
C THR C 743 47.02 23.73 35.82
N ARG C 744 47.60 23.31 36.93
CA ARG C 744 48.97 22.80 36.92
C ARG C 744 49.01 21.45 37.61
N VAL C 745 49.43 20.43 36.87
CA VAL C 745 49.61 19.07 37.37
C VAL C 745 51.10 18.77 37.36
N TYR C 746 51.66 18.36 38.51
CA TYR C 746 53.11 18.48 38.67
C TYR C 746 53.90 17.52 37.78
N PRO C 747 53.83 16.19 37.96
CA PRO C 747 54.60 15.33 37.06
C PRO C 747 53.91 15.25 35.71
N LYS C 748 54.61 15.65 34.65
CA LYS C 748 54.00 15.62 33.34
C LYS C 748 53.53 14.23 32.95
N GLU C 749 54.14 13.19 33.53
CA GLU C 749 53.63 11.84 33.33
C GLU C 749 52.22 11.69 33.88
N ALA C 750 51.81 12.57 34.79
CA ALA C 750 50.44 12.63 35.26
C ALA C 750 49.59 13.63 34.48
N GLY C 751 50.23 14.51 33.71
CA GLY C 751 49.47 15.40 32.84
C GLY C 751 48.69 14.67 31.77
N GLU C 752 49.14 13.50 31.35
CA GLU C 752 48.37 12.67 30.44
C GLU C 752 47.20 11.99 31.13
N ASN C 753 47.13 12.08 32.46
CA ASN C 753 46.07 11.47 33.25
C ASN C 753 45.20 12.51 33.92
N TRP C 754 44.85 13.56 33.20
CA TRP C 754 43.95 14.60 33.68
C TRP C 754 42.75 14.62 32.75
N GLN C 755 41.68 13.94 33.15
CA GLN C 755 40.47 13.87 32.35
C GLN C 755 39.53 15.03 32.61
N GLU C 756 39.94 16.00 33.42
CA GLU C 756 39.06 17.10 33.78
C GLU C 756 38.93 18.08 32.61
N ASN C 757 37.96 18.97 32.75
CA ASN C 757 37.80 20.03 31.79
C ASN C 757 38.80 21.14 32.09
N PRO C 758 39.34 21.81 31.05
CA PRO C 758 40.29 22.88 31.32
C PRO C 758 39.66 24.19 31.75
N GLU C 759 38.38 24.40 31.46
CA GLU C 759 37.66 25.58 31.93
C GLU C 759 37.27 25.34 33.38
N THR C 760 37.95 26.02 34.30
CA THR C 760 37.80 25.69 35.71
C THR C 760 36.39 25.92 36.23
N TYR C 761 35.55 26.66 35.51
CA TYR C 761 34.18 26.84 35.96
C TYR C 761 33.31 25.63 35.66
N GLU C 762 33.83 24.62 34.99
CA GLU C 762 33.09 23.40 34.74
C GLU C 762 33.68 22.20 35.48
N ASP C 763 34.74 22.41 36.25
CA ASP C 763 35.34 21.34 37.03
C ASP C 763 34.44 20.99 38.21
N SER C 764 33.81 19.83 38.14
CA SER C 764 32.89 19.41 39.19
C SER C 764 33.55 19.44 40.55
N PHE C 765 34.75 18.88 40.65
CA PHE C 765 35.44 18.84 41.94
C PHE C 765 35.71 20.22 42.48
N TYR C 766 35.92 21.20 41.59
CA TYR C 766 36.15 22.57 42.04
C TYR C 766 34.91 23.15 42.71
N LYS C 767 33.78 23.08 42.02
CA LYS C 767 32.55 23.61 42.60
C LYS C 767 32.17 22.86 43.86
N ARG C 768 32.49 21.56 43.94
CA ARG C 768 32.18 20.82 45.15
C ARG C 768 33.05 21.25 46.31
N SER C 769 34.36 21.32 46.10
CA SER C 769 35.28 21.62 47.18
C SER C 769 35.24 23.10 47.57
N LEU C 770 34.61 23.95 46.76
CA LEU C 770 34.37 25.31 47.23
C LEU C 770 33.28 25.34 48.29
N ASP C 771 32.24 24.53 48.11
CA ASP C 771 31.13 24.51 49.06
C ASP C 771 31.59 24.00 50.43
N ASN C 772 32.24 22.84 50.45
CA ASN C 772 32.63 22.23 51.71
C ASN C 772 33.77 22.98 52.37
N ASP C 773 33.81 22.89 53.69
CA ASP C 773 34.84 23.52 54.49
C ASP C 773 35.90 22.53 54.97
N ASN C 774 36.13 21.47 54.19
CA ASN C 774 37.07 20.43 54.56
C ASN C 774 37.48 19.70 53.29
N TYR C 775 38.13 18.55 53.43
CA TYR C 775 38.61 17.81 52.28
C TYR C 775 37.45 17.09 51.60
N VAL C 776 37.59 16.88 50.29
CA VAL C 776 36.56 16.23 49.50
C VAL C 776 37.20 15.14 48.67
N PHE C 777 36.67 13.93 48.76
CA PHE C 777 37.10 12.80 47.97
C PHE C 777 36.15 12.62 46.79
N THR C 778 36.71 12.51 45.59
CA THR C 778 35.91 12.28 44.40
C THR C 778 36.12 10.85 43.93
N ALA C 779 35.13 10.02 44.14
CA ALA C 779 35.23 8.63 43.74
C ALA C 779 35.31 8.51 42.23
N PRO C 780 36.33 7.86 41.69
CA PRO C 780 36.48 7.78 40.23
C PRO C 780 35.33 7.02 39.61
N TYR C 781 35.20 7.20 38.29
CA TYR C 781 34.18 6.46 37.57
C TYR C 781 34.52 4.99 37.55
N PHE C 782 33.51 4.17 37.20
CA PHE C 782 33.65 2.73 37.19
C PHE C 782 33.22 2.17 35.85
N ASN C 783 33.99 1.22 35.34
CA ASN C 783 33.67 0.49 34.11
C ASN C 783 33.48 1.43 32.93
N LYS C 784 34.08 2.60 32.99
CA LYS C 784 34.12 3.52 31.86
C LYS C 784 35.52 3.51 31.27
N SER C 785 35.58 3.39 29.94
CA SER C 785 36.84 3.12 29.27
C SER C 785 37.84 4.25 29.44
N GLY C 786 39.01 3.93 29.99
CA GLY C 786 40.03 4.90 30.27
C GLY C 786 40.82 4.52 31.50
N PRO C 787 41.88 5.27 31.81
CA PRO C 787 42.65 5.01 33.03
C PRO C 787 41.92 5.55 34.25
N GLY C 788 41.33 4.65 35.04
CA GLY C 788 40.41 5.12 36.05
C GLY C 788 40.47 4.51 37.45
N ALA C 789 41.26 3.46 37.66
CA ALA C 789 41.28 2.81 38.96
C ALA C 789 42.63 2.93 39.65
N TYR C 790 43.70 2.43 39.03
CA TYR C 790 44.99 2.31 39.68
C TYR C 790 46.07 3.20 39.09
N GLU C 791 46.01 3.47 37.79
CA GLU C 791 47.01 4.36 37.19
C GLU C 791 46.82 5.80 37.67
N SER C 792 45.58 6.26 37.74
CA SER C 792 45.31 7.65 38.08
C SER C 792 45.37 7.88 39.58
N GLY C 793 44.49 7.23 40.33
CA GLY C 793 44.40 7.41 41.76
C GLY C 793 43.07 8.01 42.17
N ILE C 794 42.90 8.18 43.48
CA ILE C 794 41.68 8.74 44.04
C ILE C 794 41.93 10.22 44.30
N MET C 795 41.01 11.07 43.86
CA MET C 795 41.25 12.51 43.90
C MET C 795 40.75 13.11 45.21
N VAL C 796 41.61 13.87 45.87
CA VAL C 796 41.27 14.59 47.10
C VAL C 796 41.54 16.07 46.86
N SER C 797 40.60 16.92 47.26
CA SER C 797 40.75 18.35 47.00
C SER C 797 40.34 19.17 48.21
N LYS C 798 40.96 20.33 48.35
CA LYS C 798 40.58 21.32 49.36
C LYS C 798 40.77 22.70 48.77
N ALA C 799 39.86 23.61 49.11
CA ALA C 799 39.82 24.94 48.52
C ALA C 799 40.64 25.92 49.35
N VAL C 800 41.65 26.51 48.73
CA VAL C 800 42.41 27.57 49.38
C VAL C 800 41.45 28.64 49.86
N GLU C 801 41.76 29.25 50.99
CA GLU C 801 40.85 30.17 51.64
C GLU C 801 41.66 31.18 52.44
N ILE C 802 41.61 32.44 52.05
CA ILE C 802 42.46 33.48 52.59
C ILE C 802 41.63 34.64 53.12
N TYR C 803 42.18 35.36 54.08
CA TYR C 803 41.56 36.55 54.65
C TYR C 803 42.49 37.73 54.42
N ILE C 804 42.04 38.73 53.66
CA ILE C 804 42.87 39.86 53.29
C ILE C 804 42.59 41.04 54.22
N GLN C 805 41.35 41.49 54.23
CA GLN C 805 40.91 42.61 55.07
C GLN C 805 39.72 42.18 55.91
N GLY C 806 39.82 41.02 56.53
CA GLY C 806 38.66 40.41 57.12
C GLY C 806 37.62 39.99 56.10
N LYS C 807 38.02 39.84 54.85
CA LYS C 807 37.12 39.46 53.77
C LYS C 807 37.48 38.05 53.31
N LEU C 808 36.49 37.17 53.32
CA LEU C 808 36.72 35.79 52.91
C LEU C 808 36.92 35.69 51.41
N LEU C 809 37.79 34.77 51.01
CA LEU C 809 38.08 34.54 49.60
C LEU C 809 38.43 33.08 49.42
N LYS C 810 38.11 32.55 48.24
CA LYS C 810 38.45 31.17 47.89
C LYS C 810 38.92 31.16 46.45
N PRO C 811 40.15 31.54 46.20
CA PRO C 811 40.60 31.77 44.83
C PRO C 811 41.05 30.52 44.09
N ALA C 812 41.55 29.51 44.80
CA ALA C 812 42.13 28.36 44.13
C ALA C 812 41.71 27.09 44.85
N VAL C 813 41.96 25.95 44.22
CA VAL C 813 41.70 24.66 44.81
C VAL C 813 42.93 23.80 44.59
N VAL C 814 43.47 23.24 45.67
CA VAL C 814 44.64 22.41 45.59
C VAL C 814 44.20 20.97 45.81
N GLY C 815 44.97 20.04 45.24
CA GLY C 815 44.52 18.67 45.28
C GLY C 815 45.62 17.64 45.33
N ILE C 816 45.23 16.39 45.14
CA ILE C 816 46.15 15.25 45.25
C ILE C 816 45.48 14.05 44.62
N LYS C 817 46.25 13.20 43.97
CA LYS C 817 45.79 11.89 43.55
C LYS C 817 46.50 10.87 44.44
N ILE C 818 45.72 10.16 45.24
CA ILE C 818 46.25 9.17 46.16
C ILE C 818 46.42 7.84 45.42
N ASP C 819 47.57 7.21 45.61
CA ASP C 819 47.82 5.89 45.05
C ASP C 819 46.96 4.86 45.76
N VAL C 820 46.33 3.99 44.98
CA VAL C 820 45.42 3.02 45.58
C VAL C 820 46.19 1.99 46.39
N ASN C 821 47.35 1.56 45.91
CA ASN C 821 48.07 0.48 46.57
C ASN C 821 48.55 0.89 47.96
N SER C 822 49.18 2.07 48.06
CA SER C 822 49.63 2.53 49.36
C SER C 822 48.47 2.71 50.31
N TRP C 823 47.31 3.12 49.80
CA TRP C 823 46.14 3.24 50.66
C TRP C 823 45.66 1.86 51.11
N ILE C 824 45.70 0.87 50.22
CA ILE C 824 45.32 -0.49 50.61
C ILE C 824 46.20 -0.98 51.76
N GLU C 825 47.51 -0.81 51.61
CA GLU C 825 48.41 -1.39 52.60
C GLU C 825 48.37 -0.60 53.90
N ASN C 826 48.16 0.71 53.85
CA ASN C 826 47.92 1.43 55.09
C ASN C 826 46.55 1.11 55.68
N PHE C 827 45.62 0.60 54.87
CA PHE C 827 44.31 0.23 55.35
C PHE C 827 44.37 -1.06 56.15
N THR C 828 45.10 -2.06 55.64
CA THR C 828 45.17 -3.33 56.34
C THR C 828 45.99 -3.23 57.62
N LYS C 829 47.18 -2.64 57.54
CA LYS C 829 48.02 -2.46 58.72
C LYS C 829 47.42 -1.42 59.66
N ASP C 842 38.59 -6.72 63.27
CA ASP C 842 39.82 -7.19 62.63
C ASP C 842 39.60 -7.42 61.15
N CYS C 843 40.23 -6.58 60.32
CA CYS C 843 40.08 -6.65 58.88
C CYS C 843 41.39 -7.16 58.28
N LYS C 844 41.31 -8.22 57.48
CA LYS C 844 42.43 -8.72 56.70
C LYS C 844 41.97 -8.92 55.27
N ARG C 845 42.92 -8.81 54.34
CA ARG C 845 42.59 -8.95 52.93
C ARG C 845 41.90 -10.28 52.67
N ASN C 846 40.74 -10.21 52.00
CA ASN C 846 39.95 -11.38 51.67
C ASN C 846 39.54 -12.14 52.93
N SER C 847 39.32 -11.42 54.03
CA SER C 847 38.73 -12.03 55.20
C SER C 847 37.32 -12.53 54.88
N ASP C 848 36.79 -13.38 55.75
CA ASP C 848 35.42 -13.84 55.62
C ASP C 848 34.67 -13.78 56.94
N VAL C 849 35.24 -13.12 57.94
CA VAL C 849 34.57 -12.94 59.23
C VAL C 849 33.82 -11.62 59.20
N MET C 850 34.30 -10.66 58.41
CA MET C 850 33.64 -9.37 58.31
C MET C 850 34.17 -8.61 57.10
N ASP C 851 33.43 -7.55 56.73
CA ASP C 851 33.78 -6.65 55.64
C ASP C 851 33.99 -5.26 56.19
N CYS C 852 34.97 -4.54 55.64
CA CYS C 852 35.33 -3.20 56.10
C CYS C 852 35.53 -2.31 54.87
N VAL C 853 34.58 -1.41 54.64
CA VAL C 853 34.59 -0.56 53.45
C VAL C 853 34.67 0.90 53.87
N ILE C 854 35.06 1.75 52.92
CA ILE C 854 35.08 3.19 53.08
C ILE C 854 34.30 3.80 51.92
N LEU C 855 33.22 4.51 52.23
CA LEU C 855 32.41 5.17 51.23
C LEU C 855 32.51 6.67 51.43
N ASP C 856 31.94 7.43 50.50
CA ASP C 856 31.89 8.87 50.60
C ASP C 856 30.44 9.33 50.62
N ASP C 857 30.23 10.62 50.81
CA ASP C 857 28.88 11.17 50.74
C ASP C 857 28.42 11.01 49.30
N GLY C 858 27.56 10.04 49.07
CA GLY C 858 27.18 9.70 47.71
C GLY C 858 27.11 8.19 47.58
N GLY C 859 27.66 7.49 48.56
CA GLY C 859 27.57 6.05 48.58
C GLY C 859 28.46 5.33 47.60
N PHE C 860 29.57 5.95 47.19
CA PHE C 860 30.46 5.34 46.22
C PHE C 860 31.63 4.66 46.92
N LEU C 861 32.03 3.51 46.41
CA LEU C 861 33.04 2.69 47.07
C LEU C 861 34.43 3.26 46.80
N LEU C 862 35.21 3.40 47.86
CA LEU C 862 36.57 3.92 47.73
C LEU C 862 37.63 2.90 48.10
N MET C 863 37.58 2.35 49.31
CA MET C 863 38.61 1.43 49.79
C MET C 863 37.92 0.28 50.50
N ALA C 864 38.01 -0.90 49.93
CA ALA C 864 37.32 -2.08 50.43
C ALA C 864 38.28 -3.00 51.15
N ASN C 865 37.79 -4.19 51.50
CA ASN C 865 38.58 -5.18 52.22
C ASN C 865 38.34 -6.59 51.70
N HIS C 866 38.06 -6.73 50.41
CA HIS C 866 37.78 -8.05 49.87
C HIS C 866 38.38 -8.34 48.50
N ASP C 867 39.09 -7.40 47.88
CA ASP C 867 39.87 -7.65 46.68
C ASP C 867 39.01 -8.01 45.48
N ASP C 868 37.71 -8.16 45.68
CA ASP C 868 36.75 -8.19 44.58
C ASP C 868 35.87 -6.95 44.58
N TYR C 869 35.56 -6.43 45.77
CA TYR C 869 35.08 -5.06 45.87
C TYR C 869 36.13 -4.09 45.36
N THR C 870 37.33 -4.12 45.95
CA THR C 870 38.42 -3.26 45.53
C THR C 870 38.66 -3.32 44.03
N ASN C 871 38.33 -4.45 43.39
CA ASN C 871 38.35 -4.50 41.93
C ASN C 871 37.42 -3.44 41.34
N GLN C 872 36.22 -3.30 41.89
CA GLN C 872 35.26 -2.30 41.42
C GLN C 872 35.27 -1.13 42.40
N ILE C 873 36.30 -0.30 42.29
CA ILE C 873 36.40 0.94 43.05
C ILE C 873 35.70 2.03 42.27
N GLY C 874 34.82 2.77 42.94
CA GLY C 874 34.07 3.82 42.30
C GLY C 874 32.65 3.48 41.99
N ARG C 875 32.23 2.25 42.28
CA ARG C 875 30.86 1.83 42.03
C ARG C 875 29.98 2.19 43.23
N PHE C 876 28.70 2.42 42.95
CA PHE C 876 27.77 2.71 44.02
C PHE C 876 27.65 1.50 44.94
N PHE C 877 27.63 1.76 46.25
CA PHE C 877 27.64 0.65 47.19
C PHE C 877 26.34 -0.14 47.15
N GLY C 878 25.23 0.52 46.87
CA GLY C 878 23.97 -0.18 46.77
C GLY C 878 23.92 -1.12 45.59
N GLU C 879 25.00 -1.20 44.83
CA GLU C 879 25.11 -2.14 43.73
C GLU C 879 25.94 -3.36 44.07
N ILE C 880 26.64 -3.35 45.20
CA ILE C 880 27.44 -4.49 45.64
C ILE C 880 27.12 -4.93 47.05
N ASP C 881 26.13 -4.30 47.70
CA ASP C 881 25.62 -4.76 48.98
C ASP C 881 24.26 -4.14 49.23
N PRO C 882 23.24 -4.51 48.45
CA PRO C 882 22.00 -3.73 48.46
C PRO C 882 21.27 -3.73 49.78
N SER C 883 21.35 -4.82 50.54
CA SER C 883 20.65 -4.90 51.81
C SER C 883 21.19 -3.88 52.80
N LEU C 884 22.51 -3.86 52.95
CA LEU C 884 23.12 -2.90 53.86
C LEU C 884 22.82 -1.47 53.43
N MET C 885 22.74 -1.22 52.12
CA MET C 885 22.51 0.15 51.66
C MET C 885 21.09 0.61 51.92
N ARG C 886 20.11 -0.24 51.60
CA ARG C 886 18.73 0.11 51.94
C ARG C 886 18.57 0.30 53.44
N HIS C 887 19.25 -0.52 54.24
CA HIS C 887 19.16 -0.32 55.68
C HIS C 887 19.76 1.00 56.10
N LEU C 888 20.92 1.35 55.52
CA LEU C 888 21.56 2.62 55.84
C LEU C 888 20.63 3.79 55.52
N VAL C 889 20.01 3.75 54.35
CA VAL C 889 19.04 4.81 54.02
C VAL C 889 17.92 4.80 55.03
N ASN C 890 17.56 3.63 55.55
CA ASN C 890 16.42 3.56 56.47
C ASN C 890 16.76 4.15 57.83
N ILE C 891 17.97 3.91 58.34
CA ILE C 891 18.32 4.35 59.68
C ILE C 891 18.81 5.80 59.65
N SER C 892 18.65 6.45 58.49
CA SER C 892 18.89 7.89 58.33
C SER C 892 20.36 8.26 58.53
N VAL C 893 21.24 7.58 57.82
CA VAL C 893 22.58 8.07 57.57
C VAL C 893 22.71 8.64 56.16
N TYR C 894 22.04 8.02 55.20
CA TYR C 894 22.03 8.48 53.81
C TYR C 894 20.63 8.94 53.46
N ALA C 895 20.44 10.24 53.32
CA ALA C 895 19.22 10.74 52.71
C ALA C 895 19.42 10.78 51.21
N PHE C 896 18.32 10.95 50.49
CA PHE C 896 18.40 10.97 49.04
C PHE C 896 17.34 11.88 48.47
N ASN C 897 17.65 12.45 47.30
CA ASN C 897 16.71 13.29 46.57
C ASN C 897 16.63 12.82 45.13
N LYS C 898 15.41 12.80 44.60
CA LYS C 898 15.15 12.35 43.23
C LYS C 898 14.67 13.54 42.40
N SER C 899 15.10 13.59 41.15
CA SER C 899 14.72 14.67 40.27
C SER C 899 14.66 14.15 38.86
N TYR C 900 14.27 15.01 37.93
CA TYR C 900 14.13 14.66 36.53
C TYR C 900 15.06 15.49 35.68
N ASP C 901 15.63 14.86 34.66
CA ASP C 901 16.36 15.55 33.61
C ASP C 901 15.53 15.42 32.34
N TYR C 902 15.11 16.56 31.81
CA TYR C 902 14.17 16.59 30.71
C TYR C 902 14.83 16.60 29.35
N GLN C 903 16.13 16.84 29.28
CA GLN C 903 16.86 16.78 28.02
C GLN C 903 17.91 15.70 28.15
N SER C 904 17.50 14.46 27.93
CA SER C 904 18.44 13.35 27.91
C SER C 904 18.33 12.64 26.57
N VAL C 905 19.31 11.78 26.29
CA VAL C 905 19.31 10.99 25.07
C VAL C 905 19.30 9.52 25.45
N CYS C 906 18.41 8.77 24.82
CA CYS C 906 18.21 7.36 25.15
C CYS C 906 18.14 6.54 23.88
N GLU C 907 18.34 5.22 24.04
CA GLU C 907 18.09 4.25 22.99
C GLU C 907 16.63 3.83 23.06
N PRO C 908 15.87 3.93 21.97
CA PRO C 908 14.43 3.69 22.06
C PRO C 908 14.12 2.29 22.56
N GLY C 909 12.98 2.16 23.23
CA GLY C 909 12.53 0.88 23.72
C GLY C 909 12.05 -0.02 22.60
N ALA C 910 11.12 -0.90 22.95
CA ALA C 910 10.56 -1.86 22.02
C ALA C 910 9.05 -1.84 22.17
N ALA C 911 8.38 -1.13 21.27
CA ALA C 911 6.91 -1.06 21.26
C ALA C 911 6.41 -0.44 19.97
N SER C 972 19.55 7.88 15.55
CA SER C 972 19.79 6.64 16.27
C SER C 972 19.10 6.65 17.63
N LYS C 973 19.34 7.73 18.38
CA LYS C 973 18.80 7.90 19.72
C LYS C 973 17.64 8.88 19.68
N GLN C 974 16.87 8.92 20.76
CA GLN C 974 15.81 9.88 20.93
C GLN C 974 16.06 10.71 22.18
N SER C 975 15.20 11.68 22.40
CA SER C 975 15.26 12.52 23.60
C SER C 975 14.27 12.00 24.63
N CYS C 976 14.66 12.06 25.89
CA CYS C 976 13.98 11.29 26.93
C CYS C 976 14.14 11.98 28.26
N ILE C 977 13.24 11.64 29.18
CA ILE C 977 13.28 12.07 30.57
C ILE C 977 13.96 10.98 31.39
N THR C 978 14.96 11.37 32.16
CA THR C 978 15.70 10.44 33.00
C THR C 978 15.60 10.87 34.45
N GLU C 979 15.12 9.98 35.31
CA GLU C 979 15.14 10.27 36.73
C GLU C 979 16.53 10.05 37.30
N GLN C 980 16.95 10.97 38.14
CA GLN C 980 18.28 10.98 38.74
C GLN C 980 18.14 10.95 40.26
N THR C 981 18.88 10.05 40.90
CA THR C 981 18.88 9.93 42.34
C THR C 981 20.22 10.41 42.88
N GLN C 982 20.20 11.04 44.06
CA GLN C 982 21.44 11.53 44.64
C GLN C 982 21.39 11.40 46.15
N TYR C 983 22.41 10.78 46.72
CA TYR C 983 22.47 10.48 48.15
C TYR C 983 23.44 11.42 48.84
N PHE C 984 23.23 11.62 50.13
CA PHE C 984 24.09 12.52 50.89
C PHE C 984 23.87 12.28 52.39
N PHE C 985 24.68 12.97 53.19
CA PHE C 985 24.58 12.90 54.64
C PHE C 985 23.54 13.90 55.12
N ASP C 986 22.62 13.45 55.97
CA ASP C 986 21.65 14.36 56.56
C ASP C 986 21.94 14.63 58.03
N ASN C 987 22.06 13.58 58.83
CA ASN C 987 22.33 13.74 60.25
C ASN C 987 23.82 13.97 60.49
N ASP C 988 24.13 14.91 61.36
CA ASP C 988 25.52 15.28 61.63
C ASP C 988 26.14 14.46 62.75
N SER C 989 25.45 13.43 63.24
CA SER C 989 26.03 12.55 64.24
C SER C 989 26.91 11.50 63.57
N LYS C 990 27.97 11.10 64.26
CA LYS C 990 29.04 10.33 63.64
C LYS C 990 28.79 8.83 63.66
N SER C 991 28.67 8.23 64.84
CA SER C 991 28.60 6.79 64.96
C SER C 991 27.18 6.28 64.72
N PHE C 992 27.09 5.08 64.14
CA PHE C 992 25.81 4.41 63.95
C PHE C 992 26.08 2.92 64.12
N SER C 993 25.63 2.35 65.22
CA SER C 993 25.78 0.92 65.49
C SER C 993 24.43 0.24 65.40
N GLY C 994 24.42 -1.00 64.91
CA GLY C 994 23.16 -1.71 64.86
C GLY C 994 23.31 -3.06 64.21
N VAL C 995 22.19 -3.61 63.75
CA VAL C 995 22.18 -4.93 63.14
C VAL C 995 20.98 -5.07 62.22
N LEU C 996 21.19 -5.60 61.02
CA LEU C 996 20.12 -5.80 60.06
C LEU C 996 19.69 -7.26 60.08
N ASP C 997 18.39 -7.47 60.24
CA ASP C 997 17.80 -8.81 60.31
C ASP C 997 17.22 -9.12 58.93
N CYS C 998 18.00 -9.81 58.12
CA CYS C 998 17.64 -10.01 56.72
C CYS C 998 16.81 -11.28 56.49
N GLY C 999 16.06 -11.72 57.51
CA GLY C 999 15.22 -12.89 57.39
C GLY C 999 15.87 -14.11 58.00
N ASN C 1000 15.44 -14.48 59.22
CA ASN C 1000 15.91 -15.66 59.92
C ASN C 1000 17.38 -15.56 60.30
N CYS C 1001 18.05 -14.47 59.90
CA CYS C 1001 19.43 -14.23 60.24
C CYS C 1001 19.60 -12.74 60.51
N SER C 1002 20.79 -12.35 60.99
CA SER C 1002 21.03 -10.95 61.26
C SER C 1002 22.52 -10.70 61.25
N ARG C 1003 22.95 -9.68 60.53
CA ARG C 1003 24.35 -9.26 60.48
C ARG C 1003 24.49 -7.93 61.20
N ILE C 1004 25.40 -7.87 62.13
CA ILE C 1004 25.63 -6.66 62.92
C ILE C 1004 26.64 -5.79 62.19
N PHE C 1005 26.45 -4.48 62.24
CA PHE C 1005 27.29 -3.52 61.57
C PHE C 1005 27.54 -2.31 62.47
N HIS C 1006 28.64 -1.63 62.18
CA HIS C 1006 29.00 -0.38 62.82
C HIS C 1006 29.60 0.54 61.79
N VAL C 1007 29.07 1.76 61.69
CA VAL C 1007 29.57 2.75 60.76
C VAL C 1007 29.99 3.98 61.56
N GLU C 1008 31.09 4.59 61.12
CA GLU C 1008 31.62 5.76 61.80
C GLU C 1008 32.14 6.72 60.74
N LYS C 1009 31.79 8.00 60.87
CA LYS C 1009 32.14 8.98 59.85
C LYS C 1009 33.46 9.63 60.21
N LEU C 1010 34.44 9.53 59.32
CA LEU C 1010 35.74 10.14 59.52
C LEU C 1010 35.57 11.65 59.45
N MET C 1011 35.62 12.31 60.60
CA MET C 1011 35.41 13.76 60.63
C MET C 1011 36.53 14.46 59.87
N ASN C 1012 36.25 15.71 59.50
CA ASN C 1012 37.11 16.60 58.72
C ASN C 1012 37.26 16.16 57.27
N THR C 1013 36.55 15.12 56.83
CA THR C 1013 36.42 14.78 55.43
C THR C 1013 34.98 14.35 55.19
N ASN C 1014 34.71 13.79 54.02
CA ASN C 1014 33.38 13.31 53.68
C ASN C 1014 33.38 11.79 53.52
N LEU C 1015 34.07 11.10 54.42
CA LEU C 1015 34.23 9.65 54.35
C LEU C 1015 33.51 8.97 55.49
N ILE C 1016 33.03 7.76 55.21
CA ILE C 1016 32.29 6.95 56.18
C ILE C 1016 32.85 5.54 56.14
N PHE C 1017 33.36 5.06 57.28
CA PHE C 1017 33.88 3.71 57.40
C PHE C 1017 32.79 2.79 57.91
N ILE C 1018 32.49 1.74 57.15
CA ILE C 1018 31.49 0.76 57.52
C ILE C 1018 32.19 -0.56 57.79
N MET C 1019 31.76 -1.25 58.85
CA MET C 1019 32.26 -2.58 59.16
C MET C 1019 31.07 -3.47 59.51
N VAL C 1020 30.87 -4.53 58.75
CA VAL C 1020 29.67 -5.35 58.86
C VAL C 1020 30.09 -6.81 58.90
N GLU C 1021 29.23 -7.65 59.50
CA GLU C 1021 29.39 -9.09 59.33
C GLU C 1021 29.36 -9.45 57.85
N SER C 1022 30.15 -10.46 57.47
CA SER C 1022 30.36 -10.77 56.07
C SER C 1022 29.05 -11.04 55.35
N LYS C 1023 29.06 -10.84 54.04
CA LYS C 1023 27.87 -11.10 53.24
C LYS C 1023 27.69 -12.58 52.95
N GLY C 1024 28.76 -13.37 53.05
CA GLY C 1024 28.63 -14.82 52.92
C GLY C 1024 27.84 -15.45 54.05
N THR C 1025 27.76 -14.77 55.20
CA THR C 1025 26.96 -15.29 56.31
C THR C 1025 25.49 -15.41 55.92
N CYS C 1026 24.85 -14.28 55.64
CA CYS C 1026 23.45 -14.34 55.26
C CYS C 1026 23.32 -14.46 53.75
N PRO C 1027 22.65 -15.49 53.24
CA PRO C 1027 22.41 -15.61 51.80
C PRO C 1027 21.17 -14.85 51.37
N CYS C 1028 21.13 -13.56 51.69
CA CYS C 1028 20.01 -12.70 51.37
C CYS C 1028 20.43 -11.59 50.42
N ASP C 1029 19.52 -11.23 49.52
CA ASP C 1029 19.68 -10.11 48.62
C ASP C 1029 18.30 -9.75 48.10
N THR C 1030 17.89 -8.52 48.31
CA THR C 1030 16.56 -8.12 47.82
C THR C 1030 16.62 -7.78 46.33
N ARG C 1031 17.34 -6.72 45.98
CA ARG C 1031 17.59 -6.33 44.60
C ARG C 1031 18.50 -5.11 44.63
N LEU C 1032 19.27 -4.90 43.56
CA LEU C 1032 20.24 -3.82 43.54
C LEU C 1032 19.55 -2.48 43.75
N LEU C 1033 20.28 -1.54 44.33
CA LEU C 1033 19.81 -0.18 44.56
C LEU C 1033 20.59 0.70 43.60
N ILE C 1034 20.09 0.84 42.38
CA ILE C 1034 20.85 1.53 41.34
C ILE C 1034 20.74 3.03 41.52
N GLN C 1035 21.88 3.70 41.49
CA GLN C 1035 21.97 5.15 41.40
C GLN C 1035 22.50 5.45 40.00
N ALA C 1036 21.61 5.75 39.08
CA ALA C 1036 21.99 6.08 37.72
C ALA C 1036 20.77 6.68 37.04
N GLU C 1037 21.01 7.35 35.92
CA GLU C 1037 19.92 7.99 35.21
C GLU C 1037 19.02 6.91 34.66
N GLN C 1038 17.88 6.69 35.30
CA GLN C 1038 16.94 5.66 34.90
C GLN C 1038 15.88 6.29 34.02
N THR C 1039 15.77 5.81 32.79
CA THR C 1039 14.82 6.40 31.85
C THR C 1039 13.40 6.22 32.35
N SER C 1040 12.70 7.33 32.57
CA SER C 1040 11.35 7.28 33.10
C SER C 1040 10.43 8.10 32.21
N ASP C 1041 9.19 8.28 32.62
CA ASP C 1041 8.25 9.11 31.87
C ASP C 1041 7.47 10.08 32.73
N GLY C 1042 7.41 9.89 34.04
CA GLY C 1042 6.70 10.79 34.92
C GLY C 1042 7.31 12.17 34.90
N PRO C 1043 6.68 13.13 35.59
CA PRO C 1043 5.49 12.96 36.43
C PRO C 1043 4.22 12.83 35.62
N ASP C 1044 3.16 12.29 36.22
CA ASP C 1044 1.91 12.13 35.52
C ASP C 1044 1.23 13.48 35.37
N PRO C 1045 1.03 13.99 34.15
CA PRO C 1045 0.35 15.28 34.00
C PRO C 1045 -1.13 15.21 34.30
N CYS C 1046 -1.73 14.03 34.28
CA CYS C 1046 -3.13 13.91 34.69
C CYS C 1046 -3.37 14.46 36.08
N ASP C 1047 -2.31 14.60 36.88
CA ASP C 1047 -2.42 15.11 38.24
C ASP C 1047 -1.83 16.50 38.42
N MET C 1048 -0.95 16.93 37.53
CA MET C 1048 -0.38 18.27 37.64
C MET C 1048 -1.35 19.35 37.20
N VAL C 1049 -2.28 19.04 36.29
CA VAL C 1049 -3.25 20.03 35.86
C VAL C 1049 -4.32 20.28 36.91
N LYS C 1050 -4.52 19.35 37.84
CA LYS C 1050 -5.45 19.58 38.93
C LYS C 1050 -4.98 20.67 39.88
N GLN C 1051 -3.68 20.98 39.85
CA GLN C 1051 -3.10 21.98 40.75
C GLN C 1051 -1.84 22.51 40.12
N PRO C 1052 -1.95 23.34 39.10
CA PRO C 1052 -0.79 23.70 38.28
C PRO C 1052 0.02 24.80 38.92
N ARG C 1053 1.20 25.02 38.35
CA ARG C 1053 2.10 26.03 38.85
C ARG C 1053 1.56 27.43 38.55
N TYR C 1054 2.10 28.41 39.26
CA TYR C 1054 1.68 29.78 39.04
C TYR C 1054 2.12 30.23 37.65
N ARG C 1055 1.38 31.20 37.10
CA ARG C 1055 1.55 31.64 35.73
C ARG C 1055 0.79 32.94 35.56
N LYS C 1056 1.36 33.87 34.81
CA LYS C 1056 0.68 35.13 34.48
C LYS C 1056 0.53 35.22 32.97
N GLY C 1057 -0.55 35.85 32.52
CA GLY C 1057 -0.86 35.87 31.12
C GLY C 1057 -0.71 37.22 30.48
N PRO C 1058 -0.68 37.25 29.14
CA PRO C 1058 -0.67 38.53 28.44
C PRO C 1058 -2.00 39.24 28.59
N ASP C 1059 -1.93 40.56 28.73
CA ASP C 1059 -3.13 41.35 28.99
C ASP C 1059 -3.66 42.07 27.77
N VAL C 1060 -2.90 42.12 26.67
CA VAL C 1060 -3.45 42.60 25.41
C VAL C 1060 -4.18 41.46 24.73
N CYS C 1061 -5.42 41.71 24.36
CA CYS C 1061 -6.28 40.65 23.82
C CYS C 1061 -7.20 41.30 22.80
N PHE C 1062 -7.00 40.98 21.53
CA PHE C 1062 -7.77 41.57 20.44
C PHE C 1062 -8.73 40.51 19.90
N ASP C 1063 -9.93 40.49 20.45
CA ASP C 1063 -11.04 39.77 19.86
C ASP C 1063 -12.29 40.65 19.93
N ASN C 1064 -13.29 40.28 19.15
CA ASN C 1064 -14.60 40.90 19.20
C ASN C 1064 -14.51 42.41 18.93
N ASN C 1065 -14.12 42.73 17.70
CA ASN C 1065 -14.37 44.04 17.15
C ASN C 1065 -15.67 43.99 16.36
N VAL C 1066 -16.46 45.07 16.45
CA VAL C 1066 -17.84 45.04 16.00
C VAL C 1066 -18.04 45.60 14.59
N LEU C 1067 -16.99 46.07 13.94
CA LEU C 1067 -17.06 46.42 12.53
C LEU C 1067 -16.38 45.38 11.64
N GLU C 1068 -16.51 44.11 11.99
CA GLU C 1068 -15.94 43.00 11.26
C GLU C 1068 -16.85 42.63 10.09
N ASP C 1069 -16.37 41.73 9.24
CA ASP C 1069 -17.16 41.30 8.08
C ASP C 1069 -17.87 39.98 8.32
N TYR C 1070 -17.11 38.92 8.62
CA TYR C 1070 -17.61 37.57 8.85
C TYR C 1070 -18.74 37.17 7.91
N THR C 1071 -18.58 37.49 6.62
CA THR C 1071 -19.41 36.92 5.57
C THR C 1071 -18.65 35.85 4.79
N ASP C 1072 -17.86 35.04 5.49
CA ASP C 1072 -16.98 34.06 4.87
C ASP C 1072 -17.21 32.68 5.47
N CYS C 1073 -17.14 31.67 4.61
CA CYS C 1073 -17.26 30.28 4.99
C CYS C 1073 -17.10 29.40 3.76
CA CA D . -11.45 -8.56 -17.37
P 3PE E . -19.53 -45.21 -26.26
N 3PE E . -22.96 -44.22 -29.59
O11 3PE E . -18.02 -44.69 -26.21
O12 3PE E . -19.50 -46.71 -26.40
O13 3PE E . -20.09 -44.58 -27.64
O14 3PE E . -20.29 -44.59 -25.12
C11 3PE E . -21.09 -45.27 -28.41
C12 3PE E . -22.42 -44.56 -28.25
C1 3PE E . -17.73 -43.30 -26.40
C2 3PE E . -16.63 -42.88 -25.43
C3 3PE E . -15.53 -43.94 -25.42
O31 3PE E . -15.00 -44.03 -24.09
O32 3PE E . -13.23 -45.39 -24.66
C31 3PE E . -13.66 -44.55 -23.89
C32 3PE E . -12.81 -44.04 -22.75
C33 3PE E . -11.38 -44.52 -22.95
C34 3PE E . -10.38 -43.52 -22.36
C35 3PE E . -9.27 -43.22 -23.37
C36 3PE E . -8.12 -44.22 -23.23
C37 3PE E . -6.94 -43.61 -22.49
C38 3PE E . -5.99 -42.90 -23.45
O21 3PE E . -16.08 -41.63 -25.87
O22 3PE E . -14.98 -39.94 -24.75
C21 3PE E . -15.94 -40.68 -24.78
C22 3PE E . -16.97 -40.61 -23.68
C23 3PE E . -16.48 -39.65 -22.60
C24 3PE E . -15.14 -40.08 -22.06
C25 3PE E . -14.06 -39.06 -22.37
C26 3PE E . -12.67 -39.68 -22.27
C27 3PE E . -11.82 -39.00 -21.20
C28 3PE E . -10.87 -39.98 -20.53
C29 3PE E . -9.48 -39.90 -21.15
C2A 3PE E . -8.58 -38.96 -20.37
P 3PE F . -8.81 -26.69 7.22
N 3PE F . -8.92 -28.38 11.79
O11 3PE F . -9.55 -27.24 5.90
O12 3PE F . -9.78 -25.78 7.94
O13 3PE F . -8.59 -28.01 8.11
O14 3PE F . -7.45 -26.15 6.83
C11 3PE F . -9.25 -28.16 9.36
C12 3PE F . -8.23 -28.16 10.49
C1 3PE F . -9.86 -28.62 5.75
C2 3PE F . -11.05 -28.81 4.81
C3 3PE F . -11.14 -27.63 3.84
O31 3PE F . -12.26 -26.81 4.17
O32 3PE F . -14.34 -26.03 3.58
C31 3PE F . -13.44 -26.80 3.33
C32 3PE F . -13.55 -27.73 2.14
C33 3PE F . -14.26 -27.01 1.00
C34 3PE F . -15.72 -26.77 1.33
C35 3PE F . -16.42 -26.01 0.20
C36 3PE F . -17.19 -26.96 -0.71
C37 3PE F . -17.28 -26.40 -2.12
C38 3PE F . -18.46 -27.01 -2.87
C39 3PE F . -19.64 -26.04 -2.91
C3A 3PE F . -20.00 -25.68 -4.34
C3B 3PE F . -20.40 -26.92 -5.14
O21 3PE F . -10.87 -30.00 4.06
O22 3PE F . -12.47 -31.41 4.95
C21 3PE F . -12.09 -30.80 3.97
C22 3PE F . -12.87 -30.87 2.68
C23 3PE F . -13.14 -32.33 2.34
C24 3PE F . -14.20 -32.44 1.26
C25 3PE F . -13.67 -33.24 0.07
C26 3PE F . -14.43 -32.85 -1.20
C27 3PE F . -14.32 -33.94 -2.26
C28 3PE F . -15.65 -34.67 -2.42
C29 3PE F . -15.80 -35.23 -3.82
C2A 3PE F . -17.18 -34.92 -4.37
P 3PE G . -6.52 7.36 -30.34
N 3PE G . -2.90 7.58 -32.35
O11 3PE G . -7.21 6.48 -31.50
O12 3PE G . -7.01 8.78 -30.47
O13 3PE G . -4.96 7.32 -30.74
O14 3PE G . -6.70 6.63 -29.03
C11 3PE G . -4.08 8.36 -30.33
C12 3PE G . -2.72 8.17 -30.99
C1 3PE G . -6.57 6.34 -32.76
C2 3PE G . -6.83 4.94 -33.32
C3 3PE G . -7.97 5.01 -34.31
O31 3PE G . -9.20 5.17 -33.62
O32 3PE G . -11.00 4.57 -34.93
C31 3PE G . -10.32 4.31 -33.95
C32 3PE G . -10.65 3.12 -33.08
C33 3PE G . -11.09 1.95 -33.95
C34 3PE G . -12.59 1.94 -34.13
C35 3PE G . -13.19 0.60 -33.69
C36 3PE G . -14.48 0.31 -34.44
C37 3PE G . -14.37 -0.97 -35.25
C38 3PE G . -14.86 -0.76 -36.68
C39 3PE G . -14.01 -1.54 -37.67
C3A 3PE G . -14.88 -2.21 -38.74
C3B 3PE G . -14.04 -2.76 -39.87
C3C 3PE G . -14.24 -1.94 -41.15
C3D 3PE G . -12.90 -1.64 -41.83
C3E 3PE G . -12.10 -0.61 -41.04
C3F 3PE G . -10.77 -0.30 -41.71
C3G 3PE G . -10.37 -1.42 -42.68
C3H 3PE G . -8.87 -1.43 -42.91
C3I 3PE G . -8.23 -2.62 -42.23
O21 3PE G . -5.64 4.48 -33.95
O22 3PE G . -5.28 3.71 -36.10
C21 3PE G . -5.90 3.56 -35.05
C22 3PE G . -6.89 2.43 -34.91
C23 3PE G . -7.25 1.89 -36.29
C24 3PE G . -8.33 0.82 -36.18
C25 3PE G . -7.96 -0.41 -36.99
C26 3PE G . -9.08 -0.76 -37.96
C27 3PE G . -8.92 -2.17 -38.50
C28 3PE G . -10.17 -3.00 -38.24
C29 3PE G . -9.81 -4.48 -38.08
C2A 3PE G . -11.01 -5.36 -38.40
C2B 3PE G . -10.84 -6.02 -39.77
C2C 3PE G . -11.70 -7.26 -39.87
C2D 3PE G . -13.04 -7.07 -39.16
C2E 3PE G . -13.52 -8.37 -38.54
C2F 3PE G . -15.02 -8.54 -38.75
C2G 3PE G . -15.36 -9.96 -39.19
C2H 3PE G . -16.18 -10.67 -38.13
C2I 3PE G . -16.72 -9.70 -37.10
P 3PE H . -11.58 -21.96 5.11
N 3PE H . -10.08 -23.38 8.50
O11 3PE H . -12.14 -23.36 4.56
O12 3PE H . -12.52 -21.48 6.18
O13 3PE H . -10.19 -22.37 5.79
O14 3PE H . -11.28 -21.10 3.90
C11 3PE H . -9.64 -21.59 6.86
C12 3PE H . -9.03 -22.51 7.90
C1 3PE H . -12.36 -23.55 3.17
C2 3PE H . -13.65 -22.88 2.73
C3 3PE H . -14.65 -22.88 3.88
O31 3PE H . -15.66 -23.87 3.66
O32 3PE H . -16.89 -24.33 5.55
C31 3PE H . -16.90 -23.86 4.43
C32 3PE H . -18.17 -23.29 3.83
C33 3PE H . -18.90 -24.35 3.01
C34 3PE H . -18.78 -24.07 1.52
C35 3PE H . -20.15 -23.78 0.90
C36 3PE H . -20.00 -22.96 -0.39
C37 3PE H . -20.86 -23.52 -1.50
C38 3PE H . -20.98 -22.53 -2.65
C39 3PE H . -22.15 -22.90 -3.57
C3A 3PE H . -22.30 -21.89 -4.71
C3B 3PE H . -23.69 -22.01 -5.34
C3C 3PE H . -23.61 -21.97 -6.87
C3D 3PE H . -24.82 -21.24 -7.45
C3E 3PE H . -25.30 -21.90 -8.74
C3F 3PE H . -26.12 -20.93 -9.58
C3G 3PE H . -27.46 -21.54 -9.99
C3H 3PE H . -27.62 -21.54 -11.51
C3I 3PE H . -29.08 -21.56 -11.91
O21 3PE H . -13.38 -21.55 2.31
O22 3PE H . -13.40 -20.43 0.32
C21 3PE H . -13.98 -21.21 1.04
C22 3PE H . -15.30 -21.80 0.61
C23 3PE H . -15.66 -21.25 -0.76
C24 3PE H . -15.94 -22.38 -1.75
C25 3PE H . -16.58 -21.84 -3.03
C26 3PE H . -16.35 -22.77 -4.21
C27 3PE H . -16.99 -22.21 -5.47
C28 3PE H . -16.87 -23.19 -6.62
C29 3PE H . -18.25 -23.72 -7.02
C2A 3PE H . -18.67 -23.15 -8.36
C2B 3PE H . -18.79 -24.25 -9.41
C2C 3PE H . -20.25 -24.44 -9.84
C2D 3PE H . -20.44 -24.19 -11.32
C2E 3PE H . -21.93 -24.17 -11.67
C2F 3PE H . -22.15 -24.38 -13.17
C2G 3PE H . -23.60 -24.72 -13.48
C2H 3PE H . -24.00 -24.19 -14.85
C2I 3PE H . -25.46 -23.80 -14.88
P 3PE I . -21.78 -9.10 11.27
N 3PE I . -19.12 -10.40 14.48
O11 3PE I . -22.34 -10.53 10.76
O12 3PE I . -22.24 -8.05 10.29
O13 3PE I . -20.19 -9.28 11.12
O14 3PE I . -22.11 -8.95 12.73
C11 3PE I . -19.46 -10.06 12.05
C12 3PE I . -19.54 -9.43 13.43
C1 3PE I . -22.32 -11.67 11.62
C2 3PE I . -22.70 -12.92 10.83
C3 3PE I . -24.23 -13.02 10.75
O31 3PE I . -24.73 -12.01 9.87
O32 3PE I . -24.37 -11.91 7.59
C31 3PE I . -25.07 -12.35 8.49
C32 3PE I . -26.26 -13.22 8.20
C33 3PE I . -26.32 -13.50 6.70
C34 3PE I . -27.56 -14.30 6.34
C35 3PE I . -28.49 -13.49 5.45
C36 3PE I . -28.46 -14.01 4.02
C37 3PE I . -29.67 -14.87 3.72
C38 3PE I . -30.71 -14.11 2.90
C39 3PE I . -31.14 -14.91 1.69
C3A 3PE I . -32.51 -14.44 1.19
C3B 3PE I . -32.46 -12.97 0.80
O21 3PE I . -22.15 -12.85 9.51
O22 3PE I . -20.06 -12.38 10.32
C21 3PE I . -20.71 -13.01 9.53
C22 3PE I . -20.05 -13.97 8.57
C23 3PE I . -20.55 -13.68 7.16
C24 3PE I . -22.02 -14.07 7.01
C25 3PE I . -22.21 -15.00 5.82
C26 3PE I . -22.79 -14.25 4.63
C27 3PE I . -23.81 -15.11 3.90
C28 3PE I . -24.08 -14.55 2.52
C29 3PE I . -24.89 -15.53 1.68
C2A 3PE I . -25.79 -14.80 0.69
C2B 3PE I . -26.82 -15.76 0.12
C2C 3PE I . -27.77 -15.03 -0.83
C2D 3PE I . -27.34 -15.21 -2.28
C2E 3PE I . -28.48 -15.79 -3.10
C2F 3PE I . -29.78 -15.05 -2.83
C2G 3PE I . -30.91 -15.61 -3.68
C2H 3PE I . -31.78 -14.48 -4.24
C2I 3PE I . -32.83 -14.05 -3.24
P 3PE J . -32.10 7.81 -4.28
N 3PE J . -27.65 10.07 -3.50
O11 3PE J . -32.66 6.37 -3.84
O12 3PE J . -32.09 7.85 -5.78
O13 3PE J . -30.59 7.81 -3.74
O14 3PE J . -32.86 8.86 -3.50
C11 3PE J . -29.68 8.83 -4.15
C12 3PE J . -28.68 9.09 -3.03
C1 3PE J . -34.01 5.99 -4.13
C2 3PE J . -34.33 6.35 -5.57
C3 3PE J . -33.50 5.50 -6.52
O31 3PE J . -33.14 6.26 -7.67
O32 3PE J . -33.55 6.21 -9.94
C31 3PE J . -33.11 5.63 -8.98
C32 3PE J . -32.53 4.25 -9.13
C33 3PE J . -32.13 4.04 -10.59
C34 3PE J . -33.36 4.01 -11.50
C35 3PE J . -33.81 2.58 -11.76
C36 3PE J . -32.95 1.91 -12.82
C37 3PE J . -32.93 2.72 -14.12
C38 3PE J . -31.80 2.26 -15.03
C39 3PE J . -32.01 2.73 -16.46
C3A 3PE J . -31.37 1.76 -17.45
C3B 3PE J . -31.32 2.36 -18.84
O21 3PE J . -35.72 6.12 -5.82
O22 3PE J . -35.54 3.87 -5.36
C21 3PE J . -36.00 4.72 -6.10
C22 3PE J . -36.84 4.33 -7.29
C23 3PE J . -36.34 3.02 -7.85
C24 3PE J . -37.48 2.08 -8.20
C25 3PE J . -37.52 0.89 -7.27
C26 3PE J . -37.61 -0.42 -8.06
C27 3PE J . -38.67 -0.33 -9.15
C28 3PE J . -39.86 -1.23 -8.86
C29 3PE J . -39.55 -2.69 -9.17
C2A 3PE J . -39.86 -3.01 -10.63
C2B 3PE J . -40.76 -1.94 -11.24
C2C 3PE J . -39.95 -0.72 -11.67
P 3PE K . -29.02 9.62 -9.20
N 3PE K . -28.42 12.34 -6.36
O11 3PE K . -29.54 8.42 -10.12
O12 3PE K . -27.71 9.22 -8.57
O13 3PE K . -30.12 9.68 -8.02
O14 3PE K . -29.11 10.90 -9.99
C11 3PE K . -29.83 10.37 -6.81
C12 3PE K . -29.61 11.85 -7.10
C1 3PE K . -29.45 8.53 -11.54
C2 3PE K . -30.04 7.28 -12.18
O21 3PE K . -28.99 6.51 -12.75
O22 3PE K . -28.12 6.36 -10.63
C21 3PE K . -28.19 5.86 -11.73
C22 3PE K . -27.48 4.57 -12.05
C23 3PE K . -28.50 3.49 -12.35
C24 3PE K . -27.97 2.53 -13.40
C25 3PE K . -28.68 1.17 -13.30
C26 3PE K . -27.72 0.04 -13.60
C27 3PE K . -28.45 -1.29 -13.65
C28 3PE K . -29.44 -1.33 -14.81
C29 3PE K . -30.87 -1.52 -14.29
O12 PC1 L . 7.36 -29.41 -8.49
P PC1 L . 7.85 -28.14 -9.13
O14 PC1 L . 8.52 -27.08 -8.27
O13 PC1 L . 8.84 -28.51 -10.33
C11 PC1 L . 9.92 -29.42 -10.14
C12 PC1 L . 11.24 -28.65 -10.17
N PC1 L . 11.97 -28.86 -8.91
C13 PC1 L . 12.35 -30.28 -8.81
C14 PC1 L . 13.18 -28.03 -8.90
C15 PC1 L . 11.12 -28.50 -7.78
O11 PC1 L . 6.60 -27.45 -9.88
C1 PC1 L . 6.25 -27.83 -11.21
C2 PC1 L . 5.15 -28.87 -11.19
O21 PC1 L . 5.33 -29.78 -12.27
C21 PC1 L . 5.92 -31.04 -11.84
O22 PC1 L . 6.48 -31.11 -10.76
C22 PC1 L . 5.85 -32.24 -12.75
C23 PC1 L . 5.05 -31.88 -14.00
C24 PC1 L . 5.96 -31.39 -15.11
C25 PC1 L . 5.24 -31.39 -16.45
C26 PC1 L . 3.94 -32.19 -16.37
C27 PC1 L . 3.23 -32.21 -17.71
C28 PC1 L . 3.10 -33.64 -18.25
C29 PC1 L . 2.37 -33.67 -19.58
C2A PC1 L . 0.97 -33.06 -19.44
C2B PC1 L . -0.01 -34.09 -18.91
C2C PC1 L . -1.32 -34.05 -19.70
C2D PC1 L . -1.87 -32.63 -19.79
C2E PC1 L . -3.33 -32.63 -20.23
C2F PC1 L . -3.47 -33.25 -21.63
C2G PC1 L . -4.84 -32.96 -22.22
C2H PC1 L . -5.92 -33.04 -21.15
C2I PC1 L . -7.30 -32.89 -21.76
C3 PC1 L . 3.80 -28.19 -11.35
O31 PC1 L . 3.77 -27.48 -12.58
C31 PC1 L . 2.89 -27.91 -13.65
O32 PC1 L . 3.09 -27.48 -14.79
C32 PC1 L . 1.74 -28.85 -13.39
C33 PC1 L . 1.46 -29.67 -14.64
C34 PC1 L . -0.03 -29.72 -14.94
C35 PC1 L . -0.52 -31.16 -14.96
C36 PC1 L . -1.56 -31.38 -16.05
C37 PC1 L . -2.88 -30.68 -15.70
C38 PC1 L . -4.00 -31.69 -15.59
C39 PC1 L . -4.77 -31.81 -16.89
C3A PC1 L . -6.27 -31.88 -16.64
C3B PC1 L . -6.87 -33.19 -17.16
C3C PC1 L . -8.29 -32.99 -17.64
C3D PC1 L . -9.30 -33.56 -16.65
C3E PC1 L . -10.69 -32.98 -16.88
C3F PC1 L . -11.70 -34.07 -17.23
C3G PC1 L . -13.00 -33.89 -16.46
C3H PC1 L . -13.95 -35.05 -16.74
C3I PC1 L . -14.84 -35.31 -15.53
P 3PE M . -27.27 12.76 -19.04
N 3PE M . -28.43 15.88 -18.26
O11 3PE M . -28.28 11.52 -19.03
O12 3PE M . -25.88 12.20 -19.18
O13 3PE M . -27.42 13.38 -17.55
O14 3PE M . -27.78 13.79 -20.02
C11 3PE M . -26.67 14.54 -17.19
C12 3PE M . -26.96 15.67 -18.16
C1 3PE M . -27.87 10.28 -19.59
C2 3PE M . -28.15 10.27 -21.09
C3 3PE M . -27.69 11.59 -21.70
O31 3PE M . -28.08 11.64 -23.07
O32 3PE M . -28.41 13.92 -23.29
C31 3PE M . -28.79 12.80 -23.59
C32 3PE M . -29.99 12.61 -24.49
C33 3PE M . -29.64 11.65 -25.61
C34 3PE M . -30.59 11.82 -26.80
C35 3PE M . -29.83 11.87 -28.11
C36 3PE M . -30.26 10.74 -29.04
O21 3PE M . -27.43 9.20 -21.70
O22 3PE M . -29.28 8.80 -23.02
C21 3PE M . -28.06 8.77 -22.93
C22 3PE M . -27.23 8.30 -24.10
C23 3PE M . -27.98 7.21 -24.84
C24 3PE M . -29.21 7.78 -25.53
C25 3PE M . -30.17 6.66 -25.94
C26 3PE M . -30.04 6.38 -27.44
C27 3PE M . -31.29 5.66 -27.95
C28 3PE M . -31.97 4.87 -26.85
C29 3PE M . -31.99 3.38 -27.19
C2A 3PE M . -32.95 2.63 -26.28
C2B 3PE M . -33.88 3.59 -25.54
P 3PE N . 10.78 -19.21 -22.46
N 3PE N . 13.85 -19.82 -18.87
O11 3PE N . 9.86 -20.18 -21.57
O12 3PE N . 9.87 -18.29 -23.23
O13 3PE N . 11.55 -18.35 -21.34
O14 3PE N . 11.80 -20.04 -23.20
C11 3PE N . 11.89 -18.94 -20.09
C12 3PE N . 13.23 -19.66 -20.21
C1 3PE N . 8.56 -19.75 -21.19
C2 3PE N . 7.55 -20.88 -21.37
C3 3PE N . 6.17 -20.26 -21.57
O31 3PE N . 5.31 -21.24 -22.13
O32 3PE N . 3.49 -19.86 -22.41
C31 3PE N . 4.08 -20.86 -22.79
C32 3PE N . 3.53 -21.66 -23.94
C33 3PE N . 2.28 -20.99 -24.47
C34 3PE N . 1.31 -22.03 -25.06
C35 3PE N . -0.12 -21.52 -24.99
C36 3PE N . -0.74 -21.45 -26.38
C37 3PE N . -2.26 -21.49 -26.31
C38 3PE N . -2.87 -21.65 -27.70
C39 3PE N . -4.38 -21.80 -27.63
C3A 3PE N . -5.01 -21.75 -29.01
C3B 3PE N . -5.82 -23.03 -29.28
C3C 3PE N . -6.79 -22.84 -30.45
C3D 3PE N . -7.67 -24.07 -30.62
C3E 3PE N . -9.15 -23.71 -30.45
C3F 3PE N . -9.78 -24.47 -29.29
C3G 3PE N . -10.75 -23.61 -28.50
C3H 3PE N . -11.98 -24.39 -28.07
C3I 3PE N . -11.60 -25.76 -27.53
O21 3PE N . 7.88 -21.66 -22.51
O22 3PE N . 9.13 -23.07 -21.19
C21 3PE N . 8.41 -22.97 -22.16
C22 3PE N . 8.07 -24.16 -23.01
C23 3PE N . 7.78 -23.71 -24.43
C24 3PE N . 7.26 -24.85 -25.29
C25 3PE N . 5.74 -24.88 -25.30
C26 3PE N . 5.22 -25.23 -26.69
C27 3PE N . 3.79 -25.76 -26.62
C28 3PE N . 2.79 -24.75 -27.18
C29 3PE N . 3.49 -23.59 -27.87
C2A 3PE N . 2.65 -23.04 -29.01
C2B 3PE N . 1.53 -24.01 -29.37
C2C 3PE N . 0.82 -23.55 -30.65
C2D 3PE N . 1.81 -23.34 -31.78
C2E 3PE N . 1.27 -22.39 -32.83
C2F 3PE N . 0.12 -21.56 -32.27
C2G 3PE N . -1.19 -22.35 -32.28
C2H 3PE N . -2.01 -22.05 -31.04
C2I 3PE N . -3.47 -21.84 -31.40
C13 C8U O . -20.33 -6.21 -32.23
C15 C8U O . -22.13 -7.22 -33.47
C17 C8U O . -19.96 -7.02 -34.47
C22 C8U O . -17.91 -3.42 -33.95
C01 C8U O . -18.53 -2.86 -30.86
C02 C8U O . -17.81 -4.09 -31.39
C03 C8U O . -17.97 -4.48 -32.85
C04 C8U O . -18.01 -5.97 -33.23
C05 C8U O . -17.28 -6.88 -32.23
C06 C8U O . -16.89 -6.35 -30.84
N07 C8U O . -17.10 -4.96 -30.49
C08 C8U O . -16.14 -7.27 -29.87
N09 C8U O . -17.04 -8.27 -32.57
O10 C8U O . -17.33 -9.27 -31.63
O11 C8U O . -16.61 -8.56 -33.62
C12 C8U O . -19.48 -6.41 -33.32
C14 C8U O . -21.66 -6.61 -32.31
C16 C8U O . -21.28 -7.42 -34.54
C18 C8U O . -19.02 -7.24 -35.66
F19 C8U O . -17.93 -7.95 -35.25
F20 C8U O . -18.63 -6.04 -36.15
F21 C8U O . -19.68 -7.95 -36.62
O23 C8U O . -18.81 -2.65 -34.07
O24 C8U O . -16.81 -3.34 -34.80
C25 C8U O . -16.34 -2.04 -35.01
#